data_8IVP
#
_entry.id   8IVP
#
_cell.length_a   80.707
_cell.length_b   112.243
_cell.length_c   92.098
_cell.angle_alpha   90.00
_cell.angle_beta   112.31
_cell.angle_gamma   90.00
#
_symmetry.space_group_name_H-M   'P 1 21 1'
#
loop_
_entity.id
_entity.type
_entity.pdbx_description
1 polymer 'Branched chain amino acid: 2-keto-4-methylthiobutyrate aminotransferase'
2 non-polymer D-fructose
3 water water
#
_entity_poly.entity_id   1
_entity_poly.type   'polypeptide(L)'
_entity_poly.pdbx_seq_one_letter_code
;MGIDTGTSNLVAVEPGAIREDTPAGSVIQYSDYEIDYSSPFAGGVAWIEGEYLPAEDAKISIFDTGFGKSDLTYTVAHVW
HGNIFRLGDHLDRLLDGARKLRLDPGYTKDELADITKKCVMLSQLRESFVNLTITRGYGKRPGERDLSKLTNQVYIYAIP
YIWAFPPEEQIFGTTAVVPRHVRRAGRNTVDPTI(LLP)NYQWGDLTAASFEAKDRGAGTAILMDADNCVAEGPGFNVCI
VKDGKLASPSRNALPGITRKTVFEIAGAMGIEAALRDVTSHELYDADEIMAVTTAGGVTPINTLDGVPIGDGEPGPVTVA
IRDRFWALMDEPGPLIEAIQY
;
_entity_poly.pdbx_strand_id   A,B,C,D
#
loop_
_chem_comp.id
_chem_comp.type
_chem_comp.name
_chem_comp.formula
FUD D-saccharide D-fructose 'C6 H12 O6'
#
# COMPACT_ATOMS: atom_id res chain seq x y z
N ALA A 17 -41.54 -6.65 11.73
CA ALA A 17 -41.73 -5.58 12.77
C ALA A 17 -41.32 -4.22 12.20
N ILE A 18 -42.10 -3.19 12.48
CA ILE A 18 -41.78 -1.77 12.14
C ILE A 18 -41.09 -1.08 13.34
N ARG A 19 -40.81 -1.85 14.40
CA ARG A 19 -40.31 -1.41 15.73
C ARG A 19 -39.40 -2.50 16.32
N GLU A 20 -38.44 -2.09 17.16
CA GLU A 20 -37.75 -3.00 18.08
C GLU A 20 -37.46 -2.25 19.38
N ASP A 21 -37.14 -2.99 20.45
CA ASP A 21 -36.92 -2.39 21.78
C ASP A 21 -35.76 -1.38 21.69
N THR A 22 -35.94 -0.29 22.41
CA THR A 22 -34.92 0.75 22.65
C THR A 22 -34.85 0.95 24.16
N PRO A 23 -33.69 1.36 24.70
CA PRO A 23 -33.55 1.49 26.14
C PRO A 23 -34.56 2.52 26.70
N ALA A 24 -35.30 2.13 27.73
CA ALA A 24 -36.40 2.89 28.36
C ALA A 24 -35.83 4.23 28.81
N GLY A 25 -36.51 5.33 28.48
CA GLY A 25 -36.10 6.66 28.93
C GLY A 25 -34.97 7.25 28.09
N SER A 26 -34.38 6.47 27.16
CA SER A 26 -33.24 6.95 26.32
C SER A 26 -33.73 7.90 25.23
N VAL A 27 -32.79 8.58 24.56
CA VAL A 27 -33.07 9.62 23.53
C VAL A 27 -33.59 8.95 22.25
N ILE A 28 -33.53 7.61 22.18
CA ILE A 28 -33.97 6.82 21.00
C ILE A 28 -35.34 6.16 21.29
N GLN A 29 -36.39 6.62 20.62
CA GLN A 29 -37.74 5.98 20.75
C GLN A 29 -38.43 6.00 19.39
N TYR A 30 -38.91 4.84 18.98
CA TYR A 30 -39.74 4.66 17.77
C TYR A 30 -41.10 5.35 18.00
N SER A 31 -41.81 5.60 16.92
CA SER A 31 -43.16 6.22 16.94
C SER A 31 -44.17 5.17 17.38
N ASP A 32 -45.27 5.62 17.98
CA ASP A 32 -46.43 4.79 18.38
C ASP A 32 -47.56 5.02 17.38
N TYR A 33 -47.80 4.07 16.48
CA TYR A 33 -48.78 4.23 15.37
C TYR A 33 -49.15 2.84 14.87
N GLU A 34 -50.24 2.78 14.10
CA GLU A 34 -50.76 1.57 13.43
C GLU A 34 -50.57 1.77 11.93
N ILE A 35 -50.07 0.77 11.24
CA ILE A 35 -50.06 0.68 9.75
C ILE A 35 -51.34 -0.02 9.30
N ASP A 36 -51.88 0.40 8.15
CA ASP A 36 -53.00 -0.29 7.47
C ASP A 36 -52.46 -1.29 6.45
N TYR A 37 -52.54 -2.56 6.78
CA TYR A 37 -52.00 -3.66 5.94
C TYR A 37 -52.97 -4.07 4.80
N SER A 38 -54.07 -3.37 4.58
CA SER A 38 -54.89 -3.52 3.34
C SER A 38 -54.08 -3.05 2.13
N SER A 39 -53.25 -2.01 2.32
CA SER A 39 -52.23 -1.58 1.31
C SER A 39 -51.19 -2.66 1.12
N PRO A 40 -50.91 -3.09 -0.15
CA PRO A 40 -49.85 -4.06 -0.40
C PRO A 40 -48.46 -3.42 -0.23
N PHE A 41 -48.40 -2.09 -0.15
CA PHE A 41 -47.20 -1.24 0.13
C PHE A 41 -46.85 -1.17 1.63
N ALA A 42 -47.79 -1.52 2.51
CA ALA A 42 -47.61 -1.40 3.98
C ALA A 42 -46.28 -2.01 4.38
N GLY A 43 -45.40 -1.26 5.05
CA GLY A 43 -44.16 -1.83 5.63
C GLY A 43 -43.00 -1.90 4.66
N GLY A 44 -43.15 -1.56 3.38
CA GLY A 44 -42.02 -1.68 2.44
C GLY A 44 -42.39 -1.42 0.99
N VAL A 45 -41.71 -0.46 0.37
CA VAL A 45 -41.93 -0.05 -1.04
C VAL A 45 -40.56 0.00 -1.75
N ALA A 46 -40.55 -0.43 -3.02
CA ALA A 46 -39.42 -0.19 -3.93
C ALA A 46 -39.99 0.46 -5.18
N TRP A 47 -39.20 1.33 -5.79
CA TRP A 47 -39.52 1.93 -7.08
C TRP A 47 -38.47 1.44 -8.06
N ILE A 48 -38.88 0.57 -8.98
CA ILE A 48 -37.99 -0.19 -9.92
C ILE A 48 -38.54 -0.05 -11.34
N GLU A 49 -37.69 0.36 -12.27
CA GLU A 49 -38.06 0.57 -13.68
C GLU A 49 -39.34 1.39 -13.71
N GLY A 50 -39.43 2.46 -12.92
CA GLY A 50 -40.51 3.46 -13.08
C GLY A 50 -41.82 3.04 -12.40
N GLU A 51 -41.83 1.99 -11.61
CA GLU A 51 -43.07 1.48 -10.97
C GLU A 51 -42.82 1.30 -9.48
N TYR A 52 -43.73 1.80 -8.64
CA TYR A 52 -43.82 1.53 -7.19
C TYR A 52 -44.30 0.09 -6.99
N LEU A 53 -43.58 -0.69 -6.17
CA LEU A 53 -43.86 -2.12 -5.89
C LEU A 53 -43.80 -2.39 -4.38
N PRO A 54 -44.60 -3.36 -3.86
CA PRO A 54 -44.36 -3.90 -2.53
C PRO A 54 -42.91 -4.40 -2.48
N ALA A 55 -42.22 -4.11 -1.38
CA ALA A 55 -40.78 -4.46 -1.24
C ALA A 55 -40.60 -5.96 -1.52
N GLU A 56 -41.52 -6.80 -1.08
CA GLU A 56 -41.37 -8.26 -1.21
C GLU A 56 -41.43 -8.68 -2.67
N ASP A 57 -41.89 -7.82 -3.57
CA ASP A 57 -42.00 -8.11 -5.02
C ASP A 57 -40.85 -7.43 -5.81
N ALA A 58 -39.93 -6.76 -5.13
CA ALA A 58 -38.96 -5.86 -5.77
C ALA A 58 -37.80 -6.72 -6.31
N LYS A 59 -37.72 -6.82 -7.64
CA LYS A 59 -36.68 -7.63 -8.33
C LYS A 59 -36.04 -6.77 -9.40
N ILE A 60 -34.79 -7.07 -9.70
CA ILE A 60 -34.01 -6.39 -10.76
C ILE A 60 -33.55 -7.47 -11.73
N SER A 61 -33.23 -7.05 -12.93
CA SER A 61 -32.56 -7.90 -13.94
C SER A 61 -31.25 -8.43 -13.35
N ILE A 62 -31.04 -9.73 -13.44
CA ILE A 62 -29.75 -10.36 -13.13
C ILE A 62 -28.68 -9.74 -14.02
N PHE A 63 -29.05 -9.21 -15.18
CA PHE A 63 -28.10 -8.71 -16.20
C PHE A 63 -27.76 -7.24 -15.98
N ASP A 64 -28.37 -6.58 -14.98
CA ASP A 64 -27.94 -5.22 -14.59
C ASP A 64 -26.46 -5.32 -14.18
N THR A 65 -25.60 -4.51 -14.78
CA THR A 65 -24.15 -4.59 -14.50
C THR A 65 -23.87 -3.96 -13.13
N GLY A 66 -24.89 -3.41 -12.47
CA GLY A 66 -24.85 -3.08 -11.04
C GLY A 66 -24.69 -4.36 -10.23
N PHE A 67 -25.08 -5.49 -10.79
CA PHE A 67 -24.87 -6.81 -10.14
C PHE A 67 -23.50 -7.34 -10.56
N GLY A 68 -23.31 -7.63 -11.85
CA GLY A 68 -22.15 -8.36 -12.42
C GLY A 68 -20.83 -7.63 -12.26
N LYS A 69 -20.85 -6.31 -12.10
CA LYS A 69 -19.63 -5.47 -11.97
C LYS A 69 -19.74 -4.53 -10.77
N SER A 70 -20.83 -4.65 -9.99
CA SER A 70 -21.14 -3.71 -8.89
C SER A 70 -20.86 -2.28 -9.40
N ASP A 71 -21.25 -2.02 -10.65
CA ASP A 71 -20.94 -0.72 -11.31
C ASP A 71 -22.09 0.25 -10.99
N LEU A 72 -22.01 0.95 -9.85
CA LEU A 72 -23.13 1.73 -9.27
C LEU A 72 -22.62 2.62 -8.14
N THR A 73 -23.41 3.63 -7.77
CA THR A 73 -23.29 4.30 -6.47
C THR A 73 -24.66 4.35 -5.84
N TYR A 74 -24.73 4.77 -4.59
CA TYR A 74 -26.00 4.83 -3.86
C TYR A 74 -25.85 5.79 -2.72
N THR A 75 -26.95 6.05 -2.05
CA THR A 75 -26.93 6.67 -0.72
C THR A 75 -28.07 6.10 0.10
N VAL A 76 -28.00 6.34 1.40
CA VAL A 76 -29.04 5.89 2.37
C VAL A 76 -29.38 7.13 3.18
N ALA A 77 -30.67 7.43 3.32
CA ALA A 77 -31.22 8.41 4.28
C ALA A 77 -32.04 7.67 5.32
N HIS A 78 -32.21 8.25 6.50
CA HIS A 78 -33.18 7.70 7.46
C HIS A 78 -34.40 8.61 7.57
N VAL A 79 -35.51 7.97 7.94
CA VAL A 79 -36.74 8.64 8.40
C VAL A 79 -36.91 8.31 9.88
N TRP A 80 -37.15 9.33 10.69
CA TRP A 80 -37.34 9.17 12.14
C TRP A 80 -38.49 10.06 12.59
N HIS A 81 -39.48 9.49 13.27
CA HIS A 81 -40.73 10.23 13.68
C HIS A 81 -41.37 10.90 12.46
N GLY A 82 -41.38 10.22 11.31
CA GLY A 82 -42.02 10.70 10.08
C GLY A 82 -41.18 11.75 9.38
N ASN A 83 -39.94 12.01 9.82
CA ASN A 83 -39.10 13.11 9.27
C ASN A 83 -37.90 12.53 8.53
N ILE A 84 -37.76 12.83 7.24
CA ILE A 84 -36.58 12.40 6.46
C ILE A 84 -35.45 13.40 6.67
N PHE A 85 -34.23 12.91 6.91
CA PHE A 85 -33.09 13.72 7.41
C PHE A 85 -32.10 14.03 6.27
N ARG A 86 -31.89 15.31 6.00
CA ARG A 86 -30.89 15.88 5.06
C ARG A 86 -31.00 15.21 3.69
N LEU A 87 -32.22 15.07 3.19
CA LEU A 87 -32.42 14.42 1.89
C LEU A 87 -31.66 15.18 0.79
N GLY A 88 -31.67 16.52 0.83
CA GLY A 88 -31.04 17.33 -0.23
C GLY A 88 -29.52 17.06 -0.26
N ASP A 89 -28.89 16.94 0.92
CA ASP A 89 -27.44 16.62 1.08
C ASP A 89 -27.17 15.22 0.50
N HIS A 90 -28.04 14.25 0.76
CA HIS A 90 -27.94 12.87 0.23
C HIS A 90 -28.04 12.87 -1.29
N LEU A 91 -28.99 13.62 -1.85
CA LEU A 91 -29.11 13.66 -3.32
C LEU A 91 -27.87 14.34 -3.92
N ASP A 92 -27.37 15.43 -3.30
CA ASP A 92 -26.14 16.11 -3.81
C ASP A 92 -24.99 15.09 -3.85
N ARG A 93 -24.81 14.33 -2.77
CA ARG A 93 -23.69 13.38 -2.67
C ARG A 93 -23.87 12.27 -3.73
N LEU A 94 -25.08 11.72 -3.80
CA LEU A 94 -25.45 10.65 -4.74
C LEU A 94 -25.14 11.13 -6.16
N LEU A 95 -25.59 12.31 -6.52
CA LEU A 95 -25.49 12.78 -7.93
C LEU A 95 -24.06 13.12 -8.28
N ASP A 96 -23.29 13.64 -7.32
CA ASP A 96 -21.87 14.02 -7.52
C ASP A 96 -21.06 12.74 -7.82
N GLY A 97 -21.28 11.69 -7.04
CA GLY A 97 -20.60 10.40 -7.25
C GLY A 97 -21.01 9.77 -8.58
N ALA A 98 -22.28 9.87 -8.94
CA ALA A 98 -22.81 9.30 -10.19
C ALA A 98 -22.10 9.99 -11.36
N ARG A 99 -21.94 11.32 -11.28
CA ARG A 99 -21.24 12.14 -12.30
C ARG A 99 -19.80 11.64 -12.37
N LYS A 100 -19.15 11.40 -11.25
CA LYS A 100 -17.76 10.86 -11.26
C LYS A 100 -17.73 9.48 -11.92
N LEU A 101 -18.76 8.64 -11.78
CA LEU A 101 -18.79 7.28 -12.39
C LEU A 101 -19.29 7.32 -13.85
N ARG A 102 -19.58 8.49 -14.41
CA ARG A 102 -20.16 8.68 -15.78
C ARG A 102 -21.53 7.99 -15.85
N LEU A 103 -22.28 8.05 -14.74
CA LEU A 103 -23.67 7.55 -14.64
C LEU A 103 -24.60 8.75 -14.81
N ASP A 104 -25.81 8.50 -15.31
CA ASP A 104 -26.85 9.54 -15.43
C ASP A 104 -28.15 8.92 -14.96
N PRO A 105 -28.75 9.42 -13.85
CA PRO A 105 -30.00 8.84 -13.37
C PRO A 105 -31.17 9.09 -14.35
N GLY A 106 -31.07 10.13 -15.17
CA GLY A 106 -32.15 10.53 -16.09
C GLY A 106 -33.32 11.14 -15.33
N TYR A 107 -33.12 11.56 -14.09
CA TYR A 107 -34.11 12.32 -13.29
C TYR A 107 -33.38 13.48 -12.61
N THR A 108 -34.08 14.57 -12.37
CA THR A 108 -33.54 15.74 -11.65
C THR A 108 -33.49 15.42 -10.15
N LYS A 109 -32.72 16.21 -9.42
CA LYS A 109 -32.71 16.17 -7.93
C LYS A 109 -34.14 16.22 -7.38
N ASP A 110 -34.96 17.17 -7.86
CA ASP A 110 -36.34 17.39 -7.38
C ASP A 110 -37.19 16.17 -7.68
N GLU A 111 -37.00 15.55 -8.86
CA GLU A 111 -37.83 14.37 -9.27
C GLU A 111 -37.48 13.20 -8.35
N LEU A 112 -36.19 12.98 -8.07
CA LEU A 112 -35.76 11.88 -7.17
C LEU A 112 -36.29 12.10 -5.75
N ALA A 113 -36.24 13.33 -5.24
CA ALA A 113 -36.75 13.68 -3.91
C ALA A 113 -38.24 13.31 -3.84
N ASP A 114 -39.04 13.68 -4.84
CA ASP A 114 -40.50 13.38 -4.81
C ASP A 114 -40.71 11.87 -4.80
N ILE A 115 -39.98 11.11 -5.62
CA ILE A 115 -40.12 9.64 -5.76
C ILE A 115 -39.71 9.04 -4.41
N THR A 116 -38.63 9.55 -3.82
CA THR A 116 -38.14 9.05 -2.52
C THR A 116 -39.24 9.27 -1.47
N LYS A 117 -39.74 10.49 -1.35
CA LYS A 117 -40.74 10.80 -0.29
C LYS A 117 -42.02 10.00 -0.53
N LYS A 118 -42.37 9.76 -1.79
CA LYS A 118 -43.56 8.94 -2.11
C LYS A 118 -43.36 7.47 -1.67
N CYS A 119 -42.17 6.90 -1.83
CA CYS A 119 -41.86 5.53 -1.33
C CYS A 119 -42.12 5.48 0.17
N VAL A 120 -41.67 6.50 0.92
CA VAL A 120 -41.81 6.49 2.40
C VAL A 120 -43.30 6.59 2.71
N MET A 121 -43.98 7.58 2.10
CA MET A 121 -45.42 7.83 2.34
C MET A 121 -46.21 6.54 2.08
N LEU A 122 -45.92 5.83 0.99
CA LEU A 122 -46.67 4.59 0.64
C LEU A 122 -46.33 3.48 1.64
N SER A 123 -45.08 3.40 2.15
CA SER A 123 -44.66 2.35 3.12
C SER A 123 -45.45 2.51 4.42
N GLN A 124 -45.87 3.75 4.73
CA GLN A 124 -46.50 4.21 6.00
C GLN A 124 -45.48 4.16 7.16
N LEU A 125 -44.20 3.89 6.89
CA LEU A 125 -43.19 3.82 7.97
C LEU A 125 -42.84 5.22 8.47
N ARG A 126 -42.88 5.41 9.80
CA ARG A 126 -42.41 6.67 10.44
C ARG A 126 -40.91 6.59 10.78
N GLU A 127 -40.38 5.36 10.88
CA GLU A 127 -38.94 5.06 11.05
C GLU A 127 -38.56 4.16 9.87
N SER A 128 -37.67 4.61 9.02
CA SER A 128 -37.35 3.92 7.75
C SER A 128 -35.88 4.10 7.37
N PHE A 129 -35.34 3.05 6.75
CA PHE A 129 -34.10 3.00 5.96
C PHE A 129 -34.51 3.21 4.51
N VAL A 130 -33.97 4.24 3.88
CA VAL A 130 -34.34 4.68 2.50
C VAL A 130 -33.05 4.57 1.66
N ASN A 131 -33.07 3.82 0.58
CA ASN A 131 -31.88 3.64 -0.27
C ASN A 131 -32.21 4.28 -1.63
N LEU A 132 -31.30 5.04 -2.19
CA LEU A 132 -31.37 5.38 -3.64
C LEU A 132 -30.14 4.79 -4.31
N THR A 133 -30.32 3.97 -5.35
CA THR A 133 -29.20 3.33 -6.07
C THR A 133 -29.28 3.72 -7.55
N ILE A 134 -28.15 4.10 -8.12
CA ILE A 134 -27.99 4.37 -9.58
C ILE A 134 -26.95 3.36 -10.11
N THR A 135 -27.35 2.52 -11.05
CA THR A 135 -26.52 1.44 -11.64
C THR A 135 -26.21 1.79 -13.09
N ARG A 136 -25.17 1.15 -13.63
CA ARG A 136 -24.78 1.27 -15.05
C ARG A 136 -25.88 0.64 -15.91
N GLY A 137 -26.55 -0.37 -15.36
CA GLY A 137 -27.75 -0.97 -15.96
C GLY A 137 -27.43 -2.03 -16.99
N TYR A 138 -28.35 -2.24 -17.94
CA TYR A 138 -28.33 -3.36 -18.91
C TYR A 138 -28.63 -2.79 -20.31
N GLY A 139 -28.19 -3.48 -21.35
CA GLY A 139 -28.48 -3.16 -22.77
C GLY A 139 -29.69 -3.95 -23.24
N LYS A 140 -29.91 -4.04 -24.56
CA LYS A 140 -31.10 -4.74 -25.12
C LYS A 140 -30.89 -6.24 -24.97
N ARG A 141 -29.64 -6.69 -24.95
CA ARG A 141 -29.25 -8.13 -24.83
C ARG A 141 -28.50 -8.36 -23.53
N PRO A 142 -28.70 -9.51 -22.86
CA PRO A 142 -27.90 -9.84 -21.68
C PRO A 142 -26.46 -9.91 -22.19
N GLY A 143 -25.49 -9.49 -21.40
CA GLY A 143 -24.10 -9.65 -21.89
C GLY A 143 -23.65 -8.58 -22.86
N GLU A 144 -24.46 -7.56 -23.10
CA GLU A 144 -23.94 -6.25 -23.61
C GLU A 144 -22.73 -5.85 -22.75
N ARG A 145 -21.59 -5.53 -23.39
CA ARG A 145 -20.35 -5.09 -22.70
C ARG A 145 -20.11 -3.59 -22.97
N ASP A 146 -20.54 -3.09 -24.13
CA ASP A 146 -20.35 -1.67 -24.56
C ASP A 146 -21.15 -0.74 -23.65
N LEU A 147 -20.45 0.08 -22.85
CA LEU A 147 -21.08 0.96 -21.84
C LEU A 147 -22.05 1.95 -22.50
N SER A 148 -21.75 2.50 -23.67
CA SER A 148 -22.64 3.45 -24.40
C SER A 148 -24.00 2.80 -24.72
N LYS A 149 -24.08 1.46 -24.69
CA LYS A 149 -25.33 0.71 -25.00
C LYS A 149 -26.07 0.31 -23.72
N LEU A 150 -25.55 0.63 -22.54
CA LEU A 150 -26.20 0.23 -21.26
C LEU A 150 -27.10 1.39 -20.82
N THR A 151 -28.37 1.12 -20.49
CA THR A 151 -29.32 2.11 -19.96
C THR A 151 -29.17 2.10 -18.44
N ASN A 152 -28.68 3.21 -17.89
CA ASN A 152 -28.50 3.36 -16.42
C ASN A 152 -29.86 3.23 -15.75
N GLN A 153 -29.90 2.63 -14.56
CA GLN A 153 -31.17 2.41 -13.84
C GLN A 153 -31.11 3.16 -12.49
N VAL A 154 -32.25 3.68 -12.07
CA VAL A 154 -32.45 4.14 -10.68
C VAL A 154 -33.37 3.13 -9.99
N TYR A 155 -33.00 2.70 -8.80
CA TYR A 155 -33.81 1.88 -7.87
C TYR A 155 -33.87 2.62 -6.53
N ILE A 156 -35.07 2.79 -6.00
CA ILE A 156 -35.26 3.43 -4.68
C ILE A 156 -36.10 2.53 -3.80
N TYR A 157 -35.78 2.43 -2.53
CA TYR A 157 -36.67 1.68 -1.62
C TYR A 157 -36.68 2.29 -0.23
N ALA A 158 -37.79 2.08 0.48
CA ALA A 158 -37.98 2.47 1.88
C ALA A 158 -38.50 1.25 2.62
N ILE A 159 -37.74 0.82 3.63
CA ILE A 159 -38.06 -0.42 4.39
C ILE A 159 -37.89 -0.10 5.87
N PRO A 160 -38.22 -1.02 6.82
CA PRO A 160 -38.11 -0.70 8.22
C PRO A 160 -36.67 -0.29 8.58
N TYR A 161 -36.54 0.48 9.66
CA TYR A 161 -35.25 1.03 10.14
C TYR A 161 -34.24 -0.10 10.30
N ILE A 162 -33.02 0.17 9.86
CA ILE A 162 -31.85 -0.73 9.99
C ILE A 162 -30.81 -0.09 10.91
N TRP A 163 -30.30 -0.88 11.85
CA TRP A 163 -29.34 -0.49 12.90
C TRP A 163 -27.97 -1.08 12.55
N ALA A 164 -26.98 -0.25 12.24
CA ALA A 164 -25.57 -0.73 12.10
C ALA A 164 -25.13 -1.28 13.48
N PHE A 165 -25.64 -0.69 14.56
CA PHE A 165 -25.46 -1.15 15.95
C PHE A 165 -26.80 -1.11 16.66
N PRO A 166 -27.16 -2.14 17.46
CA PRO A 166 -28.46 -2.22 18.12
C PRO A 166 -28.67 -0.99 18.98
N PRO A 167 -29.93 -0.59 19.22
CA PRO A 167 -30.21 0.53 20.11
C PRO A 167 -29.51 0.45 21.46
N GLU A 168 -29.41 -0.77 22.03
CA GLU A 168 -28.74 -0.97 23.32
C GLU A 168 -27.30 -0.47 23.23
N GLU A 169 -26.60 -0.71 22.12
CA GLU A 169 -25.19 -0.29 21.94
C GLU A 169 -25.10 1.20 21.59
N GLN A 170 -26.13 1.78 20.97
CA GLN A 170 -26.16 3.25 20.79
C GLN A 170 -26.06 3.94 22.14
N ILE A 171 -26.72 3.42 23.17
CA ILE A 171 -26.79 4.07 24.51
C ILE A 171 -25.61 3.63 25.39
N PHE A 172 -25.27 2.34 25.38
CA PHE A 172 -24.25 1.74 26.28
C PHE A 172 -22.88 1.58 25.62
N GLY A 173 -22.81 1.73 24.31
CA GLY A 173 -21.55 1.58 23.56
C GLY A 173 -21.33 0.17 23.02
N THR A 174 -20.39 0.05 22.07
CA THR A 174 -19.98 -1.21 21.42
C THR A 174 -18.48 -1.38 21.65
N THR A 175 -17.90 -2.47 21.16
CA THR A 175 -16.44 -2.74 21.23
C THR A 175 -15.91 -2.88 19.80
N ALA A 176 -14.65 -2.51 19.59
CA ALA A 176 -14.02 -2.52 18.25
C ALA A 176 -12.68 -3.24 18.32
N VAL A 177 -12.28 -3.80 17.17
CA VAL A 177 -10.91 -4.28 16.92
C VAL A 177 -10.41 -3.68 15.61
N VAL A 178 -9.10 -3.48 15.53
CA VAL A 178 -8.42 -3.25 14.23
C VAL A 178 -8.10 -4.61 13.65
N PRO A 179 -8.59 -4.94 12.42
CA PRO A 179 -8.26 -6.22 11.82
C PRO A 179 -6.75 -6.50 11.76
N ARG A 180 -6.35 -7.72 12.10
CA ARG A 180 -4.99 -8.24 11.89
C ARG A 180 -4.77 -8.58 10.41
N HIS A 181 -5.85 -8.83 9.66
CA HIS A 181 -5.72 -9.49 8.33
C HIS A 181 -6.27 -8.63 7.18
N VAL A 182 -6.93 -7.52 7.51
CA VAL A 182 -7.63 -6.73 6.44
C VAL A 182 -7.29 -5.25 6.53
N ARG A 183 -7.31 -4.58 5.38
CA ARG A 183 -7.12 -3.10 5.34
C ARG A 183 -8.25 -2.57 4.44
N ARG A 184 -8.63 -1.30 4.63
CA ARG A 184 -9.64 -0.71 3.72
C ARG A 184 -9.05 -0.48 2.33
N ALA A 185 -9.80 -0.82 1.28
CA ALA A 185 -9.39 -0.51 -0.11
C ALA A 185 -9.08 1.00 -0.23
N GLY A 186 -7.97 1.33 -0.86
CA GLY A 186 -7.54 2.72 -1.10
C GLY A 186 -8.37 3.41 -2.15
N ARG A 187 -8.41 4.73 -2.11
CA ARG A 187 -9.10 5.62 -3.06
C ARG A 187 -8.69 5.35 -4.52
N ASN A 188 -7.54 4.74 -4.75
CA ASN A 188 -6.95 4.42 -6.08
C ASN A 188 -7.27 2.97 -6.46
N THR A 189 -8.09 2.27 -5.68
CA THR A 189 -8.51 0.89 -6.00
C THR A 189 -10.05 0.93 -6.15
N VAL A 190 -10.77 0.38 -5.19
CA VAL A 190 -12.25 0.51 -5.05
C VAL A 190 -12.45 1.70 -4.13
N ASP A 191 -12.73 2.86 -4.72
CA ASP A 191 -12.61 4.17 -4.04
C ASP A 191 -13.68 4.30 -2.96
N PRO A 192 -13.34 4.37 -1.67
CA PRO A 192 -14.32 4.50 -0.60
C PRO A 192 -14.99 5.88 -0.55
N THR A 193 -14.47 6.86 -1.30
CA THR A 193 -15.03 8.24 -1.29
C THR A 193 -16.32 8.32 -2.14
N ILE A 194 -16.64 7.31 -2.93
CA ILE A 194 -17.93 7.16 -3.67
C ILE A 194 -18.66 5.98 -3.03
N1 LLP A 195 -18.78 4.57 5.46
C2 LLP A 195 -19.44 3.59 4.83
C2' LLP A 195 -18.64 2.48 4.17
C3 LLP A 195 -20.86 3.56 4.84
O3 LLP A 195 -21.46 2.55 4.21
C4 LLP A 195 -21.62 4.56 5.49
C4' LLP A 195 -23.15 4.59 5.25
C5 LLP A 195 -20.88 5.55 6.15
C6 LLP A 195 -19.49 5.52 6.10
C5' LLP A 195 -21.52 6.67 6.90
OP4 LLP A 195 -22.05 7.66 5.95
P LLP A 195 -23.40 8.47 6.30
OP1 LLP A 195 -23.26 9.20 7.66
OP2 LLP A 195 -24.48 7.44 6.33
OP3 LLP A 195 -23.49 9.44 5.11
N LLP A 195 -19.84 6.20 -2.40
CA LLP A 195 -20.57 5.12 -1.70
CB LLP A 195 -21.88 5.56 -0.98
CG LLP A 195 -22.35 4.76 0.27
CD LLP A 195 -23.61 5.10 1.16
CE LLP A 195 -23.71 4.32 2.68
NZ LLP A 195 -23.72 5.07 3.98
C LLP A 195 -20.77 3.97 -2.70
O LLP A 195 -21.20 4.19 -3.85
N ASN A 196 -20.42 2.74 -2.27
CA ASN A 196 -20.48 1.61 -3.17
C ASN A 196 -20.89 0.30 -2.43
N TYR A 197 -21.35 -0.69 -3.20
CA TYR A 197 -21.79 -2.01 -2.65
C TYR A 197 -20.60 -2.97 -2.56
N GLN A 198 -19.38 -2.52 -2.78
CA GLN A 198 -18.23 -3.45 -2.92
C GLN A 198 -17.65 -3.62 -1.53
N TRP A 199 -18.27 -4.50 -0.74
CA TRP A 199 -17.94 -4.62 0.70
C TRP A 199 -16.93 -5.73 0.98
N GLY A 200 -16.18 -6.21 0.00
CA GLY A 200 -15.28 -7.35 0.21
C GLY A 200 -14.41 -7.18 1.47
N ASP A 201 -13.75 -6.02 1.60
CA ASP A 201 -12.87 -5.73 2.74
C ASP A 201 -13.73 -5.54 3.99
N LEU A 202 -14.84 -4.81 3.87
CA LEU A 202 -15.71 -4.46 5.06
C LEU A 202 -16.32 -5.77 5.63
N THR A 203 -16.79 -6.68 4.76
CA THR A 203 -17.34 -8.01 5.15
C THR A 203 -16.24 -8.83 5.84
N ALA A 204 -15.05 -8.88 5.28
CA ALA A 204 -13.91 -9.64 5.84
C ALA A 204 -13.59 -9.09 7.22
N ALA A 205 -13.57 -7.74 7.36
CA ALA A 205 -13.28 -7.09 8.65
C ALA A 205 -14.36 -7.43 9.67
N SER A 206 -15.63 -7.40 9.28
CA SER A 206 -16.76 -7.71 10.20
C SER A 206 -16.63 -9.15 10.71
N PHE A 207 -16.36 -10.09 9.82
CA PHE A 207 -16.18 -11.53 10.20
C PHE A 207 -15.03 -11.64 11.19
N GLU A 208 -13.91 -10.94 10.97
CA GLU A 208 -12.77 -10.98 11.92
C GLU A 208 -13.20 -10.42 13.28
N ALA A 209 -13.92 -9.29 13.30
CA ALA A 209 -14.43 -8.68 14.55
C ALA A 209 -15.33 -9.69 15.27
N LYS A 210 -16.28 -10.29 14.56
CA LYS A 210 -17.16 -11.36 15.10
C LYS A 210 -16.32 -12.54 15.64
N ASP A 211 -15.35 -13.02 14.87
CA ASP A 211 -14.44 -14.13 15.28
C ASP A 211 -13.75 -13.75 16.59
N ARG A 212 -13.37 -12.47 16.77
CA ARG A 212 -12.64 -12.03 17.97
C ARG A 212 -13.59 -11.66 19.10
N GLY A 213 -14.91 -11.79 18.94
CA GLY A 213 -15.93 -11.42 19.96
C GLY A 213 -16.10 -9.92 20.16
N ALA A 214 -15.73 -9.08 19.18
CA ALA A 214 -15.96 -7.62 19.21
C ALA A 214 -17.24 -7.20 18.47
N GLY A 215 -17.73 -6.02 18.80
CA GLY A 215 -18.92 -5.41 18.17
C GLY A 215 -18.65 -5.02 16.74
N THR A 216 -17.41 -4.60 16.42
CA THR A 216 -17.14 -4.10 15.04
C THR A 216 -15.63 -3.98 14.78
N ALA A 217 -15.28 -3.63 13.55
CA ALA A 217 -13.90 -3.36 13.14
C ALA A 217 -13.73 -1.87 12.77
N ILE A 218 -12.54 -1.39 13.00
CA ILE A 218 -12.04 -0.10 12.48
C ILE A 218 -10.89 -0.44 11.56
N LEU A 219 -11.05 -0.18 10.25
CA LEU A 219 -10.00 -0.51 9.27
C LEU A 219 -9.02 0.66 9.10
N MET A 220 -7.76 0.29 8.89
CA MET A 220 -6.66 1.20 8.55
C MET A 220 -6.53 1.23 7.04
N ASP A 221 -5.90 2.31 6.55
CA ASP A 221 -5.46 2.39 5.13
C ASP A 221 -4.00 1.89 5.03
N ALA A 222 -3.42 2.00 3.84
CA ALA A 222 -2.12 1.43 3.47
C ALA A 222 -1.00 2.08 4.32
N ASP A 223 -1.22 3.31 4.84
CA ASP A 223 -0.20 4.08 5.61
C ASP A 223 -0.49 4.06 7.11
N ASN A 224 -1.29 3.11 7.60
CA ASN A 224 -1.69 2.98 9.03
C ASN A 224 -2.36 4.28 9.51
N CYS A 225 -3.13 4.93 8.63
CA CYS A 225 -4.11 5.98 9.04
C CYS A 225 -5.48 5.33 9.14
N VAL A 226 -6.31 5.84 10.01
CA VAL A 226 -7.70 5.31 10.11
C VAL A 226 -8.40 5.57 8.79
N ALA A 227 -9.13 4.55 8.30
CA ALA A 227 -10.03 4.70 7.13
C ALA A 227 -11.46 4.92 7.63
N GLU A 228 -12.18 3.83 7.87
CA GLU A 228 -13.57 3.84 8.35
C GLU A 228 -13.91 2.41 8.77
N GLY A 229 -15.16 2.20 9.11
CA GLY A 229 -15.69 0.90 9.50
C GLY A 229 -16.71 0.40 8.50
N PRO A 230 -17.16 -0.84 8.72
CA PRO A 230 -18.15 -1.46 7.83
C PRO A 230 -19.49 -0.74 8.01
N GLY A 231 -19.74 0.31 7.23
CA GLY A 231 -21.01 1.06 7.23
C GLY A 231 -20.97 2.29 8.13
N PHE A 232 -19.80 2.81 8.49
CA PHE A 232 -19.74 4.02 9.35
C PHE A 232 -18.39 4.72 9.22
N ASN A 233 -18.43 6.04 9.47
CA ASN A 233 -17.20 6.82 9.66
C ASN A 233 -16.76 6.71 11.13
N VAL A 234 -15.50 6.96 11.40
CA VAL A 234 -14.92 6.99 12.76
C VAL A 234 -14.62 8.43 13.11
N CYS A 235 -14.93 8.84 14.32
CA CYS A 235 -14.48 10.15 14.85
C CYS A 235 -13.79 9.86 16.17
N ILE A 236 -12.68 10.51 16.42
CA ILE A 236 -12.01 10.42 17.74
C ILE A 236 -12.08 11.79 18.42
N VAL A 237 -11.93 11.78 19.73
CA VAL A 237 -11.77 12.97 20.60
C VAL A 237 -10.43 12.81 21.35
N LYS A 238 -9.59 13.82 21.28
CA LYS A 238 -8.33 13.86 22.04
C LYS A 238 -8.15 15.28 22.57
N ASP A 239 -8.03 15.40 23.88
CA ASP A 239 -7.77 16.70 24.54
C ASP A 239 -8.85 17.70 24.12
N GLY A 240 -10.10 17.26 24.09
CA GLY A 240 -11.27 18.11 23.84
C GLY A 240 -11.40 18.53 22.39
N LYS A 241 -10.67 17.92 21.45
CA LYS A 241 -10.84 18.25 20.00
C LYS A 241 -11.29 16.99 19.24
N LEU A 242 -12.15 17.15 18.24
CA LEU A 242 -12.67 16.01 17.44
C LEU A 242 -11.89 15.91 16.14
N ALA A 243 -11.62 14.69 15.69
CA ALA A 243 -10.99 14.53 14.35
C ALA A 243 -11.63 13.34 13.67
N SER A 244 -11.67 13.39 12.33
CA SER A 244 -12.19 12.27 11.52
C SER A 244 -11.39 12.15 10.23
N PRO A 245 -11.10 10.91 9.78
CA PRO A 245 -10.33 10.73 8.55
C PRO A 245 -10.86 11.53 7.35
N SER A 246 -9.92 12.13 6.64
CA SER A 246 -10.15 12.89 5.38
C SER A 246 -9.96 12.03 4.13
N ARG A 247 -9.08 11.05 4.13
CA ARG A 247 -8.67 10.43 2.84
C ARG A 247 -9.58 9.22 2.52
N ASN A 248 -9.36 8.08 3.15
CA ASN A 248 -9.94 6.79 2.69
C ASN A 248 -11.23 6.51 3.45
N ALA A 249 -12.24 7.32 3.22
CA ALA A 249 -13.49 7.27 3.99
C ALA A 249 -14.60 7.89 3.15
N LEU A 250 -15.82 7.40 3.30
CA LEU A 250 -16.97 8.10 2.69
C LEU A 250 -17.10 9.48 3.32
N PRO A 251 -17.39 10.55 2.56
CA PRO A 251 -17.78 11.82 3.20
C PRO A 251 -19.20 11.73 3.79
N GLY A 252 -19.29 11.23 5.03
CA GLY A 252 -20.59 10.95 5.67
C GLY A 252 -21.41 12.18 6.00
N ILE A 253 -22.72 12.07 5.84
CA ILE A 253 -23.70 13.12 6.21
C ILE A 253 -23.88 13.08 7.73
N THR A 254 -23.76 11.91 8.37
CA THR A 254 -23.79 11.88 9.86
C THR A 254 -22.56 12.62 10.38
N ARG A 255 -21.36 12.33 9.83
CA ARG A 255 -20.10 13.03 10.15
C ARG A 255 -20.28 14.55 9.93
N LYS A 256 -20.86 14.95 8.81
CA LYS A 256 -21.17 16.38 8.54
C LYS A 256 -22.00 16.99 9.69
N THR A 257 -23.03 16.26 10.12
CA THR A 257 -23.97 16.69 11.19
C THR A 257 -23.18 16.79 12.51
N VAL A 258 -22.43 15.74 12.84
CA VAL A 258 -21.52 15.71 14.01
C VAL A 258 -20.58 16.92 14.04
N PHE A 259 -19.93 17.29 12.93
CA PHE A 259 -19.05 18.49 12.88
C PHE A 259 -19.86 19.77 13.15
N GLU A 260 -21.08 19.87 12.62
CA GLU A 260 -21.95 21.05 12.87
C GLU A 260 -22.28 21.10 14.37
N ILE A 261 -22.62 19.96 14.96
CA ILE A 261 -23.01 19.90 16.40
C ILE A 261 -21.81 20.35 17.24
N ALA A 262 -20.63 19.79 16.96
CA ALA A 262 -19.36 20.14 17.60
C ALA A 262 -19.12 21.66 17.54
N GLY A 263 -19.21 22.27 16.34
CA GLY A 263 -19.09 23.73 16.15
C GLY A 263 -20.00 24.49 17.09
N ALA A 264 -21.28 24.13 17.14
CA ALA A 264 -22.31 24.80 17.97
C ALA A 264 -21.95 24.63 19.45
N MET A 265 -21.25 23.56 19.81
CA MET A 265 -20.79 23.33 21.21
C MET A 265 -19.44 24.01 21.51
N GLY A 266 -18.78 24.62 20.54
CA GLY A 266 -17.47 25.23 20.77
C GLY A 266 -16.33 24.22 20.76
N ILE A 267 -16.53 23.04 20.15
CA ILE A 267 -15.55 21.93 20.13
C ILE A 267 -14.93 21.96 18.74
N GLU A 268 -13.62 22.09 18.67
CA GLU A 268 -12.86 22.08 17.40
C GLU A 268 -13.00 20.69 16.77
N ALA A 269 -13.20 20.66 15.47
CA ALA A 269 -13.44 19.45 14.69
C ALA A 269 -12.64 19.57 13.39
N ALA A 270 -11.75 18.62 13.12
CA ALA A 270 -10.86 18.61 11.94
C ALA A 270 -11.10 17.33 11.13
N LEU A 271 -11.26 17.49 9.82
CA LEU A 271 -11.12 16.39 8.84
C LEU A 271 -9.64 16.34 8.49
N ARG A 272 -8.99 15.25 8.88
CA ARG A 272 -7.53 15.14 8.75
C ARG A 272 -7.14 13.67 8.87
N ASP A 273 -5.89 13.36 8.54
CA ASP A 273 -5.30 12.04 8.82
C ASP A 273 -5.30 11.85 10.34
N VAL A 274 -5.85 10.73 10.77
CA VAL A 274 -5.73 10.21 12.15
C VAL A 274 -4.85 8.95 12.08
N THR A 275 -3.63 9.01 12.62
CA THR A 275 -2.69 7.88 12.59
C THR A 275 -3.19 6.79 13.53
N SER A 276 -2.67 5.61 13.31
CA SER A 276 -2.84 4.46 14.24
C SER A 276 -2.48 4.89 15.67
N HIS A 277 -1.37 5.59 15.89
CA HIS A 277 -1.00 6.09 17.24
C HIS A 277 -2.19 6.88 17.83
N GLU A 278 -2.77 7.79 17.05
CA GLU A 278 -3.86 8.68 17.54
C GLU A 278 -5.14 7.90 17.85
N LEU A 279 -5.48 6.88 17.05
CA LEU A 279 -6.67 6.01 17.34
C LEU A 279 -6.44 5.32 18.69
N TYR A 280 -5.26 4.74 18.89
CA TYR A 280 -4.98 3.94 20.11
C TYR A 280 -4.87 4.85 21.34
N ASP A 281 -4.51 6.12 21.15
CA ASP A 281 -4.33 7.12 22.24
C ASP A 281 -5.60 7.97 22.42
N ALA A 282 -6.67 7.70 21.68
CA ALA A 282 -7.91 8.51 21.72
C ALA A 282 -8.47 8.54 23.16
N ASP A 283 -9.01 9.70 23.56
CA ASP A 283 -9.85 9.85 24.78
C ASP A 283 -11.25 9.23 24.56
N GLU A 284 -11.75 9.36 23.34
CA GLU A 284 -13.05 8.82 22.94
C GLU A 284 -12.93 8.36 21.50
N ILE A 285 -13.67 7.33 21.16
CA ILE A 285 -13.89 6.90 19.76
C ILE A 285 -15.39 6.69 19.56
N MET A 286 -15.91 7.05 18.38
CA MET A 286 -17.35 6.88 18.07
C MET A 286 -17.53 6.50 16.60
N ALA A 287 -18.56 5.69 16.32
CA ALA A 287 -18.99 5.33 14.95
C ALA A 287 -20.14 6.29 14.59
N VAL A 288 -20.17 6.76 13.36
CA VAL A 288 -21.24 7.69 12.91
C VAL A 288 -21.74 7.22 11.56
N THR A 289 -23.05 7.07 11.48
CA THR A 289 -23.70 6.57 10.24
C THR A 289 -25.19 6.85 10.25
N THR A 290 -25.77 6.91 9.06
CA THR A 290 -27.21 7.16 8.84
C THR A 290 -28.02 6.11 9.60
N ALA A 291 -27.57 4.86 9.52
CA ALA A 291 -28.28 3.70 10.08
C ALA A 291 -27.96 3.56 11.58
N GLY A 292 -28.49 4.48 12.39
CA GLY A 292 -28.48 4.36 13.85
C GLY A 292 -27.77 5.50 14.53
N GLY A 293 -27.14 6.41 13.79
CA GLY A 293 -26.61 7.64 14.44
C GLY A 293 -25.17 7.54 14.95
N VAL A 294 -24.98 7.87 16.22
CA VAL A 294 -23.68 8.05 16.86
C VAL A 294 -23.55 6.97 17.92
N THR A 295 -22.60 6.07 17.72
CA THR A 295 -22.40 4.88 18.59
C THR A 295 -21.09 5.05 19.34
N PRO A 296 -21.13 5.08 20.69
CA PRO A 296 -19.90 5.06 21.48
C PRO A 296 -19.11 3.77 21.25
N ILE A 297 -17.78 3.90 21.15
CA ILE A 297 -16.86 2.75 21.08
C ILE A 297 -16.06 2.70 22.39
N ASN A 298 -16.37 1.73 23.23
CA ASN A 298 -15.92 1.69 24.64
C ASN A 298 -14.50 1.16 24.74
N THR A 299 -14.14 0.21 23.89
CA THR A 299 -12.84 -0.48 23.95
C THR A 299 -12.32 -0.70 22.52
N LEU A 300 -11.01 -0.76 22.39
CA LEU A 300 -10.30 -0.99 21.10
C LEU A 300 -9.28 -2.08 21.37
N ASP A 301 -9.38 -3.19 20.65
CA ASP A 301 -8.49 -4.37 20.84
C ASP A 301 -8.40 -4.72 22.34
N GLY A 302 -9.52 -4.66 23.04
CA GLY A 302 -9.66 -5.11 24.45
C GLY A 302 -9.05 -4.13 25.44
N VAL A 303 -8.82 -2.89 25.01
CA VAL A 303 -8.29 -1.84 25.89
C VAL A 303 -9.37 -0.76 26.03
N PRO A 304 -9.81 -0.45 27.27
CA PRO A 304 -10.75 0.63 27.52
C PRO A 304 -10.26 1.96 26.93
N ILE A 305 -11.17 2.61 26.23
CA ILE A 305 -11.01 4.02 25.81
C ILE A 305 -11.58 4.88 26.94
N GLY A 306 -10.80 5.82 27.46
CA GLY A 306 -11.25 6.56 28.65
C GLY A 306 -11.50 5.59 29.78
N ASP A 307 -12.73 5.50 30.27
CA ASP A 307 -13.06 4.58 31.38
C ASP A 307 -13.77 3.33 30.84
N GLY A 308 -13.80 3.13 29.52
CA GLY A 308 -14.48 1.95 28.92
C GLY A 308 -15.98 2.09 28.82
N GLU A 309 -16.49 3.30 29.02
CA GLU A 309 -17.93 3.64 28.96
C GLU A 309 -18.08 4.82 28.00
N PRO A 310 -19.29 5.08 27.46
CA PRO A 310 -19.47 6.18 26.51
C PRO A 310 -18.88 7.51 27.01
N GLY A 311 -18.09 8.14 26.14
CA GLY A 311 -17.40 9.37 26.49
C GLY A 311 -18.37 10.56 26.56
N PRO A 312 -17.98 11.62 27.30
CA PRO A 312 -18.85 12.79 27.51
C PRO A 312 -19.16 13.57 26.23
N VAL A 313 -18.17 13.75 25.36
CA VAL A 313 -18.40 14.44 24.07
C VAL A 313 -19.32 13.57 23.22
N THR A 314 -19.05 12.27 23.12
CA THR A 314 -19.86 11.32 22.33
C THR A 314 -21.33 11.39 22.78
N VAL A 315 -21.57 11.30 24.08
CA VAL A 315 -22.97 11.33 24.61
C VAL A 315 -23.61 12.66 24.23
N ALA A 316 -22.93 13.77 24.44
CA ALA A 316 -23.53 15.10 24.19
C ALA A 316 -23.92 15.19 22.70
N ILE A 317 -23.03 14.76 21.81
CA ILE A 317 -23.30 14.83 20.34
C ILE A 317 -24.41 13.85 19.97
N ARG A 318 -24.34 12.60 20.44
CA ARG A 318 -25.38 11.59 20.13
C ARG A 318 -26.77 12.12 20.56
N ASP A 319 -26.87 12.65 21.76
CA ASP A 319 -28.19 13.10 22.28
C ASP A 319 -28.68 14.29 21.44
N ARG A 320 -27.79 15.20 21.06
CA ARG A 320 -28.10 16.37 20.21
C ARG A 320 -28.59 15.87 18.83
N PHE A 321 -27.87 14.91 18.25
CA PHE A 321 -28.25 14.24 16.98
C PHE A 321 -29.72 13.79 17.03
N TRP A 322 -30.12 13.04 18.07
CA TRP A 322 -31.52 12.53 18.14
C TRP A 322 -32.53 13.65 18.30
N ALA A 323 -32.22 14.68 19.10
CA ALA A 323 -33.05 15.88 19.31
C ALA A 323 -33.32 16.57 17.97
N LEU A 324 -32.36 16.56 17.02
CA LEU A 324 -32.51 17.20 15.68
C LEU A 324 -33.71 16.58 14.94
N MET A 325 -34.04 15.31 15.19
CA MET A 325 -35.08 14.61 14.39
C MET A 325 -36.49 15.12 14.72
N ASP A 326 -36.66 15.84 15.83
CA ASP A 326 -37.97 16.35 16.29
C ASP A 326 -38.07 17.88 16.16
N GLU A 327 -36.97 18.58 15.85
CA GLU A 327 -36.92 20.05 15.82
C GLU A 327 -37.21 20.54 14.41
N PRO A 328 -38.34 21.22 14.20
CA PRO A 328 -38.62 21.83 12.91
C PRO A 328 -37.38 22.63 12.50
N GLY A 329 -37.04 22.54 11.23
CA GLY A 329 -35.80 23.17 10.74
C GLY A 329 -35.38 22.61 9.39
N PRO A 330 -34.33 23.16 8.75
CA PRO A 330 -33.97 22.80 7.39
C PRO A 330 -33.34 21.38 7.22
N LEU A 331 -32.93 20.74 8.31
CA LEU A 331 -32.30 19.39 8.20
C LEU A 331 -33.37 18.29 8.07
N ILE A 332 -34.64 18.58 8.39
CA ILE A 332 -35.71 17.55 8.35
C ILE A 332 -36.84 18.01 7.43
N GLU A 333 -37.53 17.03 6.88
CA GLU A 333 -38.77 17.26 6.11
C GLU A 333 -39.79 16.21 6.54
N ALA A 334 -40.95 16.69 6.99
CA ALA A 334 -42.05 15.79 7.38
C ALA A 334 -42.65 15.16 6.12
N ILE A 335 -42.66 13.84 6.10
CA ILE A 335 -43.36 13.00 5.10
C ILE A 335 -44.86 13.24 5.33
N GLN A 336 -45.62 13.52 4.28
CA GLN A 336 -47.06 13.83 4.41
C GLN A 336 -47.81 12.54 4.07
N TYR A 337 -48.14 11.76 5.10
CA TYR A 337 -48.68 10.39 4.96
C TYR A 337 -50.15 10.40 4.51
N GLY B 16 -31.56 -12.08 -30.74
CA GLY B 16 -30.11 -11.79 -30.42
C GLY B 16 -29.16 -12.70 -31.20
N ALA B 17 -28.12 -12.13 -31.82
CA ALA B 17 -27.12 -12.87 -32.64
C ALA B 17 -26.43 -13.93 -31.75
N ILE B 18 -26.17 -15.12 -32.30
CA ILE B 18 -25.49 -16.25 -31.61
C ILE B 18 -24.08 -16.41 -32.18
N ARG B 19 -23.75 -15.54 -33.14
CA ARG B 19 -22.50 -15.58 -33.93
C ARG B 19 -22.14 -14.12 -34.20
N GLU B 20 -20.87 -13.90 -34.51
CA GLU B 20 -20.33 -12.63 -35.05
C GLU B 20 -19.09 -13.02 -35.85
N ASP B 21 -18.60 -12.09 -36.67
CA ASP B 21 -17.50 -12.37 -37.60
C ASP B 21 -16.25 -12.78 -36.81
N THR B 22 -15.52 -13.74 -37.37
CA THR B 22 -14.18 -14.10 -36.90
C THR B 22 -13.31 -14.07 -38.13
N PRO B 23 -11.98 -13.86 -37.97
CA PRO B 23 -11.08 -13.85 -39.12
C PRO B 23 -11.10 -15.16 -39.93
N ALA B 24 -11.24 -15.02 -41.24
CA ALA B 24 -11.40 -16.14 -42.19
C ALA B 24 -10.16 -17.02 -42.11
N GLY B 25 -10.33 -18.35 -42.01
CA GLY B 25 -9.20 -19.27 -41.94
C GLY B 25 -8.55 -19.35 -40.57
N SER B 26 -8.95 -18.52 -39.60
CA SER B 26 -8.26 -18.45 -38.26
C SER B 26 -8.67 -19.65 -37.40
N VAL B 27 -8.08 -19.81 -36.21
CA VAL B 27 -8.39 -20.94 -35.30
C VAL B 27 -9.72 -20.71 -34.59
N ILE B 28 -10.31 -19.51 -34.71
CA ILE B 28 -11.59 -19.17 -34.05
C ILE B 28 -12.71 -19.15 -35.09
N GLN B 29 -13.61 -20.13 -34.98
CA GLN B 29 -14.82 -20.22 -35.83
C GLN B 29 -16.00 -20.71 -35.01
N TYR B 30 -17.11 -20.02 -35.13
CA TYR B 30 -18.38 -20.41 -34.50
C TYR B 30 -18.92 -21.64 -35.23
N SER B 31 -19.84 -22.34 -34.63
CA SER B 31 -20.55 -23.51 -35.22
C SER B 31 -21.55 -23.04 -36.27
N ASP B 32 -21.78 -23.85 -37.30
CA ASP B 32 -22.81 -23.65 -38.33
C ASP B 32 -24.06 -24.43 -37.90
N TYR B 33 -25.11 -23.75 -37.46
CA TYR B 33 -26.37 -24.38 -36.99
C TYR B 33 -27.46 -23.33 -36.85
N GLU B 34 -28.70 -23.79 -36.72
CA GLU B 34 -29.90 -22.96 -36.56
C GLU B 34 -30.54 -23.35 -35.23
N ILE B 35 -31.00 -22.34 -34.49
CA ILE B 35 -31.75 -22.52 -33.22
C ILE B 35 -33.25 -22.51 -33.57
N ASP B 36 -33.98 -23.36 -32.88
CA ASP B 36 -35.47 -23.45 -32.94
C ASP B 36 -36.08 -22.50 -31.91
N TYR B 37 -36.56 -21.34 -32.37
CA TYR B 37 -37.10 -20.26 -31.51
C TYR B 37 -38.57 -20.54 -31.14
N SER B 38 -39.12 -21.69 -31.52
CA SER B 38 -40.45 -22.13 -30.99
C SER B 38 -40.31 -22.40 -29.49
N SER B 39 -39.11 -22.75 -29.00
CA SER B 39 -38.82 -22.84 -27.55
C SER B 39 -38.54 -21.46 -26.98
N PRO B 40 -39.17 -21.07 -25.86
CA PRO B 40 -38.92 -19.77 -25.24
C PRO B 40 -37.52 -19.67 -24.61
N PHE B 41 -36.85 -20.80 -24.38
CA PHE B 41 -35.47 -20.89 -23.81
C PHE B 41 -34.42 -20.61 -24.88
N ALA B 42 -34.80 -20.71 -26.15
CA ALA B 42 -33.89 -20.55 -27.29
C ALA B 42 -33.08 -19.28 -27.10
N GLY B 43 -31.75 -19.37 -27.17
CA GLY B 43 -30.84 -18.22 -27.22
C GLY B 43 -30.34 -17.81 -25.85
N GLY B 44 -30.94 -18.29 -24.79
CA GLY B 44 -30.42 -17.94 -23.46
C GLY B 44 -31.32 -18.38 -22.34
N VAL B 45 -30.71 -18.93 -21.30
CA VAL B 45 -31.44 -19.53 -20.15
C VAL B 45 -30.78 -19.10 -18.85
N ALA B 46 -31.59 -18.85 -17.83
CA ALA B 46 -31.15 -18.66 -16.43
C ALA B 46 -31.84 -19.72 -15.57
N TRP B 47 -31.19 -20.11 -14.50
CA TRP B 47 -31.77 -20.91 -13.41
C TRP B 47 -31.73 -20.08 -12.14
N ILE B 48 -32.90 -19.67 -11.65
CA ILE B 48 -33.07 -18.72 -10.53
C ILE B 48 -34.17 -19.25 -9.60
N GLU B 49 -33.89 -19.23 -8.30
CA GLU B 49 -34.71 -19.78 -7.20
C GLU B 49 -35.32 -21.12 -7.65
N GLY B 50 -34.51 -22.03 -8.22
CA GLY B 50 -34.93 -23.40 -8.56
C GLY B 50 -35.75 -23.50 -9.82
N GLU B 51 -35.85 -22.46 -10.65
CA GLU B 51 -36.70 -22.49 -11.87
C GLU B 51 -35.85 -22.12 -13.09
N TYR B 52 -36.04 -22.82 -14.21
CA TYR B 52 -35.42 -22.49 -15.52
C TYR B 52 -36.26 -21.40 -16.20
N LEU B 53 -35.64 -20.30 -16.62
CA LEU B 53 -36.32 -19.14 -17.23
C LEU B 53 -35.63 -18.73 -18.53
N PRO B 54 -36.38 -18.13 -19.49
CA PRO B 54 -35.76 -17.39 -20.59
C PRO B 54 -34.81 -16.36 -19.95
N ALA B 55 -33.60 -16.22 -20.46
CA ALA B 55 -32.61 -15.24 -19.94
C ALA B 55 -33.29 -13.87 -19.77
N GLU B 56 -34.11 -13.45 -20.74
CA GLU B 56 -34.75 -12.10 -20.72
C GLU B 56 -35.70 -11.95 -19.51
N ASP B 57 -36.18 -13.03 -18.91
CA ASP B 57 -37.11 -12.98 -17.75
C ASP B 57 -36.33 -13.06 -16.41
N ALA B 58 -35.02 -13.23 -16.44
CA ALA B 58 -34.24 -13.65 -15.24
C ALA B 58 -34.08 -12.45 -14.30
N LYS B 59 -34.67 -12.53 -13.11
CA LYS B 59 -34.68 -11.40 -12.16
C LYS B 59 -34.31 -11.94 -10.78
N ILE B 60 -33.63 -11.10 -9.98
CA ILE B 60 -33.26 -11.45 -8.59
C ILE B 60 -33.85 -10.40 -7.64
N SER B 61 -34.10 -10.78 -6.39
CA SER B 61 -34.53 -9.86 -5.32
C SER B 61 -33.51 -8.74 -5.21
N ILE B 62 -33.98 -7.49 -5.24
CA ILE B 62 -33.10 -6.31 -4.98
C ILE B 62 -32.53 -6.45 -3.57
N PHE B 63 -33.14 -7.24 -2.68
CA PHE B 63 -32.67 -7.37 -1.27
C PHE B 63 -31.64 -8.48 -1.09
N ASP B 64 -31.29 -9.22 -2.15
CA ASP B 64 -30.15 -10.17 -2.12
C ASP B 64 -28.90 -9.36 -1.72
N THR B 65 -28.23 -9.75 -0.65
CA THR B 65 -27.03 -9.04 -0.19
C THR B 65 -25.88 -9.27 -1.18
N GLY B 66 -26.04 -10.18 -2.14
CA GLY B 66 -25.15 -10.24 -3.30
C GLY B 66 -25.20 -8.96 -4.10
N PHE B 67 -26.28 -8.20 -4.01
CA PHE B 67 -26.38 -6.86 -4.64
C PHE B 67 -25.80 -5.81 -3.67
N GLY B 68 -26.46 -5.64 -2.53
CA GLY B 68 -26.21 -4.56 -1.57
C GLY B 68 -24.85 -4.64 -0.89
N LYS B 69 -24.21 -5.82 -0.84
CA LYS B 69 -22.83 -5.94 -0.29
C LYS B 69 -21.90 -6.65 -1.26
N SER B 70 -22.36 -6.95 -2.46
CA SER B 70 -21.60 -7.78 -3.41
C SER B 70 -21.00 -8.96 -2.64
N ASP B 71 -21.79 -9.57 -1.76
CA ASP B 71 -21.33 -10.64 -0.85
C ASP B 71 -21.61 -11.96 -1.57
N LEU B 72 -20.69 -12.35 -2.45
CA LEU B 72 -20.85 -13.49 -3.39
C LEU B 72 -19.51 -13.89 -3.97
N THR B 73 -19.48 -15.06 -4.62
CA THR B 73 -18.45 -15.41 -5.59
C THR B 73 -19.15 -16.05 -6.78
N TYR B 74 -18.38 -16.25 -7.84
CA TYR B 74 -18.93 -16.80 -9.10
C TYR B 74 -17.81 -17.46 -9.87
N THR B 75 -18.18 -18.11 -10.95
CA THR B 75 -17.22 -18.52 -12.00
C THR B 75 -17.93 -18.43 -13.35
N VAL B 76 -17.10 -18.38 -14.38
CA VAL B 76 -17.55 -18.37 -15.79
C VAL B 76 -16.86 -19.50 -16.50
N ALA B 77 -17.62 -20.28 -17.24
CA ALA B 77 -17.08 -21.29 -18.16
C ALA B 77 -17.56 -20.98 -19.56
N HIS B 78 -16.86 -21.47 -20.56
CA HIS B 78 -17.34 -21.29 -21.94
C HIS B 78 -17.73 -22.64 -22.50
N VAL B 79 -18.61 -22.56 -23.49
CA VAL B 79 -19.00 -23.67 -24.38
C VAL B 79 -18.56 -23.25 -25.77
N TRP B 80 -17.80 -24.11 -26.46
CA TRP B 80 -17.32 -23.88 -27.84
C TRP B 80 -17.60 -25.18 -28.65
N HIS B 81 -18.20 -25.07 -29.82
CA HIS B 81 -18.55 -26.21 -30.70
C HIS B 81 -19.37 -27.23 -29.90
N GLY B 82 -20.18 -26.79 -28.95
CA GLY B 82 -21.05 -27.62 -28.10
C GLY B 82 -20.31 -28.35 -26.99
N ASN B 83 -19.03 -28.04 -26.77
CA ASN B 83 -18.23 -28.64 -25.68
C ASN B 83 -18.03 -27.61 -24.55
N ILE B 84 -18.41 -27.96 -23.34
CA ILE B 84 -18.16 -27.11 -22.14
C ILE B 84 -16.75 -27.44 -21.64
N PHE B 85 -15.99 -26.40 -21.31
CA PHE B 85 -14.53 -26.49 -21.09
C PHE B 85 -14.24 -26.41 -19.56
N ARG B 86 -13.64 -27.49 -19.05
CA ARG B 86 -13.16 -27.67 -17.64
C ARG B 86 -14.22 -27.31 -16.60
N LEU B 87 -15.45 -27.79 -16.78
CA LEU B 87 -16.55 -27.44 -15.83
C LEU B 87 -16.17 -27.93 -14.43
N GLY B 88 -15.52 -29.09 -14.32
CA GLY B 88 -15.16 -29.67 -13.01
C GLY B 88 -14.22 -28.74 -12.24
N ASP B 89 -13.21 -28.23 -12.93
CA ASP B 89 -12.22 -27.27 -12.37
C ASP B 89 -12.94 -25.97 -11.97
N HIS B 90 -13.92 -25.52 -12.78
CA HIS B 90 -14.72 -24.31 -12.49
C HIS B 90 -15.53 -24.53 -11.20
N LEU B 91 -16.16 -25.69 -11.07
CA LEU B 91 -17.01 -25.96 -9.87
C LEU B 91 -16.11 -26.02 -8.65
N ASP B 92 -14.94 -26.64 -8.78
CA ASP B 92 -13.96 -26.78 -7.67
C ASP B 92 -13.53 -25.39 -7.19
N ARG B 93 -13.17 -24.48 -8.10
CA ARG B 93 -12.72 -23.10 -7.69
C ARG B 93 -13.90 -22.34 -7.07
N LEU B 94 -15.08 -22.43 -7.70
CA LEU B 94 -16.31 -21.78 -7.21
C LEU B 94 -16.54 -22.23 -5.76
N LEU B 95 -16.59 -23.54 -5.54
CA LEU B 95 -17.00 -24.10 -4.22
C LEU B 95 -15.90 -23.82 -3.19
N ASP B 96 -14.62 -23.85 -3.60
CA ASP B 96 -13.50 -23.52 -2.68
C ASP B 96 -13.67 -22.06 -2.21
N GLY B 97 -13.92 -21.14 -3.15
CA GLY B 97 -14.13 -19.72 -2.83
C GLY B 97 -15.32 -19.53 -1.92
N ALA B 98 -16.41 -20.22 -2.21
CA ALA B 98 -17.66 -20.06 -1.42
C ALA B 98 -17.38 -20.47 0.03
N ARG B 99 -16.63 -21.55 0.19
CA ARG B 99 -16.28 -22.11 1.50
C ARG B 99 -15.48 -21.06 2.27
N LYS B 100 -14.53 -20.39 1.62
CA LYS B 100 -13.71 -19.34 2.26
C LYS B 100 -14.62 -18.18 2.65
N LEU B 101 -15.67 -17.91 1.88
CA LEU B 101 -16.63 -16.81 2.18
C LEU B 101 -17.73 -17.25 3.16
N ARG B 102 -17.75 -18.50 3.61
CA ARG B 102 -18.73 -19.05 4.59
C ARG B 102 -20.10 -19.08 3.91
N LEU B 103 -20.10 -19.31 2.59
CA LEU B 103 -21.29 -19.48 1.73
C LEU B 103 -21.52 -20.98 1.52
N ASP B 104 -22.77 -21.38 1.39
CA ASP B 104 -23.18 -22.78 1.14
C ASP B 104 -24.21 -22.79 0.03
N PRO B 105 -23.85 -23.35 -1.13
CA PRO B 105 -24.75 -23.37 -2.28
C PRO B 105 -26.01 -24.20 -1.98
N GLY B 106 -25.90 -25.20 -1.09
CA GLY B 106 -27.02 -26.13 -0.81
C GLY B 106 -27.22 -27.11 -1.95
N TYR B 107 -26.24 -27.23 -2.84
CA TYR B 107 -26.21 -28.22 -3.93
C TYR B 107 -24.81 -28.79 -3.97
N THR B 108 -24.71 -30.06 -4.36
CA THR B 108 -23.45 -30.76 -4.59
C THR B 108 -22.85 -30.26 -5.90
N LYS B 109 -21.57 -30.53 -6.09
CA LYS B 109 -20.84 -30.28 -7.36
C LYS B 109 -21.61 -30.94 -8.51
N ASP B 110 -21.99 -32.22 -8.38
CA ASP B 110 -22.63 -32.94 -9.52
C ASP B 110 -24.01 -32.34 -9.79
N GLU B 111 -24.72 -31.89 -8.76
CA GLU B 111 -26.03 -31.21 -8.93
C GLU B 111 -25.84 -29.92 -9.75
N LEU B 112 -24.83 -29.13 -9.41
CA LEU B 112 -24.56 -27.85 -10.14
C LEU B 112 -24.12 -28.15 -11.57
N ALA B 113 -23.35 -29.22 -11.78
CA ALA B 113 -22.90 -29.63 -13.14
C ALA B 113 -24.11 -29.93 -14.00
N ASP B 114 -25.09 -30.68 -13.48
CA ASP B 114 -26.30 -31.09 -14.24
C ASP B 114 -27.13 -29.87 -14.55
N ILE B 115 -27.28 -28.97 -13.58
CA ILE B 115 -28.13 -27.77 -13.79
C ILE B 115 -27.47 -26.91 -14.85
N THR B 116 -26.15 -26.70 -14.75
CA THR B 116 -25.38 -25.89 -15.72
C THR B 116 -25.56 -26.47 -17.13
N LYS B 117 -25.32 -27.78 -17.30
CA LYS B 117 -25.39 -28.44 -18.64
C LYS B 117 -26.82 -28.34 -19.17
N LYS B 118 -27.83 -28.37 -18.30
CA LYS B 118 -29.24 -28.26 -18.75
C LYS B 118 -29.51 -26.83 -19.25
N CYS B 119 -29.02 -25.82 -18.53
CA CYS B 119 -29.10 -24.41 -19.03
C CYS B 119 -28.60 -24.34 -20.45
N VAL B 120 -27.40 -24.87 -20.70
CA VAL B 120 -26.78 -24.74 -22.04
C VAL B 120 -27.70 -25.48 -23.02
N MET B 121 -28.09 -26.71 -22.68
CA MET B 121 -28.93 -27.54 -23.58
C MET B 121 -30.23 -26.81 -23.91
N LEU B 122 -30.93 -26.25 -22.92
CA LEU B 122 -32.18 -25.47 -23.19
C LEU B 122 -31.90 -24.24 -24.06
N SER B 123 -30.73 -23.59 -23.93
CA SER B 123 -30.39 -22.40 -24.75
C SER B 123 -30.25 -22.78 -26.22
N GLN B 124 -29.85 -24.03 -26.49
CA GLN B 124 -29.43 -24.54 -27.82
C GLN B 124 -28.13 -23.88 -28.31
N LEU B 125 -27.45 -23.09 -27.49
CA LEU B 125 -26.20 -22.39 -27.90
C LEU B 125 -25.05 -23.40 -27.96
N ARG B 126 -24.33 -23.44 -29.07
CA ARG B 126 -23.12 -24.28 -29.22
C ARG B 126 -21.89 -23.49 -28.80
N GLU B 127 -22.00 -22.15 -28.82
CA GLU B 127 -20.98 -21.22 -28.26
C GLU B 127 -21.71 -20.40 -27.22
N SER B 128 -21.21 -20.36 -25.98
CA SER B 128 -21.97 -19.83 -24.83
C SER B 128 -21.04 -19.36 -23.72
N PHE B 129 -21.47 -18.28 -23.07
CA PHE B 129 -20.92 -17.70 -21.84
C PHE B 129 -21.82 -18.22 -20.72
N VAL B 130 -21.23 -18.95 -19.77
CA VAL B 130 -21.95 -19.64 -18.69
C VAL B 130 -21.46 -19.09 -17.35
N ASN B 131 -22.38 -18.67 -16.52
CA ASN B 131 -22.10 -18.05 -15.20
C ASN B 131 -22.74 -18.92 -14.11
N LEU B 132 -22.01 -19.24 -13.06
CA LEU B 132 -22.58 -19.74 -11.79
C LEU B 132 -22.21 -18.74 -10.70
N THR B 133 -23.21 -18.22 -10.01
CA THR B 133 -23.04 -17.25 -8.91
C THR B 133 -23.66 -17.83 -7.64
N ILE B 134 -22.94 -17.74 -6.52
CA ILE B 134 -23.40 -18.05 -5.14
C ILE B 134 -23.39 -16.74 -4.33
N THR B 135 -24.56 -16.31 -3.90
CA THR B 135 -24.72 -15.08 -3.09
C THR B 135 -25.05 -15.43 -1.65
N ARG B 136 -24.76 -14.51 -0.74
CA ARG B 136 -25.18 -14.60 0.68
C ARG B 136 -26.71 -14.64 0.76
N GLY B 137 -27.38 -13.98 -0.18
CA GLY B 137 -28.84 -14.06 -0.33
C GLY B 137 -29.57 -13.09 0.56
N TYR B 138 -30.82 -13.43 0.90
CA TYR B 138 -31.79 -12.54 1.56
C TYR B 138 -32.48 -13.33 2.68
N GLY B 139 -33.10 -12.65 3.62
CA GLY B 139 -33.80 -13.29 4.76
C GLY B 139 -35.29 -13.27 4.55
N LYS B 140 -36.05 -13.52 5.63
CA LYS B 140 -37.55 -13.52 5.62
C LYS B 140 -38.04 -12.15 5.17
N ARG B 141 -37.41 -11.06 5.62
CA ARG B 141 -37.85 -9.72 5.15
C ARG B 141 -36.64 -8.85 4.75
N PRO B 142 -36.87 -7.83 3.90
CA PRO B 142 -35.79 -7.05 3.30
C PRO B 142 -34.89 -6.45 4.38
N GLY B 143 -33.60 -6.30 4.15
CA GLY B 143 -32.82 -5.53 5.16
C GLY B 143 -32.52 -6.31 6.46
N GLU B 144 -32.81 -7.61 6.49
CA GLU B 144 -32.11 -8.58 7.38
C GLU B 144 -30.61 -8.42 7.14
N ARG B 145 -29.82 -8.43 8.23
CA ARG B 145 -28.36 -8.19 8.17
C ARG B 145 -27.61 -9.26 8.98
N ASP B 146 -28.32 -10.05 9.81
CA ASP B 146 -27.74 -11.25 10.47
C ASP B 146 -27.49 -12.35 9.42
N LEU B 147 -26.22 -12.61 9.13
CA LEU B 147 -25.78 -13.57 8.09
C LEU B 147 -26.43 -14.94 8.31
N SER B 148 -26.64 -15.33 9.58
CA SER B 148 -27.23 -16.64 9.97
C SER B 148 -28.70 -16.75 9.50
N LYS B 149 -29.34 -15.63 9.17
CA LYS B 149 -30.77 -15.60 8.77
C LYS B 149 -30.89 -15.44 7.26
N LEU B 150 -29.78 -15.25 6.56
CA LEU B 150 -29.81 -15.07 5.08
C LEU B 150 -29.71 -16.45 4.45
N THR B 151 -30.60 -16.80 3.54
CA THR B 151 -30.55 -18.03 2.72
C THR B 151 -29.70 -17.73 1.49
N ASN B 152 -28.54 -18.39 1.38
CA ASN B 152 -27.60 -18.22 0.25
C ASN B 152 -28.31 -18.67 -1.02
N GLN B 153 -28.07 -17.99 -2.14
CA GLN B 153 -28.75 -18.26 -3.42
C GLN B 153 -27.72 -18.77 -4.42
N VAL B 154 -28.16 -19.65 -5.31
CA VAL B 154 -27.41 -20.00 -6.55
C VAL B 154 -28.18 -19.48 -7.76
N TYR B 155 -27.48 -18.77 -8.63
CA TYR B 155 -28.02 -18.27 -9.92
C TYR B 155 -27.09 -18.79 -11.00
N ILE B 156 -27.64 -19.31 -12.08
CA ILE B 156 -26.81 -19.86 -13.17
C ILE B 156 -27.39 -19.36 -14.47
N TYR B 157 -26.55 -19.03 -15.42
CA TYR B 157 -27.11 -18.68 -16.74
C TYR B 157 -26.16 -19.09 -17.84
N ALA B 158 -26.75 -19.30 -19.01
CA ALA B 158 -26.02 -19.60 -20.26
C ALA B 158 -26.55 -18.69 -21.37
N ILE B 159 -25.67 -17.86 -21.92
CA ILE B 159 -26.07 -16.80 -22.89
C ILE B 159 -25.07 -16.80 -24.02
N PRO B 160 -25.31 -16.06 -25.11
CA PRO B 160 -24.36 -16.08 -26.23
C PRO B 160 -22.96 -15.69 -25.74
N TYR B 161 -21.97 -16.16 -26.50
CA TYR B 161 -20.53 -15.98 -26.20
C TYR B 161 -20.21 -14.51 -26.05
N ILE B 162 -19.43 -14.23 -25.00
CA ILE B 162 -18.90 -12.89 -24.66
C ILE B 162 -17.39 -12.89 -24.90
N TRP B 163 -16.90 -11.87 -25.60
CA TRP B 163 -15.47 -11.64 -25.94
C TRP B 163 -14.94 -10.53 -25.02
N ALA B 164 -13.99 -10.79 -24.15
CA ALA B 164 -13.25 -9.72 -23.44
C ALA B 164 -12.53 -8.86 -24.48
N PHE B 165 -12.06 -9.47 -25.57
CA PHE B 165 -11.44 -8.79 -26.73
C PHE B 165 -12.06 -9.37 -27.99
N PRO B 166 -12.40 -8.58 -29.02
CA PRO B 166 -13.06 -9.14 -30.20
C PRO B 166 -12.18 -10.21 -30.88
N PRO B 167 -12.83 -11.12 -31.64
CA PRO B 167 -12.10 -12.11 -32.44
C PRO B 167 -10.93 -11.51 -33.22
N GLU B 168 -11.14 -10.33 -33.83
CA GLU B 168 -10.08 -9.73 -34.67
C GLU B 168 -8.82 -9.52 -33.80
N GLU B 169 -9.01 -9.10 -32.53
CA GLU B 169 -7.87 -8.83 -31.61
C GLU B 169 -7.28 -10.15 -31.09
N GLN B 170 -8.10 -11.19 -30.91
CA GLN B 170 -7.58 -12.53 -30.52
C GLN B 170 -6.54 -12.96 -31.54
N ILE B 171 -6.76 -12.66 -32.84
CA ILE B 171 -5.88 -13.17 -33.92
C ILE B 171 -4.72 -12.20 -34.17
N PHE B 172 -5.00 -10.89 -34.26
CA PHE B 172 -3.98 -9.89 -34.69
C PHE B 172 -3.43 -9.04 -33.53
N GLY B 173 -4.02 -9.09 -32.34
CA GLY B 173 -3.46 -8.46 -31.12
C GLY B 173 -4.28 -7.25 -30.67
N THR B 174 -4.16 -6.88 -29.40
CA THR B 174 -4.76 -5.66 -28.83
C THR B 174 -3.62 -4.79 -28.33
N THR B 175 -3.95 -3.73 -27.63
CA THR B 175 -2.98 -2.78 -27.05
C THR B 175 -3.36 -2.55 -25.57
N ALA B 176 -2.39 -2.22 -24.73
CA ALA B 176 -2.60 -1.99 -23.29
C ALA B 176 -1.82 -0.76 -22.82
N VAL B 177 -2.34 -0.17 -21.75
CA VAL B 177 -1.66 0.82 -20.90
C VAL B 177 -1.63 0.30 -19.46
N VAL B 178 -0.63 0.77 -18.73
CA VAL B 178 -0.63 0.71 -17.24
C VAL B 178 -1.30 1.99 -16.76
N PRO B 179 -2.36 1.89 -15.94
CA PRO B 179 -3.04 3.10 -15.42
C PRO B 179 -2.05 4.02 -14.70
N ARG B 180 -2.22 5.32 -14.89
CA ARG B 180 -1.59 6.37 -14.07
C ARG B 180 -2.29 6.51 -12.70
N HIS B 181 -3.57 6.17 -12.63
CA HIS B 181 -4.47 6.66 -11.55
C HIS B 181 -5.01 5.52 -10.68
N VAL B 182 -4.88 4.28 -11.11
CA VAL B 182 -5.55 3.11 -10.45
C VAL B 182 -4.52 2.01 -10.18
N ARG B 183 -4.69 1.26 -9.09
CA ARG B 183 -4.01 -0.02 -8.84
C ARG B 183 -5.04 -1.10 -8.52
N ARG B 184 -4.62 -2.35 -8.62
CA ARG B 184 -5.51 -3.48 -8.28
C ARG B 184 -5.71 -3.47 -6.77
N ALA B 185 -6.91 -3.72 -6.29
CA ALA B 185 -7.13 -4.00 -4.84
C ALA B 185 -6.25 -5.18 -4.41
N GLY B 186 -5.58 -5.07 -3.27
CA GLY B 186 -4.77 -6.18 -2.74
C GLY B 186 -5.57 -7.28 -2.08
N ARG B 187 -4.89 -8.43 -1.85
CA ARG B 187 -5.45 -9.70 -1.32
C ARG B 187 -5.95 -9.47 0.11
N ASN B 188 -5.49 -8.40 0.76
CA ASN B 188 -5.93 -8.02 2.14
C ASN B 188 -7.04 -6.95 2.12
N THR B 189 -7.59 -6.61 0.95
CA THR B 189 -8.72 -5.64 0.87
C THR B 189 -9.92 -6.34 0.24
N VAL B 190 -10.17 -6.03 -1.02
CA VAL B 190 -11.18 -6.79 -1.78
C VAL B 190 -10.38 -7.87 -2.52
N ASP B 191 -10.36 -9.09 -1.99
CA ASP B 191 -9.33 -10.11 -2.36
C ASP B 191 -9.51 -10.54 -3.83
N PRO B 192 -8.56 -10.27 -4.77
CA PRO B 192 -8.72 -10.75 -6.15
C PRO B 192 -8.62 -12.28 -6.33
N THR B 193 -8.10 -13.01 -5.32
CA THR B 193 -7.89 -14.48 -5.45
C THR B 193 -9.20 -15.23 -5.26
N ILE B 194 -10.30 -14.57 -4.86
CA ILE B 194 -11.67 -15.13 -4.94
C ILE B 194 -12.47 -14.33 -5.96
N1 LLP B 195 -8.95 -12.08 -13.58
C2 LLP B 195 -10.18 -11.58 -13.48
C2' LLP B 195 -10.39 -10.33 -12.67
C3 LLP B 195 -11.28 -12.20 -14.15
O3 LLP B 195 -12.49 -11.63 -14.05
C4 LLP B 195 -11.09 -13.35 -14.98
C4' LLP B 195 -12.33 -14.10 -15.53
C5 LLP B 195 -9.76 -13.83 -15.05
C6 LLP B 195 -8.76 -13.19 -14.35
C5' LLP B 195 -9.41 -15.05 -15.86
OP4 LLP B 195 -9.78 -16.28 -15.17
P LLP B 195 -10.28 -17.55 -16.06
OP1 LLP B 195 -9.14 -17.80 -16.99
OP2 LLP B 195 -11.60 -17.09 -16.72
OP3 LLP B 195 -10.51 -18.54 -14.91
N LLP B 195 -12.94 -14.96 -7.07
CA LLP B 195 -13.58 -14.28 -8.20
CB LLP B 195 -14.00 -15.22 -9.39
CG LLP B 195 -14.24 -14.56 -10.78
CD LLP B 195 -14.35 -15.29 -12.17
CE LLP B 195 -13.99 -14.35 -13.55
NZ LLP B 195 -13.16 -14.90 -14.68
C LLP B 195 -14.76 -13.52 -7.61
O LLP B 195 -15.53 -14.06 -6.80
N ASN B 196 -14.89 -12.25 -8.00
CA ASN B 196 -15.89 -11.40 -7.38
C ASN B 196 -16.36 -10.37 -8.41
N TYR B 197 -17.55 -9.80 -8.17
CA TYR B 197 -18.19 -8.77 -9.03
C TYR B 197 -17.74 -7.36 -8.59
N GLN B 198 -16.79 -7.22 -7.66
CA GLN B 198 -16.39 -5.90 -7.12
C GLN B 198 -15.34 -5.31 -8.05
N TRP B 199 -15.78 -4.72 -9.17
CA TRP B 199 -14.85 -4.29 -10.23
C TRP B 199 -14.50 -2.80 -10.13
N GLY B 200 -14.72 -2.14 -8.99
CA GLY B 200 -14.51 -0.68 -8.94
C GLY B 200 -13.18 -0.25 -9.57
N ASP B 201 -12.10 -0.94 -9.18
CA ASP B 201 -10.72 -0.70 -9.69
C ASP B 201 -10.60 -1.12 -11.17
N LEU B 202 -11.13 -2.28 -11.50
CA LEU B 202 -11.09 -2.78 -12.89
C LEU B 202 -11.85 -1.84 -13.84
N THR B 203 -13.07 -1.40 -13.47
CA THR B 203 -13.90 -0.44 -14.24
C THR B 203 -13.13 0.88 -14.43
N ALA B 204 -12.54 1.41 -13.38
CA ALA B 204 -11.77 2.67 -13.42
C ALA B 204 -10.59 2.50 -14.39
N ALA B 205 -9.92 1.34 -14.36
CA ALA B 205 -8.74 1.09 -15.21
C ALA B 205 -9.21 1.02 -16.68
N SER B 206 -10.34 0.36 -16.93
CA SER B 206 -10.91 0.18 -18.28
C SER B 206 -11.30 1.56 -18.85
N PHE B 207 -11.90 2.42 -18.03
CA PHE B 207 -12.24 3.82 -18.43
C PHE B 207 -10.94 4.54 -18.80
N GLU B 208 -9.89 4.37 -18.01
CA GLU B 208 -8.59 5.03 -18.30
C GLU B 208 -8.00 4.51 -19.62
N ALA B 209 -8.06 3.19 -19.89
CA ALA B 209 -7.54 2.64 -21.15
C ALA B 209 -8.33 3.23 -22.33
N LYS B 210 -9.67 3.28 -22.21
CA LYS B 210 -10.55 3.78 -23.29
C LYS B 210 -10.22 5.25 -23.54
N ASP B 211 -10.11 6.05 -22.48
CA ASP B 211 -9.75 7.48 -22.61
C ASP B 211 -8.38 7.61 -23.29
N ARG B 212 -7.46 6.66 -23.07
CA ARG B 212 -6.12 6.72 -23.69
C ARG B 212 -6.08 6.04 -25.06
N GLY B 213 -7.20 5.55 -25.57
CA GLY B 213 -7.27 4.96 -26.93
C GLY B 213 -6.63 3.59 -26.97
N ALA B 214 -6.55 2.90 -25.84
CA ALA B 214 -5.91 1.56 -25.75
C ALA B 214 -6.98 0.46 -25.65
N GLY B 215 -6.64 -0.78 -25.96
CA GLY B 215 -7.61 -1.89 -25.89
C GLY B 215 -7.91 -2.27 -24.43
N THR B 216 -6.97 -2.13 -23.50
CA THR B 216 -7.19 -2.54 -22.10
C THR B 216 -6.13 -1.96 -21.16
N ALA B 217 -6.25 -2.31 -19.88
CA ALA B 217 -5.34 -1.90 -18.82
C ALA B 217 -4.74 -3.14 -18.15
N ILE B 218 -3.46 -3.04 -17.82
CA ILE B 218 -2.76 -3.99 -16.94
C ILE B 218 -2.52 -3.22 -15.64
N LEU B 219 -3.10 -3.71 -14.57
CA LEU B 219 -2.96 -3.09 -13.22
C LEU B 219 -1.76 -3.65 -12.45
N MET B 220 -1.14 -2.81 -11.63
CA MET B 220 -0.04 -3.13 -10.72
C MET B 220 -0.61 -3.29 -9.31
N ASP B 221 0.09 -4.04 -8.46
CA ASP B 221 -0.23 -4.11 -7.02
C ASP B 221 0.52 -3.01 -6.25
N ALA B 222 0.38 -2.99 -4.93
CA ALA B 222 0.91 -1.85 -4.13
C ALA B 222 2.45 -1.81 -4.24
N ASP B 223 3.11 -2.93 -4.55
CA ASP B 223 4.60 -3.04 -4.60
C ASP B 223 5.10 -2.96 -6.06
N ASN B 224 4.32 -2.41 -7.01
CA ASN B 224 4.75 -2.31 -8.44
C ASN B 224 5.09 -3.69 -9.00
N CYS B 225 4.35 -4.74 -8.57
CA CYS B 225 4.27 -6.04 -9.28
C CYS B 225 2.99 -6.10 -10.09
N VAL B 226 3.04 -6.75 -11.24
CA VAL B 226 1.86 -6.95 -12.09
C VAL B 226 0.80 -7.71 -11.27
N ALA B 227 -0.43 -7.21 -11.33
CA ALA B 227 -1.57 -7.88 -10.69
C ALA B 227 -2.31 -8.67 -11.78
N GLU B 228 -3.25 -8.02 -12.47
CA GLU B 228 -4.03 -8.66 -13.57
C GLU B 228 -4.71 -7.53 -14.32
N GLY B 229 -5.61 -7.87 -15.23
CA GLY B 229 -6.42 -6.90 -15.97
C GLY B 229 -7.91 -7.08 -15.70
N PRO B 230 -8.71 -6.16 -16.27
CA PRO B 230 -10.15 -6.18 -16.09
C PRO B 230 -10.75 -7.40 -16.83
N GLY B 231 -10.80 -8.54 -16.14
CA GLY B 231 -11.39 -9.78 -16.65
C GLY B 231 -10.38 -10.73 -17.25
N PHE B 232 -9.08 -10.57 -16.95
CA PHE B 232 -8.06 -11.52 -17.42
C PHE B 232 -6.81 -11.51 -16.55
N ASN B 233 -6.10 -12.64 -16.60
CA ASN B 233 -4.71 -12.76 -16.10
C ASN B 233 -3.78 -12.27 -17.20
N VAL B 234 -2.59 -11.82 -16.79
CA VAL B 234 -1.48 -11.42 -17.68
C VAL B 234 -0.36 -12.46 -17.58
N CYS B 235 0.17 -12.88 -18.72
CA CYS B 235 1.38 -13.73 -18.81
C CYS B 235 2.39 -12.97 -19.66
N ILE B 236 3.65 -13.03 -19.29
CA ILE B 236 4.73 -12.41 -20.12
C ILE B 236 5.67 -13.53 -20.55
N VAL B 237 6.39 -13.26 -21.61
CA VAL B 237 7.47 -14.15 -22.06
C VAL B 237 8.73 -13.31 -22.08
N LYS B 238 9.80 -13.82 -21.50
CA LYS B 238 11.13 -13.19 -21.59
C LYS B 238 12.16 -14.30 -21.82
N ASP B 239 12.94 -14.20 -22.88
CA ASP B 239 14.04 -15.16 -23.16
C ASP B 239 13.42 -16.57 -23.23
N GLY B 240 12.26 -16.69 -23.86
CA GLY B 240 11.59 -17.99 -24.11
C GLY B 240 11.01 -18.63 -22.86
N LYS B 241 10.91 -17.90 -21.73
CA LYS B 241 10.25 -18.38 -20.49
C LYS B 241 8.98 -17.58 -20.18
N LEU B 242 7.93 -18.26 -19.70
CA LEU B 242 6.63 -17.64 -19.39
C LEU B 242 6.54 -17.43 -17.89
N ALA B 243 6.00 -16.29 -17.48
CA ALA B 243 5.75 -15.93 -16.07
C ALA B 243 4.39 -15.26 -15.96
N SER B 244 3.73 -15.45 -14.82
CA SER B 244 2.40 -14.89 -14.54
C SER B 244 2.35 -14.62 -13.04
N PRO B 245 1.74 -13.47 -12.62
CA PRO B 245 1.66 -13.06 -11.20
C PRO B 245 1.05 -14.01 -10.17
N SER B 246 1.79 -14.28 -9.09
CA SER B 246 1.37 -15.27 -8.08
C SER B 246 0.47 -14.70 -6.98
N ARG B 247 0.52 -13.39 -6.73
CA ARG B 247 -0.23 -12.90 -5.54
C ARG B 247 -1.57 -12.22 -5.85
N ASN B 248 -1.55 -10.98 -6.35
CA ASN B 248 -2.83 -10.23 -6.52
C ASN B 248 -3.45 -10.53 -7.87
N ALA B 249 -3.99 -11.75 -8.03
CA ALA B 249 -4.57 -12.14 -9.33
C ALA B 249 -5.45 -13.36 -9.13
N LEU B 250 -6.54 -13.42 -9.88
CA LEU B 250 -7.35 -14.66 -9.82
C LEU B 250 -6.50 -15.85 -10.24
N PRO B 251 -6.64 -17.03 -9.58
CA PRO B 251 -6.09 -18.28 -10.10
C PRO B 251 -6.87 -18.79 -11.32
N GLY B 252 -6.60 -18.21 -12.48
CA GLY B 252 -7.45 -18.40 -13.66
C GLY B 252 -7.32 -19.83 -14.21
N ILE B 253 -8.43 -20.36 -14.74
CA ILE B 253 -8.40 -21.69 -15.41
C ILE B 253 -7.78 -21.53 -16.80
N THR B 254 -7.90 -20.38 -17.47
CA THR B 254 -7.19 -20.20 -18.76
C THR B 254 -5.68 -20.22 -18.50
N ARG B 255 -5.23 -19.51 -17.48
CA ARG B 255 -3.81 -19.51 -17.07
C ARG B 255 -3.36 -20.94 -16.75
N LYS B 256 -4.17 -21.70 -16.04
CA LYS B 256 -3.85 -23.11 -15.74
C LYS B 256 -3.61 -23.86 -17.06
N THR B 257 -4.52 -23.66 -18.03
CA THR B 257 -4.45 -24.33 -19.35
C THR B 257 -3.19 -23.88 -20.06
N VAL B 258 -2.91 -22.58 -20.07
CA VAL B 258 -1.70 -22.02 -20.70
C VAL B 258 -0.45 -22.66 -20.09
N PHE B 259 -0.35 -22.80 -18.77
CA PHE B 259 0.83 -23.43 -18.12
C PHE B 259 0.93 -24.91 -18.53
N GLU B 260 -0.20 -25.62 -18.66
CA GLU B 260 -0.19 -27.04 -19.08
C GLU B 260 0.30 -27.10 -20.55
N ILE B 261 -0.22 -26.24 -21.42
CA ILE B 261 0.25 -26.20 -22.84
C ILE B 261 1.75 -25.90 -22.87
N ALA B 262 2.20 -24.90 -22.11
CA ALA B 262 3.62 -24.52 -22.10
C ALA B 262 4.48 -25.74 -21.71
N GLY B 263 4.10 -26.47 -20.67
CA GLY B 263 4.85 -27.66 -20.25
C GLY B 263 4.92 -28.70 -21.35
N ALA B 264 3.82 -28.92 -22.06
CA ALA B 264 3.74 -29.91 -23.17
C ALA B 264 4.68 -29.47 -24.30
N MET B 265 4.94 -28.16 -24.44
CA MET B 265 5.83 -27.58 -25.47
C MET B 265 7.29 -27.48 -24.99
N GLY B 266 7.58 -27.77 -23.72
CA GLY B 266 8.95 -27.64 -23.17
C GLY B 266 9.28 -26.19 -22.88
N ILE B 267 8.26 -25.36 -22.63
CA ILE B 267 8.46 -23.93 -22.28
C ILE B 267 8.34 -23.79 -20.76
N GLU B 268 9.36 -23.29 -20.12
CA GLU B 268 9.32 -23.05 -18.65
C GLU B 268 8.21 -22.02 -18.38
N ALA B 269 7.38 -22.28 -17.38
CA ALA B 269 6.25 -21.43 -16.95
C ALA B 269 6.26 -21.34 -15.43
N ALA B 270 6.46 -20.15 -14.89
CA ALA B 270 6.51 -19.90 -13.44
C ALA B 270 5.37 -18.97 -13.00
N LEU B 271 4.71 -19.31 -11.90
CA LEU B 271 3.82 -18.35 -11.17
C LEU B 271 4.71 -17.65 -10.18
N ARG B 272 4.95 -16.36 -10.35
CA ARG B 272 5.90 -15.62 -9.49
C ARG B 272 5.58 -14.12 -9.53
N ASP B 273 6.26 -13.33 -8.69
CA ASP B 273 6.16 -11.86 -8.81
C ASP B 273 6.79 -11.47 -10.15
N VAL B 274 6.05 -10.73 -10.94
CA VAL B 274 6.52 -10.09 -12.19
C VAL B 274 6.55 -8.58 -11.88
N THR B 275 7.74 -7.99 -11.83
CA THR B 275 7.90 -6.57 -11.45
C THR B 275 7.45 -5.68 -12.62
N SER B 276 7.24 -4.40 -12.32
CA SER B 276 6.94 -3.38 -13.35
C SER B 276 8.08 -3.36 -14.39
N HIS B 277 9.33 -3.47 -13.94
CA HIS B 277 10.50 -3.58 -14.85
C HIS B 277 10.26 -4.73 -15.85
N GLU B 278 9.89 -5.89 -15.34
CA GLU B 278 9.79 -7.12 -16.18
C GLU B 278 8.64 -6.96 -17.18
N LEU B 279 7.53 -6.34 -16.77
CA LEU B 279 6.40 -6.09 -17.70
C LEU B 279 6.90 -5.27 -18.89
N TYR B 280 7.52 -4.14 -18.58
CA TYR B 280 7.94 -3.14 -19.61
C TYR B 280 9.00 -3.74 -20.53
N ASP B 281 9.85 -4.64 -19.99
CA ASP B 281 10.99 -5.26 -20.70
C ASP B 281 10.58 -6.59 -21.37
N ALA B 282 9.32 -6.99 -21.31
CA ALA B 282 8.88 -8.31 -21.81
C ALA B 282 9.12 -8.44 -23.32
N ASP B 283 9.37 -9.68 -23.77
CA ASP B 283 9.48 -10.04 -25.21
C ASP B 283 8.09 -10.29 -25.79
N GLU B 284 7.16 -10.78 -24.95
CA GLU B 284 5.73 -10.95 -25.30
C GLU B 284 4.90 -10.68 -24.03
N ILE B 285 3.71 -10.17 -24.25
CA ILE B 285 2.64 -9.96 -23.23
C ILE B 285 1.34 -10.55 -23.81
N MET B 286 0.58 -11.27 -23.01
CA MET B 286 -0.73 -11.82 -23.43
C MET B 286 -1.74 -11.68 -22.31
N ALA B 287 -3.01 -11.58 -22.70
CA ALA B 287 -4.15 -11.67 -21.78
C ALA B 287 -4.73 -13.08 -21.88
N VAL B 288 -5.10 -13.67 -20.74
CA VAL B 288 -5.76 -15.01 -20.79
C VAL B 288 -7.04 -14.96 -19.97
N THR B 289 -8.14 -15.48 -20.50
CA THR B 289 -9.46 -15.48 -19.82
C THR B 289 -10.37 -16.47 -20.50
N THR B 290 -11.37 -16.94 -19.75
CA THR B 290 -12.46 -17.82 -20.26
C THR B 290 -13.19 -17.16 -21.42
N ALA B 291 -13.37 -15.83 -21.38
CA ALA B 291 -14.18 -15.09 -22.37
C ALA B 291 -13.27 -14.67 -23.54
N GLY B 292 -12.87 -15.66 -24.35
CA GLY B 292 -12.19 -15.43 -25.64
C GLY B 292 -10.78 -16.00 -25.69
N GLY B 293 -10.27 -16.51 -24.57
CA GLY B 293 -9.01 -17.32 -24.56
C GLY B 293 -7.76 -16.49 -24.37
N VAL B 294 -6.86 -16.59 -25.35
CA VAL B 294 -5.49 -16.02 -25.31
C VAL B 294 -5.37 -14.85 -26.27
N THR B 295 -5.17 -13.65 -25.74
CA THR B 295 -5.12 -12.38 -26.54
C THR B 295 -3.69 -11.87 -26.54
N PRO B 296 -3.03 -11.76 -27.71
CA PRO B 296 -1.73 -11.07 -27.80
C PRO B 296 -1.91 -9.59 -27.48
N ILE B 297 -0.98 -9.06 -26.71
CA ILE B 297 -0.88 -7.60 -26.40
C ILE B 297 0.35 -7.06 -27.15
N ASN B 298 0.10 -6.39 -28.27
CA ASN B 298 1.14 -6.00 -29.24
C ASN B 298 1.93 -4.78 -28.77
N THR B 299 1.31 -3.92 -27.98
CA THR B 299 1.79 -2.58 -27.62
C THR B 299 1.49 -2.32 -26.14
N LEU B 300 2.41 -1.69 -25.43
CA LEU B 300 2.24 -1.27 -24.01
C LEU B 300 2.63 0.21 -23.93
N ASP B 301 1.72 1.03 -23.42
CA ASP B 301 1.90 2.52 -23.29
C ASP B 301 2.39 3.10 -24.63
N GLY B 302 1.92 2.57 -25.75
CA GLY B 302 2.19 3.11 -27.09
C GLY B 302 3.49 2.61 -27.68
N VAL B 303 4.16 1.66 -27.02
CA VAL B 303 5.49 1.12 -27.43
C VAL B 303 5.29 -0.33 -27.84
N PRO B 304 5.72 -0.73 -29.05
CA PRO B 304 5.53 -2.10 -29.48
C PRO B 304 6.31 -3.06 -28.57
N ILE B 305 5.70 -4.21 -28.25
CA ILE B 305 6.38 -5.36 -27.64
C ILE B 305 6.89 -6.25 -28.80
N GLY B 306 8.18 -6.58 -28.77
CA GLY B 306 8.85 -7.33 -29.84
C GLY B 306 8.73 -6.53 -31.14
N ASP B 307 8.20 -7.13 -32.19
CA ASP B 307 8.02 -6.49 -33.51
C ASP B 307 6.63 -5.86 -33.60
N GLY B 308 5.86 -5.83 -32.50
CA GLY B 308 4.53 -5.18 -32.46
C GLY B 308 3.43 -6.05 -33.03
N GLU B 309 3.69 -7.31 -33.33
CA GLU B 309 2.68 -8.28 -33.79
C GLU B 309 2.64 -9.41 -32.76
N PRO B 310 1.60 -10.28 -32.77
CA PRO B 310 1.55 -11.37 -31.80
C PRO B 310 2.83 -12.21 -31.80
N GLY B 311 3.35 -12.45 -30.60
CA GLY B 311 4.60 -13.18 -30.38
C GLY B 311 4.46 -14.67 -30.67
N PRO B 312 5.58 -15.36 -30.95
CA PRO B 312 5.54 -16.78 -31.32
C PRO B 312 5.02 -17.73 -30.23
N VAL B 313 5.40 -17.54 -28.96
CA VAL B 313 4.89 -18.43 -27.88
C VAL B 313 3.40 -18.15 -27.73
N THR B 314 3.02 -16.87 -27.76
CA THR B 314 1.60 -16.45 -27.62
C THR B 314 0.76 -17.09 -28.74
N VAL B 315 1.22 -16.96 -29.99
CA VAL B 315 0.52 -17.60 -31.15
C VAL B 315 0.49 -19.13 -30.95
N ALA B 316 1.60 -19.77 -30.60
CA ALA B 316 1.61 -21.24 -30.46
C ALA B 316 0.59 -21.66 -29.40
N ILE B 317 0.51 -20.94 -28.27
CA ILE B 317 -0.30 -21.39 -27.12
C ILE B 317 -1.76 -21.10 -27.45
N ARG B 318 -2.05 -19.92 -28.01
CA ARG B 318 -3.41 -19.53 -28.43
C ARG B 318 -3.95 -20.60 -29.38
N ASP B 319 -3.16 -20.98 -30.38
CA ASP B 319 -3.67 -21.86 -31.44
C ASP B 319 -3.96 -23.24 -30.83
N ARG B 320 -3.09 -23.67 -29.91
CA ARG B 320 -3.27 -24.95 -29.19
C ARG B 320 -4.54 -24.88 -28.34
N PHE B 321 -4.73 -23.79 -27.61
CA PHE B 321 -5.93 -23.57 -26.76
C PHE B 321 -7.20 -23.86 -27.56
N TRP B 322 -7.35 -23.29 -28.76
CA TRP B 322 -8.59 -23.42 -29.55
C TRP B 322 -8.74 -24.86 -30.07
N ALA B 323 -7.63 -25.54 -30.38
CA ALA B 323 -7.61 -26.96 -30.82
C ALA B 323 -8.18 -27.83 -29.71
N LEU B 324 -7.97 -27.47 -28.44
CA LEU B 324 -8.46 -28.29 -27.30
C LEU B 324 -9.97 -28.39 -27.32
N MET B 325 -10.66 -27.42 -27.92
CA MET B 325 -12.14 -27.34 -27.86
C MET B 325 -12.75 -28.39 -28.79
N ASP B 326 -11.95 -29.00 -29.67
CA ASP B 326 -12.44 -30.07 -30.57
C ASP B 326 -11.78 -31.44 -30.27
N GLU B 327 -11.08 -31.64 -29.14
CA GLU B 327 -10.34 -32.92 -28.89
C GLU B 327 -10.94 -33.64 -27.71
N PRO B 328 -11.71 -34.73 -27.93
CA PRO B 328 -12.30 -35.46 -26.82
C PRO B 328 -11.19 -35.77 -25.82
N GLY B 329 -11.54 -35.56 -24.56
CA GLY B 329 -10.57 -35.72 -23.47
C GLY B 329 -11.12 -35.10 -22.20
N PRO B 330 -10.33 -35.11 -21.11
CA PRO B 330 -10.81 -34.71 -19.79
C PRO B 330 -11.18 -33.23 -19.71
N LEU B 331 -10.69 -32.40 -20.61
CA LEU B 331 -10.92 -30.93 -20.50
C LEU B 331 -12.27 -30.55 -21.10
N ILE B 332 -12.91 -31.40 -21.93
CA ILE B 332 -14.21 -30.99 -22.54
C ILE B 332 -15.26 -32.07 -22.31
N GLU B 333 -16.51 -31.63 -22.34
CA GLU B 333 -17.69 -32.50 -22.28
C GLU B 333 -18.71 -31.99 -23.30
N ALA B 334 -19.19 -32.88 -24.17
CA ALA B 334 -20.21 -32.59 -25.19
C ALA B 334 -21.56 -32.38 -24.47
N ILE B 335 -22.15 -31.22 -24.70
CA ILE B 335 -23.53 -30.93 -24.26
C ILE B 335 -24.43 -31.80 -25.14
N GLN B 336 -25.40 -32.45 -24.50
CA GLN B 336 -26.37 -33.34 -25.20
C GLN B 336 -27.58 -32.46 -25.56
N TYR B 337 -27.59 -31.87 -26.75
CA TYR B 337 -28.69 -30.97 -27.18
C TYR B 337 -29.91 -31.83 -27.56
N ARG C 19 31.03 30.36 -5.57
CA ARG C 19 29.91 30.85 -6.45
C ARG C 19 29.92 30.14 -7.82
N GLU C 20 28.81 30.24 -8.57
CA GLU C 20 28.70 29.71 -9.95
C GLU C 20 27.79 30.65 -10.73
N ASP C 21 27.67 30.45 -12.03
CA ASP C 21 26.92 31.40 -12.87
C ASP C 21 25.45 31.33 -12.46
N THR C 22 24.81 32.50 -12.44
CA THR C 22 23.35 32.63 -12.36
C THR C 22 22.90 33.47 -13.55
N PRO C 23 21.63 33.37 -13.98
CA PRO C 23 21.18 34.16 -15.13
C PRO C 23 21.30 35.67 -14.86
N ALA C 24 21.81 36.39 -15.86
CA ALA C 24 22.11 37.83 -15.78
C ALA C 24 20.82 38.58 -15.51
N GLY C 25 20.80 39.47 -14.52
CA GLY C 25 19.61 40.29 -14.25
C GLY C 25 18.53 39.54 -13.50
N SER C 26 18.65 38.23 -13.26
CA SER C 26 17.60 37.42 -12.55
C SER C 26 17.60 37.73 -11.05
N VAL C 27 16.60 37.22 -10.34
CA VAL C 27 16.45 37.45 -8.88
C VAL C 27 17.50 36.67 -8.07
N ILE C 28 18.29 35.80 -8.69
CA ILE C 28 19.33 34.97 -8.02
C ILE C 28 20.73 35.50 -8.39
N GLN C 29 21.44 36.05 -7.41
CA GLN C 29 22.80 36.61 -7.58
C GLN C 29 23.58 36.30 -6.31
N TYR C 30 24.76 35.71 -6.50
CA TYR C 30 25.70 35.42 -5.39
C TYR C 30 26.30 36.75 -4.94
N SER C 31 26.96 36.76 -3.79
CA SER C 31 27.61 37.98 -3.24
C SER C 31 28.98 38.16 -3.95
N ASP C 32 29.41 39.41 -4.04
CA ASP C 32 30.74 39.82 -4.58
C ASP C 32 31.65 40.06 -3.39
N TYR C 33 32.58 39.15 -3.13
CA TYR C 33 33.49 39.19 -1.96
C TYR C 33 34.64 38.19 -2.20
N GLU C 34 35.72 38.35 -1.44
CA GLU C 34 36.87 37.42 -1.48
C GLU C 34 37.03 36.85 -0.06
N ILE C 35 37.44 35.60 -0.01
CA ILE C 35 37.67 34.86 1.25
C ILE C 35 39.18 34.92 1.54
N ASP C 36 39.54 35.03 2.80
CA ASP C 36 40.93 34.96 3.32
C ASP C 36 41.29 33.49 3.52
N TYR C 37 42.02 32.87 2.59
CA TYR C 37 42.41 31.44 2.69
C TYR C 37 43.57 31.23 3.69
N SER C 38 43.97 32.23 4.44
CA SER C 38 44.91 32.00 5.56
C SER C 38 44.19 31.25 6.69
N SER C 39 42.86 31.28 6.70
CA SER C 39 42.05 30.46 7.63
C SER C 39 41.91 29.06 7.05
N PRO C 40 42.15 28.01 7.86
CA PRO C 40 41.97 26.64 7.38
C PRO C 40 40.47 26.27 7.27
N PHE C 41 39.62 27.13 7.82
CA PHE C 41 38.13 27.00 7.81
C PHE C 41 37.53 27.58 6.54
N ALA C 42 38.31 28.33 5.79
CA ALA C 42 37.80 29.10 4.65
C ALA C 42 37.17 28.15 3.63
N GLY C 43 35.90 28.38 3.28
CA GLY C 43 35.21 27.62 2.22
C GLY C 43 34.45 26.41 2.75
N GLY C 44 34.57 26.08 4.04
CA GLY C 44 33.89 24.88 4.58
C GLY C 44 34.37 24.50 5.96
N VAL C 45 33.42 24.35 6.87
CA VAL C 45 33.66 24.09 8.32
C VAL C 45 32.69 23.00 8.78
N ALA C 46 33.19 22.06 9.58
CA ALA C 46 32.33 21.09 10.29
C ALA C 46 32.58 21.24 11.78
N TRP C 47 31.59 20.86 12.56
CA TRP C 47 31.70 20.80 14.04
C TRP C 47 31.29 19.39 14.47
N ILE C 48 32.29 18.61 14.88
CA ILE C 48 32.21 17.15 15.13
C ILE C 48 32.87 16.89 16.47
N GLU C 49 32.13 16.25 17.38
CA GLU C 49 32.60 15.88 18.74
C GLU C 49 33.15 17.13 19.45
N GLY C 50 32.43 18.26 19.42
CA GLY C 50 32.70 19.49 20.20
C GLY C 50 33.83 20.37 19.64
N GLU C 51 34.36 20.06 18.47
CA GLU C 51 35.51 20.74 17.80
C GLU C 51 35.15 21.27 16.40
N TYR C 52 35.54 22.50 16.06
CA TYR C 52 35.45 23.04 14.67
C TYR C 52 36.63 22.50 13.86
N LEU C 53 36.38 21.98 12.67
CA LEU C 53 37.39 21.39 11.77
C LEU C 53 37.18 21.96 10.37
N PRO C 54 38.24 21.98 9.53
CA PRO C 54 38.06 22.18 8.09
C PRO C 54 37.15 21.07 7.57
N ALA C 55 36.19 21.40 6.71
CA ALA C 55 35.26 20.41 6.09
C ALA C 55 36.06 19.23 5.53
N GLU C 56 37.15 19.51 4.81
CA GLU C 56 38.07 18.51 4.21
C GLU C 56 38.54 17.47 5.26
N ASP C 57 38.51 17.79 6.56
CA ASP C 57 38.99 16.86 7.62
C ASP C 57 37.84 16.28 8.45
N ALA C 58 36.59 16.57 8.10
CA ALA C 58 35.45 16.21 8.95
C ALA C 58 35.21 14.70 8.81
N LYS C 59 35.41 13.93 9.89
CA LYS C 59 35.22 12.46 9.84
C LYS C 59 34.38 12.05 11.05
N ILE C 60 33.59 11.00 10.90
CA ILE C 60 32.77 10.46 12.01
C ILE C 60 33.20 9.02 12.24
N SER C 61 32.98 8.48 13.42
CA SER C 61 33.17 7.04 13.70
C SER C 61 32.31 6.23 12.74
N ILE C 62 32.89 5.19 12.12
CA ILE C 62 32.13 4.23 11.28
C ILE C 62 31.09 3.51 12.13
N PHE C 63 31.30 3.41 13.45
CA PHE C 63 30.38 2.69 14.37
C PHE C 63 29.28 3.60 14.89
N ASP C 64 29.21 4.87 14.46
CA ASP C 64 28.01 5.70 14.69
C ASP C 64 26.82 4.96 14.06
N THR C 65 25.75 4.69 14.81
CA THR C 65 24.57 3.94 14.30
C THR C 65 23.76 4.86 13.39
N GLY C 66 24.12 6.14 13.34
CA GLY C 66 23.66 7.06 12.28
C GLY C 66 24.13 6.58 10.92
N PHE C 67 25.22 5.84 10.88
CA PHE C 67 25.71 5.17 9.65
C PHE C 67 24.99 3.84 9.49
N GLY C 68 25.30 2.86 10.35
CA GLY C 68 24.87 1.45 10.19
C GLY C 68 23.35 1.21 10.28
N LYS C 69 22.58 2.08 10.93
CA LYS C 69 21.09 1.99 10.98
C LYS C 69 20.44 3.26 10.41
N SER C 70 21.23 4.23 9.95
CA SER C 70 20.70 5.56 9.54
C SER C 70 19.73 6.06 10.62
N ASP C 71 20.14 5.90 11.89
CA ASP C 71 19.29 6.19 13.06
C ASP C 71 19.58 7.63 13.48
N LEU C 72 18.90 8.58 12.84
CA LEU C 72 19.23 10.01 12.94
C LEU C 72 18.10 10.85 12.38
N THR C 73 18.11 12.15 12.67
CA THR C 73 17.38 13.16 11.89
C THR C 73 18.34 14.34 11.65
N TYR C 74 17.88 15.30 10.83
CA TYR C 74 18.72 16.44 10.42
C TYR C 74 17.80 17.52 9.92
N THR C 75 18.41 18.68 9.68
CA THR C 75 17.82 19.77 8.91
C THR C 75 18.90 20.47 8.09
N VAL C 76 18.45 21.22 7.10
CA VAL C 76 19.36 22.02 6.25
C VAL C 76 18.76 23.42 6.18
N ALA C 77 19.59 24.41 6.46
CA ALA C 77 19.25 25.83 6.33
C ALA C 77 20.18 26.40 5.27
N HIS C 78 19.78 27.48 4.65
CA HIS C 78 20.70 28.19 3.74
C HIS C 78 21.06 29.58 4.29
N VAL C 79 22.18 30.07 3.77
CA VAL C 79 22.69 31.44 3.99
C VAL C 79 22.73 32.06 2.60
N TRP C 80 22.21 33.26 2.50
CA TRP C 80 22.17 33.97 1.22
C TRP C 80 22.50 35.43 1.53
N HIS C 81 23.51 35.98 0.85
CA HIS C 81 23.96 37.38 1.05
C HIS C 81 24.32 37.60 2.53
N GLY C 82 24.87 36.58 3.19
CA GLY C 82 25.32 36.68 4.59
C GLY C 82 24.20 36.55 5.58
N ASN C 83 22.97 36.20 5.13
CA ASN C 83 21.76 36.10 6.00
C ASN C 83 21.37 34.63 6.12
N ILE C 84 21.25 34.12 7.34
CA ILE C 84 20.74 32.75 7.55
C ILE C 84 19.20 32.84 7.68
N PHE C 85 18.50 31.92 7.00
CA PHE C 85 17.04 31.96 6.76
C PHE C 85 16.34 30.96 7.68
N ARG C 86 15.48 31.50 8.53
CA ARG C 86 14.49 30.80 9.40
C ARG C 86 15.22 29.78 10.28
N LEU C 87 16.33 30.15 10.86
CA LEU C 87 17.15 29.16 11.61
C LEU C 87 16.33 28.65 12.81
N GLY C 88 15.56 29.51 13.46
CA GLY C 88 14.70 29.14 14.60
C GLY C 88 13.68 28.07 14.21
N ASP C 89 13.01 28.21 13.07
CA ASP C 89 12.05 27.22 12.54
C ASP C 89 12.81 25.91 12.25
N HIS C 90 14.02 25.99 11.68
CA HIS C 90 14.82 24.78 11.38
C HIS C 90 15.16 24.07 12.69
N LEU C 91 15.57 24.81 13.70
CA LEU C 91 15.94 24.19 15.00
C LEU C 91 14.70 23.55 15.62
N ASP C 92 13.56 24.24 15.57
CA ASP C 92 12.28 23.70 16.10
C ASP C 92 11.98 22.38 15.39
N ARG C 93 12.08 22.33 14.06
CA ARG C 93 11.71 21.10 13.33
C ARG C 93 12.70 19.98 13.68
N LEU C 94 14.00 20.29 13.69
CA LEU C 94 15.06 19.30 14.02
C LEU C 94 14.79 18.66 15.39
N LEU C 95 14.55 19.50 16.40
CA LEU C 95 14.42 19.05 17.82
C LEU C 95 13.12 18.31 18.02
N ASP C 96 12.03 18.70 17.34
CA ASP C 96 10.74 17.97 17.39
C ASP C 96 10.92 16.54 16.82
N GLY C 97 11.47 16.38 15.63
CA GLY C 97 11.76 15.03 15.13
C GLY C 97 12.73 14.27 16.03
N ALA C 98 13.73 14.93 16.60
CA ALA C 98 14.71 14.23 17.45
C ALA C 98 13.95 13.68 18.67
N ARG C 99 13.03 14.45 19.21
CA ARG C 99 12.12 14.01 20.30
C ARG C 99 11.32 12.77 19.86
N LYS C 100 10.74 12.76 18.66
CA LYS C 100 9.94 11.62 18.17
C LYS C 100 10.84 10.38 18.05
N LEU C 101 12.13 10.58 17.74
CA LEU C 101 13.08 9.46 17.56
C LEU C 101 13.70 9.03 18.90
N ARG C 102 13.37 9.71 20.01
CA ARG C 102 13.98 9.51 21.35
C ARG C 102 15.48 9.81 21.28
N LEU C 103 15.85 10.81 20.47
CA LEU C 103 17.22 11.35 20.40
C LEU C 103 17.31 12.56 21.33
N ASP C 104 18.49 12.79 21.91
CA ASP C 104 18.73 13.99 22.76
C ASP C 104 20.02 14.63 22.30
N PRO C 105 20.00 15.85 21.73
CA PRO C 105 21.22 16.44 21.17
C PRO C 105 22.23 16.83 22.26
N GLY C 106 21.74 17.04 23.49
CA GLY C 106 22.55 17.41 24.69
C GLY C 106 22.96 18.86 24.62
N TYR C 107 22.39 19.63 23.70
CA TYR C 107 22.51 21.11 23.65
C TYR C 107 21.13 21.70 23.54
N THR C 108 20.99 22.94 23.99
CA THR C 108 19.75 23.74 23.88
C THR C 108 19.66 24.29 22.45
N LYS C 109 18.46 24.69 22.06
CA LYS C 109 18.21 25.37 20.77
C LYS C 109 19.18 26.55 20.63
N ASP C 110 19.27 27.43 21.63
CA ASP C 110 20.14 28.63 21.53
C ASP C 110 21.62 28.22 21.40
N GLU C 111 22.05 27.14 22.05
CA GLU C 111 23.45 26.65 21.92
C GLU C 111 23.66 26.19 20.48
N LEU C 112 22.74 25.42 19.95
CA LEU C 112 22.83 24.92 18.54
C LEU C 112 22.86 26.10 17.56
N ALA C 113 22.04 27.12 17.80
CA ALA C 113 21.94 28.32 16.96
C ALA C 113 23.32 29.00 16.98
N ASP C 114 23.95 29.16 18.17
CA ASP C 114 25.29 29.80 18.29
C ASP C 114 26.34 29.03 17.50
N ILE C 115 26.38 27.71 17.64
CA ILE C 115 27.38 26.84 16.97
C ILE C 115 27.17 26.90 15.45
N THR C 116 25.91 26.89 15.04
CA THR C 116 25.55 26.96 13.60
C THR C 116 26.09 28.26 13.00
N LYS C 117 25.74 29.39 13.60
CA LYS C 117 26.21 30.72 13.11
C LYS C 117 27.75 30.76 13.14
N LYS C 118 28.39 30.17 14.14
CA LYS C 118 29.88 30.16 14.23
C LYS C 118 30.49 29.36 13.05
N CYS C 119 29.93 28.20 12.69
CA CYS C 119 30.37 27.45 11.49
C CYS C 119 30.30 28.38 10.26
N VAL C 120 29.17 29.05 10.04
CA VAL C 120 29.01 29.96 8.85
C VAL C 120 30.12 31.03 8.91
N MET C 121 30.23 31.71 10.04
CA MET C 121 31.23 32.79 10.23
C MET C 121 32.62 32.24 9.89
N LEU C 122 32.99 31.06 10.39
CA LEU C 122 34.38 30.54 10.19
C LEU C 122 34.54 30.15 8.73
N SER C 123 33.47 29.73 8.05
CA SER C 123 33.54 29.34 6.61
C SER C 123 33.83 30.57 5.75
N GLN C 124 33.47 31.77 6.21
CA GLN C 124 33.46 33.07 5.48
C GLN C 124 32.46 33.06 4.31
N LEU C 125 31.63 32.02 4.21
CA LEU C 125 30.69 31.86 3.07
C LEU C 125 29.46 32.74 3.31
N ARG C 126 29.14 33.56 2.30
CA ARG C 126 27.96 34.47 2.30
C ARG C 126 26.77 33.72 1.69
N GLU C 127 27.05 32.72 0.84
CA GLU C 127 26.05 31.77 0.30
C GLU C 127 26.51 30.40 0.76
N SER C 128 25.64 29.70 1.51
CA SER C 128 26.08 28.46 2.16
C SER C 128 24.89 27.51 2.36
N PHE C 129 25.22 26.22 2.26
CA PHE C 129 24.42 25.05 2.68
C PHE C 129 24.86 24.64 4.10
N VAL C 130 23.92 24.66 5.04
CA VAL C 130 24.19 24.44 6.48
C VAL C 130 23.40 23.20 6.90
N ASN C 131 24.09 22.19 7.41
CA ASN C 131 23.48 20.90 7.84
C ASN C 131 23.67 20.78 9.36
N LEU C 132 22.60 20.50 10.08
CA LEU C 132 22.62 19.99 11.49
C LEU C 132 22.07 18.57 11.50
N THR C 133 22.85 17.59 11.99
CA THR C 133 22.49 16.17 12.10
C THR C 133 22.58 15.78 13.57
N ILE C 134 21.60 15.04 14.03
CA ILE C 134 21.63 14.38 15.36
C ILE C 134 21.54 12.88 15.11
N THR C 135 22.58 12.12 15.48
CA THR C 135 22.63 10.64 15.35
C THR C 135 22.38 9.95 16.70
N ARG C 136 22.00 8.68 16.63
CA ARG C 136 21.89 7.81 17.83
C ARG C 136 23.31 7.61 18.42
N GLY C 137 24.33 7.68 17.59
CA GLY C 137 25.74 7.68 18.04
C GLY C 137 26.27 6.29 18.32
N TYR C 138 27.28 6.20 19.19
CA TYR C 138 28.09 4.98 19.42
C TYR C 138 28.27 4.86 20.94
N GLY C 139 28.68 3.70 21.41
CA GLY C 139 28.93 3.45 22.85
C GLY C 139 30.41 3.34 23.10
N LYS C 140 30.85 2.71 24.19
CA LYS C 140 32.31 2.55 24.48
C LYS C 140 32.86 1.48 23.52
N ARG C 141 32.05 0.51 23.14
CA ARG C 141 32.48 -0.61 22.27
C ARG C 141 31.85 -0.47 20.88
N PRO C 142 32.63 -0.65 19.79
CA PRO C 142 32.03 -0.76 18.46
C PRO C 142 31.03 -1.92 18.55
N GLY C 143 29.87 -1.82 17.93
CA GLY C 143 28.95 -2.98 17.96
C GLY C 143 28.07 -3.02 19.21
N GLU C 144 28.15 -2.02 20.10
CA GLU C 144 27.08 -1.74 21.11
C GLU C 144 25.74 -1.64 20.37
N ARG C 145 24.74 -2.38 20.86
CA ARG C 145 23.40 -2.38 20.23
C ARG C 145 22.35 -1.85 21.21
N ASP C 146 22.65 -1.88 22.52
CA ASP C 146 21.70 -1.33 23.53
C ASP C 146 21.60 0.21 23.40
N LEU C 147 20.46 0.72 22.94
CA LEU C 147 20.26 2.17 22.63
C LEU C 147 20.55 2.99 23.88
N SER C 148 20.25 2.45 25.07
CA SER C 148 20.47 3.17 26.37
C SER C 148 21.98 3.40 26.61
N LYS C 149 22.87 2.67 25.92
CA LYS C 149 24.34 2.77 26.06
C LYS C 149 24.98 3.56 24.92
N LEU C 150 24.18 4.06 23.97
CA LEU C 150 24.73 4.85 22.82
C LEU C 150 24.70 6.33 23.22
N THR C 151 25.77 7.07 23.00
CA THR C 151 25.77 8.54 23.22
C THR C 151 25.38 9.24 21.91
N ASN C 152 24.25 9.94 21.90
CA ASN C 152 23.78 10.65 20.68
C ASN C 152 24.84 11.69 20.31
N GLN C 153 25.01 11.95 19.01
CA GLN C 153 26.06 12.87 18.48
C GLN C 153 25.38 13.98 17.67
N VAL C 154 25.88 15.20 17.82
CA VAL C 154 25.53 16.36 16.94
C VAL C 154 26.71 16.66 16.02
N TYR C 155 26.43 16.73 14.73
CA TYR C 155 27.39 17.11 13.65
C TYR C 155 26.76 18.29 12.92
N ILE C 156 27.54 19.36 12.77
CA ILE C 156 27.06 20.59 12.05
C ILE C 156 28.11 20.92 10.99
N TYR C 157 27.68 21.34 9.81
CA TYR C 157 28.64 21.86 8.82
C TYR C 157 28.01 22.98 8.00
N ALA C 158 28.91 23.82 7.47
CA ALA C 158 28.58 24.89 6.53
C ALA C 158 29.54 24.77 5.36
N ILE C 159 28.98 24.61 4.15
CA ILE C 159 29.80 24.43 2.93
C ILE C 159 29.18 25.27 1.82
N PRO C 160 29.84 25.39 0.65
CA PRO C 160 29.31 26.23 -0.42
C PRO C 160 27.89 25.80 -0.79
N TYR C 161 27.15 26.74 -1.37
CA TYR C 161 25.71 26.59 -1.66
C TYR C 161 25.54 25.39 -2.58
N ILE C 162 24.52 24.58 -2.28
CA ILE C 162 24.12 23.38 -3.06
C ILE C 162 22.76 23.65 -3.72
N TRP C 163 22.66 23.37 -5.01
CA TRP C 163 21.45 23.56 -5.85
C TRP C 163 20.79 22.20 -6.10
N ALA C 164 19.56 21.97 -5.65
CA ALA C 164 18.79 20.78 -6.06
C ALA C 164 18.49 20.90 -7.56
N PHE C 165 18.30 22.11 -8.08
CA PHE C 165 18.22 22.39 -9.54
C PHE C 165 19.17 23.52 -9.84
N PRO C 166 19.85 23.54 -10.98
CA PRO C 166 20.74 24.66 -11.29
C PRO C 166 20.04 26.01 -11.28
N PRO C 167 20.77 27.13 -11.05
CA PRO C 167 20.22 28.47 -11.18
C PRO C 167 19.43 28.66 -12.49
N GLU C 168 19.99 28.21 -13.61
CA GLU C 168 19.33 28.36 -14.93
C GLU C 168 17.92 27.75 -14.84
N GLU C 169 17.76 26.58 -14.19
CA GLU C 169 16.44 25.90 -14.09
C GLU C 169 15.53 26.62 -13.06
N GLN C 170 16.09 27.24 -12.02
CA GLN C 170 15.33 28.08 -11.08
C GLN C 170 14.60 29.18 -11.88
N ILE C 171 15.25 29.74 -12.90
CA ILE C 171 14.66 30.93 -13.60
C ILE C 171 13.77 30.48 -14.74
N PHE C 172 14.19 29.48 -15.50
CA PHE C 172 13.55 29.08 -16.79
C PHE C 172 12.80 27.74 -16.68
N GLY C 173 12.97 27.00 -15.57
CA GLY C 173 12.19 25.77 -15.31
C GLY C 173 12.95 24.47 -15.60
N THR C 174 12.49 23.39 -15.00
CA THR C 174 13.04 22.02 -15.16
C THR C 174 11.93 21.14 -15.76
N THR C 175 12.18 19.85 -15.85
CA THR C 175 11.19 18.85 -16.34
C THR C 175 11.12 17.73 -15.30
N ALA C 176 9.97 17.09 -15.19
CA ALA C 176 9.74 16.00 -14.22
C ALA C 176 9.06 14.82 -14.91
N VAL C 177 9.28 13.65 -14.31
CA VAL C 177 8.52 12.42 -14.62
C VAL C 177 7.97 11.88 -13.30
N VAL C 178 6.84 11.19 -13.43
CA VAL C 178 6.38 10.27 -12.35
C VAL C 178 7.04 8.91 -12.59
N PRO C 179 7.77 8.31 -11.62
CA PRO C 179 8.36 6.98 -11.81
C PRO C 179 7.36 5.91 -12.21
N ARG C 180 7.77 5.02 -13.12
CA ARG C 180 7.07 3.76 -13.42
C ARG C 180 7.32 2.73 -12.31
N HIS C 181 8.44 2.78 -11.60
CA HIS C 181 8.91 1.58 -10.86
C HIS C 181 9.05 1.83 -9.34
N VAL C 182 8.87 3.06 -8.90
CA VAL C 182 9.20 3.51 -7.53
C VAL C 182 8.01 4.30 -6.97
N ARG C 183 7.80 4.18 -5.67
CA ARG C 183 6.90 5.04 -4.90
C ARG C 183 7.62 5.52 -3.65
N ARG C 184 7.10 6.56 -3.03
CA ARG C 184 7.67 7.13 -1.81
C ARG C 184 7.31 6.17 -0.67
N ALA C 185 8.27 5.86 0.17
CA ALA C 185 8.01 5.11 1.42
C ALA C 185 6.91 5.83 2.20
N GLY C 186 5.93 5.10 2.73
CA GLY C 186 4.84 5.73 3.50
C GLY C 186 5.23 6.09 4.93
N ARG C 187 4.42 6.94 5.55
CA ARG C 187 4.62 7.46 6.91
C ARG C 187 4.74 6.32 7.92
N ASN C 188 4.20 5.14 7.63
CA ASN C 188 4.22 3.97 8.55
C ASN C 188 5.41 3.04 8.25
N THR C 189 6.31 3.43 7.32
CA THR C 189 7.51 2.62 7.00
C THR C 189 8.73 3.45 7.38
N VAL C 190 9.47 3.95 6.42
CA VAL C 190 10.52 4.97 6.69
C VAL C 190 9.82 6.33 6.51
N ASP C 191 9.52 6.97 7.63
CA ASP C 191 8.56 8.09 7.70
C ASP C 191 9.15 9.36 7.06
N PRO C 192 8.58 9.83 5.94
CA PRO C 192 9.04 11.07 5.30
C PRO C 192 8.76 12.33 6.12
N THR C 193 7.89 12.28 7.12
CA THR C 193 7.53 13.48 7.91
C THR C 193 8.62 13.78 8.94
N ILE C 194 9.63 12.92 9.07
CA ILE C 194 10.86 13.21 9.88
C ILE C 194 12.06 13.20 8.95
N1 LLP C 195 11.43 16.80 1.04
C2 LLP C 195 12.62 16.23 1.16
C2' LLP C 195 12.71 14.74 1.02
C3 LLP C 195 13.79 17.04 1.43
O3 LLP C 195 14.96 16.37 1.57
C4 LLP C 195 13.73 18.43 1.53
C4' LLP C 195 14.96 19.25 2.00
C5 LLP C 195 12.43 18.98 1.35
C6 LLP C 195 11.35 18.15 1.13
C5' LLP C 195 12.18 20.45 1.41
OP4 LLP C 195 12.11 20.89 2.80
P LLP C 195 12.73 22.33 3.17
OP1 LLP C 195 11.98 23.35 2.37
OP2 LLP C 195 14.21 22.31 2.83
OP3 LLP C 195 12.44 22.35 4.68
N LLP C 195 12.74 14.36 8.75
CA LLP C 195 13.80 14.48 7.74
CB LLP C 195 14.43 15.90 7.57
CG LLP C 195 15.04 16.31 6.18
CD LLP C 195 15.53 17.76 5.78
CE LLP C 195 15.89 18.05 4.12
NZ LLP C 195 15.37 19.25 3.38
C LLP C 195 14.87 13.42 8.02
O LLP C 195 15.31 13.25 9.16
N ASN C 196 15.28 12.70 6.98
CA ASN C 196 16.13 11.54 7.16
C ASN C 196 17.08 11.35 5.97
N TYR C 197 18.12 10.56 6.17
CA TYR C 197 19.15 10.24 5.16
C TYR C 197 18.79 8.96 4.40
N GLN C 198 17.61 8.39 4.62
CA GLN C 198 17.21 7.06 4.07
C GLN C 198 16.61 7.32 2.71
N TRP C 199 17.44 7.50 1.70
CA TRP C 199 16.98 8.01 0.39
C TRP C 199 16.79 6.87 -0.60
N GLY C 200 16.68 5.62 -0.12
CA GLY C 200 16.65 4.50 -1.06
C GLY C 200 15.65 4.69 -2.20
N ASP C 201 14.42 5.08 -1.88
CA ASP C 201 13.36 5.34 -2.88
C ASP C 201 13.65 6.60 -3.71
N LEU C 202 14.04 7.68 -3.05
CA LEU C 202 14.36 8.97 -3.71
C LEU C 202 15.53 8.79 -4.71
N THR C 203 16.57 8.05 -4.31
CA THR C 203 17.74 7.72 -5.16
C THR C 203 17.26 6.89 -6.37
N ALA C 204 16.47 5.85 -6.16
CA ALA C 204 15.90 5.03 -7.27
C ALA C 204 15.09 5.94 -8.22
N ALA C 205 14.23 6.81 -7.69
CA ALA C 205 13.42 7.75 -8.50
C ALA C 205 14.31 8.70 -9.33
N SER C 206 15.35 9.30 -8.73
CA SER C 206 16.34 10.19 -9.42
C SER C 206 17.04 9.42 -10.52
N PHE C 207 17.49 8.18 -10.28
CA PHE C 207 18.08 7.37 -11.38
C PHE C 207 17.06 7.15 -12.51
N GLU C 208 15.80 6.90 -12.16
CA GLU C 208 14.75 6.69 -13.18
C GLU C 208 14.57 7.98 -14.00
N ALA C 209 14.51 9.13 -13.34
CA ALA C 209 14.38 10.42 -14.06
C ALA C 209 15.59 10.62 -14.99
N LYS C 210 16.80 10.41 -14.48
CA LYS C 210 18.04 10.52 -15.30
C LYS C 210 17.94 9.58 -16.51
N ASP C 211 17.55 8.32 -16.30
CA ASP C 211 17.47 7.31 -17.38
C ASP C 211 16.47 7.80 -18.42
N ARG C 212 15.46 8.55 -17.97
CA ARG C 212 14.33 8.99 -18.81
C ARG C 212 14.55 10.41 -19.37
N GLY C 213 15.73 10.97 -19.19
CA GLY C 213 16.11 12.28 -19.79
C GLY C 213 15.32 13.41 -19.20
N ALA C 214 15.01 13.30 -17.90
CA ALA C 214 14.16 14.31 -17.21
C ALA C 214 14.97 14.94 -16.10
N GLY C 215 14.58 16.16 -15.70
CA GLY C 215 15.27 16.93 -14.66
C GLY C 215 15.12 16.25 -13.31
N THR C 216 13.99 15.62 -13.05
CA THR C 216 13.67 15.08 -11.70
C THR C 216 12.42 14.19 -11.71
N ALA C 217 12.12 13.65 -10.52
CA ALA C 217 11.00 12.71 -10.32
C ALA C 217 10.07 13.34 -9.29
N ILE C 218 8.77 13.14 -9.51
CA ILE C 218 7.71 13.38 -8.52
C ILE C 218 7.16 12.02 -8.12
N LEU C 219 7.32 11.65 -6.86
CA LEU C 219 6.89 10.32 -6.38
C LEU C 219 5.43 10.39 -5.90
N MET C 220 4.71 9.29 -6.13
CA MET C 220 3.35 9.01 -5.63
C MET C 220 3.44 8.20 -4.32
N ASP C 221 2.44 8.32 -3.45
CA ASP C 221 2.31 7.43 -2.27
C ASP C 221 1.45 6.22 -2.65
N ALA C 222 1.16 5.33 -1.70
CA ALA C 222 0.49 4.03 -1.96
C ALA C 222 -0.93 4.23 -2.54
N ASP C 223 -1.58 5.36 -2.27
CA ASP C 223 -2.95 5.66 -2.75
C ASP C 223 -2.94 6.55 -4.01
N ASN C 224 -1.84 6.63 -4.76
CA ASN C 224 -1.73 7.52 -5.95
C ASN C 224 -2.07 8.97 -5.61
N CYS C 225 -1.60 9.42 -4.45
CA CYS C 225 -1.55 10.86 -4.05
C CYS C 225 -0.10 11.33 -4.18
N VAL C 226 0.11 12.56 -4.60
CA VAL C 226 1.50 13.10 -4.65
C VAL C 226 2.13 13.03 -3.27
N ALA C 227 3.36 12.54 -3.22
CA ALA C 227 4.18 12.49 -1.99
C ALA C 227 5.08 13.71 -2.03
N GLU C 228 6.26 13.56 -2.63
CA GLU C 228 7.23 14.65 -2.77
C GLU C 228 8.28 14.19 -3.77
N GLY C 229 9.34 14.96 -3.92
CA GLY C 229 10.45 14.58 -4.80
C GLY C 229 11.72 14.36 -3.99
N PRO C 230 12.80 13.92 -4.69
CA PRO C 230 14.11 13.71 -4.08
C PRO C 230 14.76 15.02 -3.63
N GLY C 231 14.41 15.49 -2.43
CA GLY C 231 14.98 16.71 -1.82
C GLY C 231 14.10 17.93 -1.94
N PHE C 232 12.79 17.77 -2.18
CA PHE C 232 11.87 18.90 -2.33
C PHE C 232 10.41 18.48 -2.13
N ASN C 233 9.60 19.44 -1.68
CA ASN C 233 8.14 19.36 -1.70
C ASN C 233 7.65 19.83 -3.05
N VAL C 234 6.47 19.36 -3.43
CA VAL C 234 5.75 19.75 -4.67
C VAL C 234 4.55 20.61 -4.28
N CYS C 235 4.38 21.74 -4.97
CA CYS C 235 3.14 22.53 -4.93
C CYS C 235 2.54 22.57 -6.33
N ILE C 236 1.21 22.51 -6.41
CA ILE C 236 0.51 22.75 -7.69
C ILE C 236 -0.35 24.00 -7.56
N VAL C 237 -0.67 24.57 -8.69
CA VAL C 237 -1.69 25.62 -8.83
C VAL C 237 -2.77 25.08 -9.76
N LYS C 238 -4.02 25.24 -9.35
CA LYS C 238 -5.15 24.95 -10.25
C LYS C 238 -6.22 26.01 -9.97
N ASP C 239 -6.66 26.68 -11.03
CA ASP C 239 -7.71 27.73 -11.01
C ASP C 239 -7.30 28.81 -9.98
N GLY C 240 -6.02 29.17 -9.93
CA GLY C 240 -5.47 30.27 -9.11
C GLY C 240 -5.33 29.88 -7.65
N LYS C 241 -5.43 28.59 -7.30
CA LYS C 241 -5.31 28.12 -5.90
C LYS C 241 -4.12 27.16 -5.79
N LEU C 242 -3.36 27.28 -4.71
CA LEU C 242 -2.16 26.45 -4.48
C LEU C 242 -2.53 25.31 -3.53
N ALA C 243 -1.97 24.13 -3.79
CA ALA C 243 -2.11 22.94 -2.94
C ALA C 243 -0.76 22.25 -2.81
N SER C 244 -0.50 21.65 -1.65
CA SER C 244 0.73 20.87 -1.45
C SER C 244 0.36 19.68 -0.57
N PRO C 245 0.86 18.47 -0.89
CA PRO C 245 0.58 17.27 -0.11
C PRO C 245 0.73 17.48 1.40
N SER C 246 -0.22 16.91 2.14
CA SER C 246 -0.28 16.97 3.61
C SER C 246 0.30 15.71 4.25
N ARG C 247 0.25 14.55 3.59
CA ARG C 247 0.58 13.26 4.26
C ARG C 247 2.06 12.83 4.07
N ASN C 248 2.45 12.26 2.94
CA ASN C 248 3.75 11.56 2.80
C ASN C 248 4.82 12.50 2.23
N ALA C 249 5.17 13.51 3.03
CA ALA C 249 6.00 14.67 2.62
C ALA C 249 6.59 15.27 3.86
N LEU C 250 7.84 15.69 3.77
CA LEU C 250 8.44 16.52 4.84
C LEU C 250 7.65 17.80 4.96
N PRO C 251 7.36 18.25 6.21
CA PRO C 251 6.77 19.57 6.42
C PRO C 251 7.85 20.63 6.17
N GLY C 252 8.03 20.97 4.89
CA GLY C 252 9.10 21.86 4.44
C GLY C 252 8.98 23.27 4.99
N ILE C 253 10.14 23.88 5.25
CA ILE C 253 10.24 25.30 5.66
C ILE C 253 10.13 26.18 4.40
N THR C 254 10.60 25.73 3.25
CA THR C 254 10.31 26.48 1.98
C THR C 254 8.82 26.46 1.71
N ARG C 255 8.18 25.29 1.83
CA ARG C 255 6.71 25.17 1.69
C ARG C 255 6.02 26.13 2.66
N LYS C 256 6.45 26.16 3.93
CA LYS C 256 5.86 27.07 4.94
C LYS C 256 5.95 28.53 4.43
N THR C 257 7.12 28.92 3.90
CA THR C 257 7.41 30.28 3.37
C THR C 257 6.47 30.54 2.18
N VAL C 258 6.42 29.58 1.25
CA VAL C 258 5.57 29.69 0.02
C VAL C 258 4.12 29.96 0.42
N PHE C 259 3.62 29.26 1.45
CA PHE C 259 2.21 29.41 1.90
C PHE C 259 2.05 30.81 2.51
N GLU C 260 3.04 31.30 3.28
CA GLU C 260 2.97 32.67 3.84
C GLU C 260 2.96 33.69 2.68
N ILE C 261 3.82 33.50 1.68
CA ILE C 261 3.89 34.41 0.49
C ILE C 261 2.52 34.38 -0.21
N ALA C 262 1.97 33.17 -0.43
CA ALA C 262 0.68 33.00 -1.13
C ALA C 262 -0.43 33.75 -0.39
N GLY C 263 -0.56 33.54 0.94
CA GLY C 263 -1.51 34.27 1.78
C GLY C 263 -1.37 35.79 1.57
N ALA C 264 -0.16 36.33 1.59
CA ALA C 264 0.09 37.79 1.49
C ALA C 264 -0.22 38.29 0.08
N MET C 265 -0.26 37.40 -0.92
CA MET C 265 -0.65 37.74 -2.30
C MET C 265 -2.17 37.60 -2.49
N GLY C 266 -2.93 37.12 -1.51
CA GLY C 266 -4.39 36.82 -1.66
C GLY C 266 -4.65 35.52 -2.38
N ILE C 267 -3.69 34.60 -2.46
CA ILE C 267 -3.78 33.27 -3.13
C ILE C 267 -4.16 32.23 -2.08
N GLU C 268 -5.26 31.52 -2.29
CA GLU C 268 -5.66 30.41 -1.39
C GLU C 268 -4.64 29.26 -1.51
N ALA C 269 -4.18 28.76 -0.38
CA ALA C 269 -3.15 27.73 -0.28
C ALA C 269 -3.61 26.68 0.75
N ALA C 270 -3.67 25.42 0.34
CA ALA C 270 -4.15 24.29 1.18
C ALA C 270 -3.11 23.16 1.25
N LEU C 271 -2.89 22.66 2.46
CA LEU C 271 -2.17 21.39 2.67
C LEU C 271 -3.24 20.31 2.64
N ARG C 272 -3.27 19.51 1.60
CA ARG C 272 -4.30 18.46 1.40
C ARG C 272 -3.72 17.34 0.54
N ASP C 273 -4.49 16.29 0.33
CA ASP C 273 -4.14 15.24 -0.64
C ASP C 273 -4.29 15.88 -2.01
N VAL C 274 -3.31 15.66 -2.85
CA VAL C 274 -3.27 16.04 -4.27
C VAL C 274 -3.22 14.71 -5.00
N THR C 275 -4.29 14.36 -5.69
CA THR C 275 -4.37 13.05 -6.36
C THR C 275 -3.48 13.07 -7.60
N SER C 276 -3.14 11.90 -8.11
CA SER C 276 -2.46 11.78 -9.41
C SER C 276 -3.25 12.55 -10.48
N HIS C 277 -4.59 12.50 -10.43
CA HIS C 277 -5.46 13.21 -11.42
C HIS C 277 -5.13 14.70 -11.34
N GLU C 278 -5.03 15.24 -10.12
CA GLU C 278 -4.80 16.68 -9.93
C GLU C 278 -3.38 17.10 -10.32
N LEU C 279 -2.37 16.24 -10.14
CA LEU C 279 -0.99 16.55 -10.58
C LEU C 279 -0.98 16.72 -12.11
N TYR C 280 -1.48 15.72 -12.82
CA TYR C 280 -1.46 15.73 -14.30
C TYR C 280 -2.36 16.83 -14.86
N ASP C 281 -3.38 17.27 -14.12
CA ASP C 281 -4.32 18.33 -14.60
C ASP C 281 -3.90 19.72 -14.13
N ALA C 282 -2.74 19.85 -13.46
CA ALA C 282 -2.37 21.09 -12.74
C ALA C 282 -2.13 22.22 -13.76
N ASP C 283 -2.45 23.46 -13.41
CA ASP C 283 -2.11 24.65 -14.25
C ASP C 283 -0.62 24.98 -14.10
N GLU C 284 -0.04 24.77 -12.92
CA GLU C 284 1.39 24.98 -12.63
C GLU C 284 1.81 23.90 -11.64
N ILE C 285 3.07 23.55 -11.72
CA ILE C 285 3.78 22.65 -10.76
C ILE C 285 5.11 23.30 -10.40
N MET C 286 5.48 23.23 -9.12
CA MET C 286 6.77 23.77 -8.67
C MET C 286 7.39 22.84 -7.64
N ALA C 287 8.70 22.86 -7.57
CA ALA C 287 9.51 22.23 -6.52
C ALA C 287 9.93 23.31 -5.53
N VAL C 288 9.87 22.98 -4.25
CA VAL C 288 10.26 23.95 -3.20
C VAL C 288 11.20 23.22 -2.25
N THR C 289 12.34 23.85 -1.97
CA THR C 289 13.35 23.27 -1.05
C THR C 289 14.35 24.34 -0.63
N THR C 290 15.00 24.12 0.50
CA THR C 290 16.01 25.03 1.07
C THR C 290 17.14 25.17 0.06
N ALA C 291 17.53 24.09 -0.60
CA ALA C 291 18.69 24.10 -1.52
C ALA C 291 18.23 24.63 -2.88
N GLY C 292 18.00 25.94 -2.97
CA GLY C 292 17.76 26.62 -4.25
C GLY C 292 16.38 27.22 -4.40
N GLY C 293 15.46 26.99 -3.46
CA GLY C 293 14.19 27.73 -3.40
C GLY C 293 13.05 27.12 -4.22
N VAL C 294 12.51 27.91 -5.13
CA VAL C 294 11.25 27.60 -5.86
C VAL C 294 11.60 27.37 -7.32
N THR C 295 11.41 26.15 -7.82
CA THR C 295 11.80 25.73 -9.19
C THR C 295 10.54 25.45 -9.99
N PRO C 296 10.28 26.21 -11.10
CA PRO C 296 9.15 25.90 -11.97
C PRO C 296 9.38 24.55 -12.65
N ILE C 297 8.32 23.76 -12.80
CA ILE C 297 8.36 22.47 -13.55
C ILE C 297 7.53 22.65 -14.80
N ASN C 298 8.21 22.74 -15.94
CA ASN C 298 7.64 23.16 -17.23
C ASN C 298 6.83 22.02 -17.86
N THR C 299 7.27 20.77 -17.69
CA THR C 299 6.65 19.59 -18.34
C THR C 299 6.59 18.42 -17.34
N LEU C 300 5.57 17.59 -17.48
CA LEU C 300 5.38 16.37 -16.67
C LEU C 300 5.20 15.21 -17.65
N ASP C 301 6.07 14.19 -17.62
CA ASP C 301 6.03 13.05 -18.60
C ASP C 301 5.97 13.59 -20.04
N GLY C 302 6.70 14.66 -20.31
CA GLY C 302 6.81 15.27 -21.65
C GLY C 302 5.67 16.23 -21.98
N VAL C 303 4.65 16.36 -21.14
CA VAL C 303 3.44 17.19 -21.46
C VAL C 303 3.65 18.55 -20.83
N PRO C 304 3.60 19.64 -21.60
CA PRO C 304 3.78 20.98 -21.03
C PRO C 304 2.72 21.22 -19.96
N ILE C 305 3.15 21.85 -18.87
CA ILE C 305 2.22 22.39 -17.83
C ILE C 305 1.94 23.83 -18.26
N GLY C 306 0.68 24.18 -18.44
CA GLY C 306 0.29 25.50 -19.00
C GLY C 306 0.90 25.65 -20.36
N ASP C 307 1.62 26.74 -20.62
CA ASP C 307 2.33 26.97 -21.90
C ASP C 307 3.76 26.38 -21.87
N GLY C 308 4.14 25.58 -20.87
CA GLY C 308 5.47 24.95 -20.91
C GLY C 308 6.59 25.90 -20.51
N GLU C 309 6.26 27.01 -19.87
CA GLU C 309 7.20 27.99 -19.31
C GLU C 309 6.74 28.22 -17.88
N PRO C 310 7.64 28.76 -17.03
CA PRO C 310 7.31 29.01 -15.64
C PRO C 310 5.97 29.76 -15.52
N GLY C 311 5.13 29.26 -14.63
CA GLY C 311 3.78 29.82 -14.44
C GLY C 311 3.80 31.12 -13.66
N PRO C 312 2.73 31.91 -13.81
CA PRO C 312 2.64 33.24 -13.20
C PRO C 312 2.67 33.22 -11.67
N VAL C 313 1.98 32.26 -11.03
CA VAL C 313 1.99 32.15 -9.54
C VAL C 313 3.41 31.75 -9.12
N THR C 314 3.97 30.76 -9.80
CA THR C 314 5.33 30.22 -9.52
C THR C 314 6.36 31.35 -9.58
N VAL C 315 6.32 32.15 -10.64
CA VAL C 315 7.29 33.26 -10.83
C VAL C 315 7.12 34.30 -9.69
N ALA C 316 5.89 34.70 -9.38
CA ALA C 316 5.59 35.71 -8.36
C ALA C 316 6.13 35.22 -7.01
N ILE C 317 5.84 33.97 -6.65
CA ILE C 317 6.28 33.37 -5.37
C ILE C 317 7.81 33.23 -5.36
N ARG C 318 8.42 32.72 -6.44
CA ARG C 318 9.89 32.55 -6.51
C ARG C 318 10.57 33.93 -6.34
N ASP C 319 10.10 34.96 -7.03
CA ASP C 319 10.77 36.29 -6.99
C ASP C 319 10.59 36.87 -5.59
N ARG C 320 9.44 36.71 -4.99
CA ARG C 320 9.22 37.14 -3.59
C ARG C 320 10.19 36.40 -2.67
N PHE C 321 10.29 35.07 -2.77
CA PHE C 321 11.18 34.25 -1.93
C PHE C 321 12.60 34.84 -1.92
N TRP C 322 13.16 35.13 -3.08
CA TRP C 322 14.54 35.67 -3.16
C TRP C 322 14.62 37.07 -2.52
N ALA C 323 13.58 37.89 -2.63
CA ALA C 323 13.55 39.25 -2.00
C ALA C 323 13.60 39.13 -0.48
N LEU C 324 13.01 38.08 0.09
CA LEU C 324 12.95 37.87 1.55
C LEU C 324 14.36 37.74 2.13
N MET C 325 15.29 37.24 1.33
CA MET C 325 16.68 37.04 1.81
C MET C 325 17.30 38.39 2.18
N ASP C 326 17.02 39.44 1.41
CA ASP C 326 17.61 40.77 1.68
C ASP C 326 16.78 41.68 2.59
N GLU C 327 15.53 41.33 2.91
CA GLU C 327 14.67 42.28 3.67
C GLU C 327 14.84 42.08 5.17
N PRO C 328 15.32 43.08 5.95
CA PRO C 328 15.42 42.91 7.38
C PRO C 328 14.07 42.49 7.94
N GLY C 329 14.09 41.53 8.86
CA GLY C 329 12.91 41.14 9.63
C GLY C 329 13.10 39.78 10.29
N PRO C 330 12.01 39.17 10.81
CA PRO C 330 12.13 37.96 11.64
C PRO C 330 12.67 36.70 10.93
N LEU C 331 12.60 36.64 9.60
CA LEU C 331 12.97 35.42 8.82
C LEU C 331 14.49 35.33 8.63
N ILE C 332 15.19 36.46 8.74
CA ILE C 332 16.64 36.48 8.42
C ILE C 332 17.43 37.04 9.59
N GLU C 333 18.65 36.54 9.72
CA GLU C 333 19.65 37.06 10.68
C GLU C 333 21.00 37.16 9.97
N ALA C 334 21.61 38.35 10.01
CA ALA C 334 22.90 38.59 9.36
C ALA C 334 24.01 37.89 10.14
N ILE C 335 24.79 37.04 9.46
CA ILE C 335 25.96 36.42 10.12
C ILE C 335 26.98 37.53 10.40
N GLN C 336 27.66 37.45 11.55
CA GLN C 336 28.73 38.43 11.78
C GLN C 336 30.02 37.75 11.37
N TYR C 337 30.65 38.24 10.30
CA TYR C 337 31.91 37.64 9.81
C TYR C 337 33.08 38.36 10.49
N ILE D 18 36.81 -11.03 23.19
CA ILE D 18 35.60 -10.83 24.09
C ILE D 18 34.63 -11.99 23.80
N ARG D 19 33.94 -12.39 24.85
CA ARG D 19 32.94 -13.48 24.88
C ARG D 19 31.88 -13.04 25.88
N GLU D 20 30.74 -13.71 25.91
CA GLU D 20 29.75 -13.53 26.99
C GLU D 20 29.20 -14.92 27.32
N ASP D 21 28.40 -14.99 28.38
CA ASP D 21 27.84 -16.27 28.90
C ASP D 21 26.99 -16.87 27.78
N THR D 22 27.11 -18.19 27.59
CA THR D 22 26.16 -19.00 26.80
C THR D 22 25.64 -20.09 27.72
N PRO D 23 24.41 -20.62 27.49
CA PRO D 23 23.90 -21.70 28.33
C PRO D 23 24.86 -22.89 28.41
N ALA D 24 25.13 -23.37 29.63
CA ALA D 24 26.08 -24.48 29.89
C ALA D 24 25.62 -25.73 29.14
N GLY D 25 26.52 -26.38 28.40
CA GLY D 25 26.21 -27.62 27.68
C GLY D 25 25.40 -27.41 26.40
N SER D 26 24.96 -26.19 26.11
CA SER D 26 24.16 -25.86 24.89
C SER D 26 25.06 -25.97 23.66
N VAL D 27 24.46 -25.95 22.47
CA VAL D 27 25.19 -26.07 21.18
C VAL D 27 25.99 -24.77 20.90
N ILE D 28 25.80 -23.71 21.67
CA ILE D 28 26.51 -22.42 21.44
C ILE D 28 27.61 -22.25 22.50
N GLN D 29 28.88 -22.27 22.09
CA GLN D 29 30.02 -22.06 23.04
C GLN D 29 31.10 -21.24 22.35
N TYR D 30 31.56 -20.16 22.98
CA TYR D 30 32.72 -19.37 22.49
C TYR D 30 33.97 -20.26 22.60
N SER D 31 35.01 -19.95 21.82
CA SER D 31 36.39 -20.52 21.92
C SER D 31 37.07 -20.10 23.21
N ASP D 32 37.93 -20.98 23.74
CA ASP D 32 38.78 -20.70 24.93
C ASP D 32 40.17 -20.36 24.42
N TYR D 33 40.62 -19.11 24.55
CA TYR D 33 41.90 -18.65 23.93
C TYR D 33 42.23 -17.25 24.46
N GLU D 34 43.47 -16.81 24.24
CA GLU D 34 43.98 -15.51 24.77
C GLU D 34 44.35 -14.61 23.60
N ILE D 35 43.92 -13.36 23.64
CA ILE D 35 44.35 -12.35 22.63
C ILE D 35 45.67 -11.77 23.13
N ASP D 36 46.60 -11.47 22.22
CA ASP D 36 47.85 -10.71 22.53
C ASP D 36 47.57 -9.22 22.30
N TYR D 37 47.28 -8.45 23.35
CA TYR D 37 46.91 -7.01 23.28
C TYR D 37 48.13 -6.11 23.13
N SER D 38 49.31 -6.66 22.85
CA SER D 38 50.50 -5.88 22.45
C SER D 38 50.36 -5.45 20.98
N SER D 39 49.58 -6.17 20.16
CA SER D 39 49.17 -5.72 18.80
C SER D 39 48.04 -4.69 18.96
N PRO D 40 48.14 -3.48 18.36
CA PRO D 40 47.06 -2.50 18.51
C PRO D 40 45.79 -2.90 17.72
N PHE D 41 45.89 -3.88 16.82
CA PHE D 41 44.75 -4.48 16.07
C PHE D 41 43.94 -5.44 16.95
N ALA D 42 44.49 -5.88 18.09
CA ALA D 42 43.87 -6.91 18.97
C ALA D 42 42.44 -6.48 19.32
N GLY D 43 41.46 -7.34 19.08
CA GLY D 43 40.06 -7.12 19.52
C GLY D 43 39.20 -6.48 18.43
N GLY D 44 39.78 -5.92 17.37
CA GLY D 44 38.97 -5.18 16.39
C GLY D 44 39.78 -4.46 15.33
N VAL D 45 39.44 -4.66 14.04
CA VAL D 45 40.16 -4.06 12.88
C VAL D 45 39.15 -3.52 11.86
N ALA D 46 39.43 -2.34 11.31
CA ALA D 46 38.70 -1.81 10.14
C ALA D 46 39.69 -1.65 9.00
N TRP D 47 39.20 -1.75 7.78
CA TRP D 47 39.95 -1.43 6.55
C TRP D 47 39.18 -0.31 5.87
N ILE D 48 39.72 0.91 5.99
CA ILE D 48 39.13 2.17 5.47
C ILE D 48 40.16 2.89 4.58
N GLU D 49 39.76 3.21 3.35
CA GLU D 49 40.57 4.00 2.38
C GLU D 49 41.93 3.32 2.21
N GLY D 50 41.95 1.98 2.11
CA GLY D 50 43.14 1.15 1.81
C GLY D 50 44.10 0.93 2.98
N GLU D 51 43.71 1.26 4.20
CA GLU D 51 44.52 1.22 5.44
C GLU D 51 43.86 0.28 6.46
N TYR D 52 44.59 -0.70 7.02
CA TYR D 52 44.10 -1.46 8.19
C TYR D 52 44.27 -0.60 9.42
N LEU D 53 43.23 -0.47 10.25
CA LEU D 53 43.22 0.38 11.46
C LEU D 53 42.67 -0.41 12.64
N PRO D 54 43.10 -0.11 13.88
CA PRO D 54 42.35 -0.57 15.05
C PRO D 54 40.93 0.00 14.95
N ALA D 55 39.93 -0.79 15.31
CA ALA D 55 38.50 -0.44 15.26
C ALA D 55 38.26 0.93 15.93
N GLU D 56 38.87 1.20 17.08
CA GLU D 56 38.61 2.45 17.83
C GLU D 56 38.97 3.67 16.96
N ASP D 57 39.88 3.56 16.00
CA ASP D 57 40.35 4.70 15.19
C ASP D 57 39.60 4.76 13.85
N ALA D 58 38.65 3.87 13.58
CA ALA D 58 38.02 3.78 12.23
C ALA D 58 37.02 4.92 12.05
N LYS D 59 37.31 5.81 11.11
CA LYS D 59 36.53 7.04 10.82
C LYS D 59 36.34 7.14 9.30
N ILE D 60 35.18 7.64 8.89
CA ILE D 60 34.82 7.89 7.46
C ILE D 60 34.51 9.37 7.30
N SER D 61 34.70 9.88 6.09
CA SER D 61 34.31 11.26 5.73
C SER D 61 32.81 11.44 6.03
N ILE D 62 32.45 12.50 6.75
CA ILE D 62 31.03 12.88 6.99
C ILE D 62 30.36 13.15 5.64
N PHE D 63 31.13 13.40 4.59
CA PHE D 63 30.59 13.75 3.24
C PHE D 63 30.43 12.52 2.36
N ASP D 64 30.78 11.32 2.85
CA ASP D 64 30.47 10.10 2.08
C ASP D 64 28.94 10.11 1.89
N THR D 65 28.41 9.91 0.67
CA THR D 65 26.95 9.94 0.46
C THR D 65 26.34 8.63 1.01
N GLY D 66 27.17 7.69 1.41
CA GLY D 66 26.76 6.52 2.22
C GLY D 66 26.18 6.98 3.55
N PHE D 67 26.60 8.13 4.05
CA PHE D 67 26.01 8.77 5.25
C PHE D 67 24.78 9.60 4.84
N GLY D 68 24.98 10.66 4.07
CA GLY D 68 23.95 11.67 3.80
C GLY D 68 22.78 11.16 2.99
N LYS D 69 22.96 10.08 2.22
CA LYS D 69 21.87 9.47 1.42
C LYS D 69 21.68 7.99 1.73
N SER D 70 22.42 7.45 2.70
CA SER D 70 22.50 5.99 2.97
C SER D 70 22.58 5.26 1.64
N ASP D 71 23.39 5.77 0.72
CA ASP D 71 23.46 5.28 -0.67
C ASP D 71 24.59 4.23 -0.70
N LEU D 72 24.24 3.01 -0.32
CA LEU D 72 25.21 1.92 -0.08
C LEU D 72 24.47 0.59 -0.07
N THR D 73 25.24 -0.49 -0.11
CA THR D 73 24.82 -1.83 0.34
C THR D 73 25.95 -2.43 1.16
N TYR D 74 25.67 -3.54 1.81
CA TYR D 74 26.64 -4.22 2.71
C TYR D 74 26.23 -5.68 2.83
N THR D 75 27.09 -6.44 3.50
CA THR D 75 26.73 -7.76 4.01
C THR D 75 27.46 -7.97 5.33
N VAL D 76 26.98 -8.95 6.09
CA VAL D 76 27.62 -9.33 7.38
C VAL D 76 27.84 -10.83 7.34
N ALA D 77 29.08 -11.26 7.59
CA ALA D 77 29.43 -12.68 7.81
C ALA D 77 29.83 -12.83 9.27
N HIS D 78 29.65 -14.01 9.84
CA HIS D 78 30.23 -14.34 11.15
C HIS D 78 31.43 -15.27 11.02
N VAL D 79 32.32 -15.15 12.00
CA VAL D 79 33.38 -16.11 12.33
C VAL D 79 32.97 -16.77 13.67
N TRP D 80 33.03 -18.10 13.69
CA TRP D 80 32.75 -18.92 14.87
C TRP D 80 33.83 -20.01 14.95
N HIS D 81 34.47 -20.16 16.09
CA HIS D 81 35.58 -21.13 16.29
C HIS D 81 36.67 -20.90 15.25
N GLY D 82 36.91 -19.66 14.86
CA GLY D 82 37.96 -19.33 13.89
C GLY D 82 37.61 -19.64 12.46
N ASN D 83 36.34 -19.99 12.17
CA ASN D 83 35.87 -20.35 10.82
C ASN D 83 34.90 -19.26 10.33
N ILE D 84 35.21 -18.68 9.17
CA ILE D 84 34.26 -17.69 8.56
C ILE D 84 33.21 -18.50 7.81
N PHE D 85 31.95 -18.10 7.87
CA PHE D 85 30.88 -18.95 7.29
C PHE D 85 30.31 -18.37 5.98
N ARG D 86 30.44 -19.10 4.94
CA ARG D 86 29.87 -18.82 3.62
C ARG D 86 30.26 -17.44 3.08
N LEU D 87 31.51 -17.09 3.16
CA LEU D 87 32.02 -15.78 2.71
C LEU D 87 31.75 -15.61 1.20
N GLY D 88 31.92 -16.68 0.42
CA GLY D 88 31.72 -16.53 -1.03
C GLY D 88 30.28 -16.17 -1.36
N ASP D 89 29.32 -16.78 -0.67
CA ASP D 89 27.89 -16.43 -0.86
C ASP D 89 27.70 -14.97 -0.45
N HIS D 90 28.27 -14.58 0.70
CA HIS D 90 28.17 -13.18 1.16
C HIS D 90 28.70 -12.22 0.10
N LEU D 91 29.85 -12.55 -0.49
CA LEU D 91 30.50 -11.68 -1.51
C LEU D 91 29.63 -11.63 -2.76
N ASP D 92 29.10 -12.78 -3.21
CA ASP D 92 28.19 -12.81 -4.38
C ASP D 92 26.98 -11.91 -4.10
N ARG D 93 26.35 -12.03 -2.93
CA ARG D 93 25.13 -11.24 -2.61
C ARG D 93 25.47 -9.76 -2.56
N LEU D 94 26.56 -9.39 -1.87
CA LEU D 94 27.07 -8.00 -1.77
C LEU D 94 27.27 -7.41 -3.16
N LEU D 95 27.97 -8.13 -4.04
CA LEU D 95 28.38 -7.57 -5.36
C LEU D 95 27.17 -7.51 -6.29
N ASP D 96 26.27 -8.50 -6.23
CA ASP D 96 25.03 -8.50 -7.04
C ASP D 96 24.22 -7.23 -6.69
N GLY D 97 24.01 -6.96 -5.40
CA GLY D 97 23.30 -5.75 -4.96
C GLY D 97 24.06 -4.49 -5.36
N ALA D 98 25.38 -4.47 -5.29
CA ALA D 98 26.17 -3.26 -5.68
C ALA D 98 25.98 -2.96 -7.17
N ARG D 99 25.98 -3.99 -8.02
CA ARG D 99 25.75 -3.83 -9.48
C ARG D 99 24.35 -3.24 -9.71
N LYS D 100 23.33 -3.71 -8.98
CA LYS D 100 21.95 -3.20 -9.08
C LYS D 100 21.91 -1.72 -8.64
N LEU D 101 22.80 -1.29 -7.73
CA LEU D 101 22.84 0.12 -7.24
C LEU D 101 23.79 0.98 -8.08
N ARG D 102 24.35 0.44 -9.16
CA ARG D 102 25.36 1.11 -10.04
C ARG D 102 26.57 1.51 -9.20
N LEU D 103 26.90 0.71 -8.19
CA LEU D 103 28.12 0.87 -7.35
C LEU D 103 29.25 0.00 -7.91
N ASP D 104 30.50 0.44 -7.78
CA ASP D 104 31.67 -0.37 -8.22
C ASP D 104 32.66 -0.41 -7.06
N PRO D 105 32.90 -1.55 -6.39
CA PRO D 105 33.83 -1.57 -5.27
C PRO D 105 35.26 -1.24 -5.72
N GLY D 106 35.60 -1.54 -6.98
CA GLY D 106 36.96 -1.35 -7.53
C GLY D 106 37.90 -2.43 -7.00
N TYR D 107 37.34 -3.52 -6.48
CA TYR D 107 38.09 -4.71 -6.01
C TYR D 107 37.35 -5.93 -6.54
N THR D 108 38.08 -7.03 -6.78
CA THR D 108 37.50 -8.31 -7.23
C THR D 108 36.98 -9.04 -6.01
N LYS D 109 36.15 -10.05 -6.23
CA LYS D 109 35.62 -10.88 -5.14
C LYS D 109 36.79 -11.46 -4.33
N ASP D 110 37.82 -11.97 -5.02
CA ASP D 110 39.02 -12.60 -4.40
C ASP D 110 39.79 -11.57 -3.60
N GLU D 111 39.96 -10.35 -4.10
CA GLU D 111 40.66 -9.27 -3.33
C GLU D 111 39.85 -8.94 -2.07
N LEU D 112 38.53 -8.87 -2.15
CA LEU D 112 37.70 -8.46 -0.98
C LEU D 112 37.78 -9.57 0.07
N ALA D 113 37.79 -10.84 -0.36
CA ALA D 113 37.91 -12.04 0.52
C ALA D 113 39.25 -11.97 1.27
N ASP D 114 40.32 -11.67 0.54
CA ASP D 114 41.69 -11.55 1.13
C ASP D 114 41.69 -10.46 2.19
N ILE D 115 41.11 -9.31 1.89
CA ILE D 115 41.08 -8.16 2.85
C ILE D 115 40.23 -8.55 4.06
N THR D 116 39.09 -9.17 3.82
CA THR D 116 38.17 -9.58 4.91
C THR D 116 38.90 -10.51 5.89
N LYS D 117 39.50 -11.57 5.39
CA LYS D 117 40.18 -12.60 6.23
C LYS D 117 41.37 -11.98 6.96
N LYS D 118 42.07 -11.03 6.35
CA LYS D 118 43.15 -10.28 7.03
C LYS D 118 42.61 -9.42 8.17
N CYS D 119 41.47 -8.74 8.03
CA CYS D 119 40.83 -8.02 9.17
C CYS D 119 40.61 -9.00 10.34
N VAL D 120 40.10 -10.19 10.07
CA VAL D 120 39.79 -11.17 11.14
C VAL D 120 41.12 -11.63 11.75
N MET D 121 42.09 -11.97 10.91
CA MET D 121 43.45 -12.44 11.38
C MET D 121 44.03 -11.37 12.31
N LEU D 122 44.09 -10.10 11.89
CA LEU D 122 44.70 -9.03 12.72
C LEU D 122 43.92 -8.83 14.01
N SER D 123 42.61 -9.06 14.01
CA SER D 123 41.77 -8.86 15.21
C SER D 123 42.09 -9.93 16.26
N GLN D 124 42.51 -11.12 15.80
CA GLN D 124 42.75 -12.29 16.68
C GLN D 124 41.41 -12.83 17.19
N LEU D 125 40.28 -12.29 16.72
CA LEU D 125 38.96 -12.80 17.18
C LEU D 125 38.67 -14.14 16.49
N ARG D 126 38.34 -15.16 17.27
CA ARG D 126 37.86 -16.48 16.79
C ARG D 126 36.32 -16.45 16.64
N GLU D 127 35.64 -15.58 17.40
CA GLU D 127 34.20 -15.25 17.23
C GLU D 127 34.09 -13.78 16.86
N SER D 128 33.51 -13.49 15.69
CA SER D 128 33.58 -12.12 15.11
C SER D 128 32.32 -11.82 14.28
N PHE D 129 31.90 -10.57 14.35
CA PHE D 129 30.94 -9.92 13.42
C PHE D 129 31.75 -9.21 12.35
N VAL D 130 31.53 -9.55 11.08
CA VAL D 130 32.36 -9.04 9.97
C VAL D 130 31.42 -8.31 9.01
N ASN D 131 31.72 -7.06 8.74
CA ASN D 131 30.88 -6.19 7.87
C ASN D 131 31.69 -5.84 6.63
N LEU D 132 31.08 -5.94 5.44
CA LEU D 132 31.63 -5.33 4.20
C LEU D 132 30.58 -4.34 3.68
N THR D 133 30.94 -3.07 3.63
CA THR D 133 30.07 -1.98 3.12
C THR D 133 30.65 -1.39 1.83
N ILE D 134 29.82 -1.20 0.82
CA ILE D 134 30.20 -0.44 -0.41
C ILE D 134 29.29 0.79 -0.48
N THR D 135 29.87 1.98 -0.44
CA THR D 135 29.10 3.24 -0.49
C THR D 135 29.29 3.95 -1.82
N ARG D 136 28.38 4.85 -2.14
CA ARG D 136 28.51 5.71 -3.34
C ARG D 136 29.74 6.60 -3.16
N GLY D 137 30.06 6.99 -1.93
CA GLY D 137 31.31 7.73 -1.62
C GLY D 137 31.16 9.24 -1.77
N TYR D 138 32.29 9.92 -1.99
CA TYR D 138 32.42 11.40 -1.99
C TYR D 138 33.28 11.83 -3.19
N GLY D 139 33.19 13.10 -3.56
CA GLY D 139 33.97 13.68 -4.68
C GLY D 139 35.18 14.43 -4.18
N LYS D 140 35.79 15.25 -5.03
CA LYS D 140 36.81 16.25 -4.63
C LYS D 140 36.20 17.24 -3.63
N ARG D 141 34.97 17.65 -3.88
CA ARG D 141 34.37 18.71 -3.03
C ARG D 141 33.30 18.11 -2.11
N PRO D 142 33.15 18.61 -0.87
CA PRO D 142 32.06 18.17 -0.02
C PRO D 142 30.77 18.58 -0.72
N GLY D 143 29.73 17.76 -0.65
CA GLY D 143 28.49 18.21 -1.29
C GLY D 143 28.53 18.16 -2.81
N GLU D 144 29.44 17.38 -3.39
CA GLU D 144 29.43 17.22 -4.86
C GLU D 144 28.07 16.59 -5.22
N ARG D 145 27.39 17.13 -6.24
CA ARG D 145 26.02 16.66 -6.59
C ARG D 145 26.01 15.66 -7.75
N ASP D 146 27.16 15.36 -8.35
CA ASP D 146 27.12 14.49 -9.55
C ASP D 146 27.62 13.10 -9.14
N LEU D 147 26.77 12.10 -9.32
CA LEU D 147 27.14 10.72 -8.89
C LEU D 147 28.36 10.31 -9.69
N SER D 148 28.38 10.71 -10.95
CA SER D 148 29.51 10.34 -11.84
C SER D 148 30.84 10.89 -11.31
N LYS D 149 30.82 11.87 -10.42
CA LYS D 149 32.08 12.43 -9.86
C LYS D 149 32.34 11.91 -8.45
N LEU D 150 31.58 10.92 -7.97
CA LEU D 150 31.78 10.36 -6.62
C LEU D 150 32.65 9.09 -6.76
N THR D 151 33.68 8.93 -5.96
CA THR D 151 34.46 7.67 -5.91
C THR D 151 33.81 6.74 -4.89
N ASN D 152 33.34 5.59 -5.33
CA ASN D 152 32.68 4.58 -4.47
C ASN D 152 33.75 4.10 -3.46
N GLN D 153 33.36 3.85 -2.21
CA GLN D 153 34.32 3.45 -1.14
C GLN D 153 33.94 2.04 -0.66
N VAL D 154 34.94 1.24 -0.29
CA VAL D 154 34.72 -0.02 0.45
C VAL D 154 35.24 0.15 1.85
N TYR D 155 34.43 -0.24 2.83
CA TYR D 155 34.80 -0.23 4.27
C TYR D 155 34.56 -1.63 4.81
N ILE D 156 35.54 -2.18 5.53
CA ILE D 156 35.42 -3.57 6.06
C ILE D 156 35.85 -3.52 7.52
N TYR D 157 35.18 -4.26 8.38
CA TYR D 157 35.58 -4.35 9.79
C TYR D 157 35.24 -5.73 10.34
N ALA D 158 36.01 -6.11 11.36
CA ALA D 158 35.84 -7.37 12.10
C ALA D 158 35.93 -6.97 13.57
N ILE D 159 34.87 -7.23 14.31
CA ILE D 159 34.73 -6.84 15.74
C ILE D 159 34.18 -8.03 16.47
N PRO D 160 34.06 -7.97 17.81
CA PRO D 160 33.49 -9.07 18.56
C PRO D 160 32.05 -9.37 18.13
N TYR D 161 31.69 -10.63 18.30
CA TYR D 161 30.39 -11.24 17.91
C TYR D 161 29.24 -10.40 18.44
N ILE D 162 28.29 -10.12 17.54
CA ILE D 162 27.07 -9.36 17.86
C ILE D 162 25.89 -10.33 17.81
N TRP D 163 25.04 -10.29 18.84
CA TRP D 163 23.83 -11.15 18.96
C TRP D 163 22.57 -10.36 18.65
N ALA D 164 21.79 -10.71 17.62
CA ALA D 164 20.45 -10.10 17.39
C ALA D 164 19.55 -10.44 18.58
N PHE D 165 19.71 -11.65 19.13
CA PHE D 165 19.07 -12.13 20.36
C PHE D 165 20.16 -12.77 21.22
N PRO D 166 20.13 -12.56 22.56
CA PRO D 166 21.10 -13.15 23.50
C PRO D 166 21.16 -14.66 23.40
N PRO D 167 22.36 -15.28 23.59
CA PRO D 167 22.47 -16.74 23.64
C PRO D 167 21.37 -17.47 24.43
N GLU D 168 20.97 -16.95 25.58
CA GLU D 168 19.88 -17.56 26.37
C GLU D 168 18.62 -17.67 25.50
N GLU D 169 18.32 -16.63 24.72
CA GLU D 169 17.11 -16.62 23.87
C GLU D 169 17.34 -17.57 22.69
N GLN D 170 18.58 -17.70 22.22
CA GLN D 170 18.84 -18.63 21.09
C GLN D 170 18.41 -20.04 21.56
N ILE D 171 18.72 -20.36 22.81
CA ILE D 171 18.46 -21.73 23.33
C ILE D 171 17.04 -21.83 23.84
N PHE D 172 16.53 -20.85 24.60
CA PHE D 172 15.23 -21.00 25.32
C PHE D 172 14.08 -20.22 24.65
N GLY D 173 14.39 -19.42 23.63
CA GLY D 173 13.35 -18.77 22.82
C GLY D 173 13.12 -17.31 23.21
N THR D 174 12.60 -16.53 22.28
CA THR D 174 12.27 -15.09 22.49
C THR D 174 10.76 -14.94 22.28
N THR D 175 10.27 -13.70 22.28
CA THR D 175 8.84 -13.39 22.07
C THR D 175 8.78 -12.30 20.98
N ALA D 176 7.68 -12.26 20.26
CA ALA D 176 7.55 -11.28 19.15
C ALA D 176 6.16 -10.65 19.20
N VAL D 177 6.04 -9.46 18.62
CA VAL D 177 4.75 -8.80 18.33
C VAL D 177 4.74 -8.42 16.86
N VAL D 178 3.55 -8.38 16.28
CA VAL D 178 3.29 -7.65 15.01
C VAL D 178 2.96 -6.20 15.36
N PRO D 179 3.73 -5.23 14.80
CA PRO D 179 3.49 -3.82 15.10
C PRO D 179 2.05 -3.41 14.78
N ARG D 180 1.48 -2.58 15.63
CA ARG D 180 0.23 -1.82 15.33
C ARG D 180 0.50 -0.69 14.37
N HIS D 181 1.71 -0.15 14.39
CA HIS D 181 1.98 1.23 13.90
C HIS D 181 2.90 1.25 12.69
N VAL D 182 3.56 0.14 12.37
CA VAL D 182 4.64 0.20 11.34
C VAL D 182 4.51 -1.03 10.42
N ARG D 183 4.86 -0.85 9.15
CA ARG D 183 5.00 -1.96 8.17
C ARG D 183 6.40 -1.91 7.56
N ARG D 184 6.82 -3.00 6.96
CA ARG D 184 8.09 -3.04 6.21
C ARG D 184 7.95 -2.18 4.96
N ALA D 185 9.01 -1.47 4.62
CA ALA D 185 9.09 -0.77 3.32
C ALA D 185 9.01 -1.82 2.19
N GLY D 186 8.22 -1.54 1.15
CA GLY D 186 8.05 -2.44 0.00
C GLY D 186 9.22 -2.40 -0.97
N ARG D 187 9.33 -3.41 -1.83
CA ARG D 187 10.44 -3.59 -2.80
C ARG D 187 10.49 -2.41 -3.79
N ASN D 188 9.42 -1.64 -3.92
CA ASN D 188 9.32 -0.47 -4.83
C ASN D 188 9.55 0.85 -4.10
N THR D 189 9.96 0.80 -2.83
CA THR D 189 10.27 2.01 -2.05
C THR D 189 11.74 1.91 -1.63
N VAL D 190 12.02 1.66 -0.35
CA VAL D 190 13.39 1.35 0.12
C VAL D 190 13.49 -0.17 0.11
N ASP D 191 14.10 -0.72 -0.95
CA ASP D 191 13.95 -2.14 -1.36
C ASP D 191 14.64 -3.05 -0.35
N PRO D 192 13.89 -3.86 0.42
CA PRO D 192 14.52 -4.74 1.42
C PRO D 192 15.32 -5.92 0.82
N THR D 193 15.18 -6.14 -0.48
CA THR D 193 15.85 -7.28 -1.18
C THR D 193 17.32 -6.95 -1.45
N ILE D 194 17.74 -5.71 -1.22
CA ILE D 194 19.16 -5.29 -1.22
C ILE D 194 19.50 -4.81 0.18
N1 LLP D 195 16.80 -9.22 7.16
C2 LLP D 195 17.50 -8.15 7.54
C2' LLP D 195 16.77 -6.84 7.49
C3 LLP D 195 18.86 -8.26 7.96
O3 LLP D 195 19.45 -7.12 8.36
C4 LLP D 195 19.52 -9.55 8.03
C4' LLP D 195 21.06 -9.63 8.31
C5 LLP D 195 18.69 -10.64 7.63
C6 LLP D 195 17.39 -10.42 7.22
C5' LLP D 195 19.13 -12.07 7.58
OP4 LLP D 195 20.04 -12.29 6.47
P LLP D 195 21.38 -13.19 6.71
OP1 LLP D 195 20.87 -14.52 7.20
OP2 LLP D 195 22.29 -12.52 7.75
OP3 LLP D 195 21.90 -13.22 5.31
N LLP D 195 20.43 -5.50 0.86
CA LLP D 195 20.76 -5.24 2.27
CB LLP D 195 21.84 -6.19 2.88
CG LLP D 195 21.77 -6.46 4.43
CD LLP D 195 22.77 -7.37 5.29
CE LLP D 195 22.28 -7.78 6.88
NZ LLP D 195 22.04 -9.21 7.32
C LLP D 195 21.13 -3.75 2.35
O LLP D 195 21.93 -3.27 1.56
N ASN D 196 20.56 -3.04 3.33
CA ASN D 196 20.77 -1.61 3.44
C ASN D 196 20.78 -1.17 4.92
N TYR D 197 21.28 0.04 5.18
CA TYR D 197 21.37 0.64 6.53
C TYR D 197 20.09 1.44 6.80
N GLN D 198 19.08 1.39 5.91
CA GLN D 198 17.90 2.28 6.04
C GLN D 198 16.92 1.56 6.96
N TRP D 199 17.10 1.70 8.27
CA TRP D 199 16.32 0.90 9.25
C TRP D 199 15.17 1.68 9.88
N GLY D 200 14.73 2.74 9.20
CA GLY D 200 13.71 3.61 9.82
C GLY D 200 12.48 2.83 10.27
N ASP D 201 12.01 1.90 9.44
CA ASP D 201 10.83 1.06 9.77
C ASP D 201 11.24 0.00 10.81
N LEU D 202 12.41 -0.59 10.63
CA LEU D 202 12.90 -1.66 11.53
C LEU D 202 13.11 -1.11 12.95
N THR D 203 13.73 0.06 13.05
CA THR D 203 13.98 0.76 14.33
C THR D 203 12.65 1.11 15.02
N ALA D 204 11.68 1.63 14.27
CA ALA D 204 10.33 1.97 14.81
C ALA D 204 9.65 0.68 15.31
N ALA D 205 9.71 -0.39 14.53
CA ALA D 205 9.16 -1.69 14.92
C ALA D 205 9.82 -2.19 16.22
N SER D 206 11.15 -2.05 16.34
CA SER D 206 11.91 -2.52 17.53
C SER D 206 11.49 -1.72 18.76
N PHE D 207 11.34 -0.40 18.63
CA PHE D 207 10.83 0.47 19.71
C PHE D 207 9.44 0.00 20.16
N GLU D 208 8.54 -0.32 19.24
CA GLU D 208 7.16 -0.76 19.58
C GLU D 208 7.20 -2.13 20.30
N ALA D 209 8.05 -3.06 19.89
CA ALA D 209 8.19 -4.37 20.58
C ALA D 209 8.69 -4.13 22.02
N LYS D 210 9.72 -3.32 22.17
CA LYS D 210 10.29 -2.93 23.47
C LYS D 210 9.19 -2.26 24.32
N ASP D 211 8.45 -1.29 23.77
CA ASP D 211 7.33 -0.66 24.54
C ASP D 211 6.35 -1.74 25.01
N ARG D 212 6.12 -2.78 24.19
CA ARG D 212 5.10 -3.80 24.48
C ARG D 212 5.75 -4.93 25.30
N GLY D 213 7.03 -4.81 25.66
CA GLY D 213 7.75 -5.81 26.46
C GLY D 213 7.97 -7.12 25.72
N ALA D 214 8.10 -7.11 24.39
CA ALA D 214 8.44 -8.31 23.59
C ALA D 214 9.93 -8.28 23.20
N GLY D 215 10.46 -9.44 22.84
CA GLY D 215 11.85 -9.57 22.38
C GLY D 215 12.01 -8.88 21.04
N THR D 216 10.99 -8.85 20.19
CA THR D 216 11.18 -8.34 18.81
C THR D 216 9.84 -8.14 18.08
N ALA D 217 9.93 -7.64 16.85
CA ALA D 217 8.79 -7.36 15.98
C ALA D 217 8.88 -8.26 14.75
N ILE D 218 7.73 -8.68 14.22
CA ILE D 218 7.65 -9.31 12.88
C ILE D 218 6.80 -8.34 12.06
N LEU D 219 7.36 -7.76 10.99
CA LEU D 219 6.66 -6.76 10.16
C LEU D 219 5.94 -7.44 9.01
N MET D 220 4.78 -6.88 8.68
CA MET D 220 3.98 -7.21 7.50
C MET D 220 4.31 -6.23 6.35
N ASP D 221 4.04 -6.69 5.13
CA ASP D 221 4.07 -5.84 3.91
C ASP D 221 2.67 -5.22 3.68
N ALA D 222 2.49 -4.49 2.56
CA ALA D 222 1.30 -3.66 2.30
C ALA D 222 0.06 -4.55 2.12
N ASP D 223 0.24 -5.82 1.75
CA ASP D 223 -0.83 -6.80 1.48
C ASP D 223 -1.06 -7.73 2.68
N ASN D 224 -0.51 -7.44 3.86
CA ASN D 224 -0.63 -8.29 5.06
C ASN D 224 -0.02 -9.66 4.79
N CYS D 225 1.11 -9.71 4.05
CA CYS D 225 1.99 -10.90 3.99
C CYS D 225 3.16 -10.60 4.92
N VAL D 226 3.72 -11.64 5.52
CA VAL D 226 4.91 -11.48 6.38
C VAL D 226 6.03 -10.95 5.51
N ALA D 227 6.74 -9.97 6.01
CA ALA D 227 7.98 -9.44 5.38
C ALA D 227 9.19 -10.07 6.06
N GLU D 228 9.63 -9.44 7.14
CA GLU D 228 10.83 -9.87 7.91
C GLU D 228 10.88 -9.07 9.23
N GLY D 229 11.92 -9.26 10.00
CA GLY D 229 12.09 -8.48 11.23
C GLY D 229 13.31 -7.59 11.14
N PRO D 230 13.55 -6.87 12.25
CA PRO D 230 14.67 -5.93 12.35
C PRO D 230 15.97 -6.73 12.48
N GLY D 231 16.50 -7.16 11.35
CA GLY D 231 17.79 -7.84 11.25
C GLY D 231 17.68 -9.33 11.07
N PHE D 232 16.54 -9.86 10.64
CA PHE D 232 16.36 -11.32 10.49
C PHE D 232 15.23 -11.65 9.54
N ASN D 233 15.35 -12.82 8.91
CA ASN D 233 14.24 -13.46 8.17
C ASN D 233 13.39 -14.24 9.15
N VAL D 234 12.13 -14.42 8.78
CA VAL D 234 11.15 -15.21 9.56
C VAL D 234 10.89 -16.51 8.78
N CYS D 235 10.97 -17.65 9.48
CA CYS D 235 10.46 -18.92 8.92
C CYS D 235 9.34 -19.42 9.84
N ILE D 236 8.27 -19.96 9.26
CA ILE D 236 7.20 -20.63 10.04
C ILE D 236 7.22 -22.13 9.71
N VAL D 237 6.70 -22.91 10.66
CA VAL D 237 6.39 -24.34 10.45
C VAL D 237 4.89 -24.56 10.69
N LYS D 238 4.24 -25.24 9.74
CA LYS D 238 2.82 -25.64 9.85
C LYS D 238 2.69 -27.06 9.29
N ASP D 239 2.14 -27.97 10.08
CA ASP D 239 1.92 -29.37 9.63
C ASP D 239 3.25 -29.93 9.12
N GLY D 240 4.38 -29.65 9.80
CA GLY D 240 5.70 -30.25 9.50
C GLY D 240 6.35 -29.70 8.25
N LYS D 241 5.83 -28.59 7.73
CA LYS D 241 6.39 -27.91 6.52
C LYS D 241 6.83 -26.48 6.85
N LEU D 242 7.93 -26.09 6.24
CA LEU D 242 8.61 -24.81 6.50
C LEU D 242 8.29 -23.87 5.35
N ALA D 243 8.00 -22.62 5.70
CA ALA D 243 7.76 -21.54 4.73
C ALA D 243 8.44 -20.25 5.19
N SER D 244 8.86 -19.46 4.22
CA SER D 244 9.55 -18.19 4.47
C SER D 244 9.21 -17.23 3.34
N PRO D 245 8.91 -15.96 3.69
CA PRO D 245 8.48 -14.97 2.70
C PRO D 245 9.43 -14.84 1.50
N SER D 246 8.84 -14.72 0.32
CA SER D 246 9.58 -14.57 -0.94
C SER D 246 9.71 -13.12 -1.39
N ARG D 247 8.80 -12.21 -1.02
CA ARG D 247 8.82 -10.86 -1.64
C ARG D 247 9.58 -9.80 -0.84
N ASN D 248 8.94 -9.19 0.15
CA ASN D 248 9.56 -8.04 0.86
C ASN D 248 10.46 -8.54 1.99
N ALA D 249 11.60 -9.14 1.62
CA ALA D 249 12.53 -9.67 2.64
C ALA D 249 13.92 -9.85 2.03
N LEU D 250 14.94 -9.63 2.83
CA LEU D 250 16.31 -9.92 2.35
C LEU D 250 16.42 -11.40 2.00
N PRO D 251 17.09 -11.75 0.87
CA PRO D 251 17.44 -13.14 0.59
C PRO D 251 18.58 -13.60 1.50
N GLY D 252 18.22 -14.02 2.71
CA GLY D 252 19.21 -14.32 3.74
C GLY D 252 20.05 -15.56 3.44
N ILE D 253 21.27 -15.55 3.92
CA ILE D 253 22.22 -16.67 3.81
C ILE D 253 21.92 -17.63 4.96
N THR D 254 21.42 -17.14 6.10
CA THR D 254 20.96 -18.07 7.18
C THR D 254 19.72 -18.81 6.68
N ARG D 255 18.78 -18.08 6.08
CA ARG D 255 17.58 -18.69 5.45
C ARG D 255 18.02 -19.76 4.42
N LYS D 256 18.99 -19.44 3.60
CA LYS D 256 19.51 -20.37 2.56
C LYS D 256 20.02 -21.66 3.23
N THR D 257 20.77 -21.52 4.33
CA THR D 257 21.34 -22.65 5.13
C THR D 257 20.19 -23.47 5.71
N VAL D 258 19.19 -22.78 6.27
CA VAL D 258 18.00 -23.40 6.93
C VAL D 258 17.27 -24.28 5.93
N PHE D 259 17.08 -23.78 4.72
CA PHE D 259 16.44 -24.52 3.63
C PHE D 259 17.29 -25.74 3.25
N GLU D 260 18.63 -25.61 3.19
CA GLU D 260 19.50 -26.78 2.85
C GLU D 260 19.39 -27.80 3.98
N ILE D 261 19.37 -27.36 5.23
CA ILE D 261 19.28 -28.26 6.41
C ILE D 261 17.91 -28.94 6.35
N ALA D 262 16.84 -28.18 6.05
CA ALA D 262 15.45 -28.71 5.94
C ALA D 262 15.42 -29.82 4.87
N GLY D 263 15.99 -29.59 3.69
CA GLY D 263 16.03 -30.59 2.61
C GLY D 263 16.75 -31.87 3.05
N ALA D 264 17.84 -31.74 3.78
CA ALA D 264 18.67 -32.86 4.27
C ALA D 264 17.86 -33.69 5.26
N MET D 265 16.96 -33.04 6.01
CA MET D 265 16.10 -33.69 7.04
C MET D 265 14.78 -34.22 6.45
N GLY D 266 14.55 -34.04 5.15
CA GLY D 266 13.29 -34.48 4.49
C GLY D 266 12.13 -33.54 4.81
N ILE D 267 12.44 -32.31 5.26
CA ILE D 267 11.41 -31.28 5.63
C ILE D 267 11.20 -30.41 4.39
N GLU D 268 9.98 -30.39 3.91
CA GLU D 268 9.60 -29.54 2.77
C GLU D 268 9.74 -28.09 3.19
N ALA D 269 10.40 -27.27 2.37
CA ALA D 269 10.62 -25.83 2.65
C ALA D 269 10.30 -25.06 1.38
N ALA D 270 9.49 -24.03 1.49
CA ALA D 270 9.09 -23.17 0.34
C ALA D 270 9.35 -21.70 0.66
N LEU D 271 9.90 -20.98 -0.32
CA LEU D 271 9.91 -19.51 -0.37
C LEU D 271 8.59 -19.08 -1.03
N ARG D 272 7.69 -18.43 -0.31
CA ARG D 272 6.35 -18.10 -0.85
C ARG D 272 5.72 -16.97 -0.04
N ASP D 273 4.58 -16.42 -0.48
CA ASP D 273 3.82 -15.48 0.39
C ASP D 273 3.35 -16.29 1.59
N VAL D 274 3.63 -15.76 2.76
CA VAL D 274 3.10 -16.27 4.06
C VAL D 274 2.13 -15.19 4.57
N THR D 275 0.84 -15.50 4.62
CA THR D 275 -0.18 -14.49 4.97
C THR D 275 -0.12 -14.23 6.47
N SER D 276 -0.71 -13.12 6.89
CA SER D 276 -0.89 -12.81 8.32
C SER D 276 -1.67 -13.95 8.99
N HIS D 277 -2.63 -14.56 8.32
CA HIS D 277 -3.39 -15.75 8.86
C HIS D 277 -2.41 -16.86 9.23
N GLU D 278 -1.53 -17.18 8.30
CA GLU D 278 -0.55 -18.29 8.42
C GLU D 278 0.46 -17.99 9.53
N LEU D 279 0.90 -16.73 9.70
CA LEU D 279 1.78 -16.38 10.84
C LEU D 279 1.08 -16.69 12.18
N TYR D 280 -0.13 -16.18 12.39
CA TYR D 280 -0.86 -16.32 13.68
C TYR D 280 -1.24 -17.78 13.89
N ASP D 281 -1.33 -18.60 12.83
CA ASP D 281 -1.79 -20.02 12.88
C ASP D 281 -0.60 -20.97 12.90
N ALA D 282 0.64 -20.46 12.91
CA ALA D 282 1.86 -21.29 12.76
C ALA D 282 2.02 -22.24 13.95
N ASP D 283 2.53 -23.44 13.69
CA ASP D 283 2.95 -24.42 14.74
C ASP D 283 4.29 -24.02 15.39
N GLU D 284 5.21 -23.45 14.60
CA GLU D 284 6.50 -22.90 15.07
C GLU D 284 6.80 -21.62 14.29
N ILE D 285 7.47 -20.68 14.96
CA ILE D 285 8.01 -19.44 14.31
C ILE D 285 9.46 -19.31 14.77
N MET D 286 10.34 -18.88 13.86
CA MET D 286 11.78 -18.72 14.19
C MET D 286 12.32 -17.52 13.43
N ALA D 287 13.29 -16.86 14.04
CA ALA D 287 14.11 -15.78 13.45
C ALA D 287 15.40 -16.40 12.94
N VAL D 288 15.86 -15.99 11.76
CA VAL D 288 17.13 -16.55 11.23
C VAL D 288 17.99 -15.39 10.73
N THR D 289 19.27 -15.37 11.16
CA THR D 289 20.19 -14.23 10.86
C THR D 289 21.64 -14.63 11.12
N THR D 290 22.56 -13.99 10.42
CA THR D 290 24.01 -14.23 10.58
C THR D 290 24.41 -13.98 12.04
N ALA D 291 23.87 -12.92 12.64
CA ALA D 291 24.19 -12.42 13.99
C ALA D 291 23.42 -13.26 15.03
N GLY D 292 23.80 -14.51 15.19
CA GLY D 292 23.28 -15.39 16.27
C GLY D 292 22.56 -16.63 15.80
N GLY D 293 22.29 -16.76 14.50
CA GLY D 293 21.74 -18.00 13.94
C GLY D 293 20.23 -18.09 13.96
N VAL D 294 19.70 -19.13 14.62
CA VAL D 294 18.28 -19.56 14.51
C VAL D 294 17.65 -19.40 15.90
N THR D 295 16.70 -18.47 16.01
CA THR D 295 16.11 -18.10 17.33
C THR D 295 14.66 -18.58 17.38
N PRO D 296 14.30 -19.47 18.34
CA PRO D 296 12.90 -19.84 18.54
C PRO D 296 12.09 -18.62 18.99
N ILE D 297 10.87 -18.49 18.47
CA ILE D 297 9.88 -17.46 18.91
C ILE D 297 8.71 -18.18 19.59
N ASN D 298 8.68 -18.11 20.92
CA ASN D 298 7.79 -18.89 21.81
C ASN D 298 6.35 -18.35 21.80
N THR D 299 6.21 -17.05 21.56
CA THR D 299 5.00 -16.25 21.82
C THR D 299 4.85 -15.19 20.73
N LEU D 300 3.63 -15.01 20.26
CA LEU D 300 3.26 -13.93 19.31
C LEU D 300 2.09 -13.14 19.89
N ASP D 301 2.29 -11.84 20.07
CA ASP D 301 1.27 -10.92 20.65
C ASP D 301 0.84 -11.51 22.01
N GLY D 302 1.76 -12.15 22.75
CA GLY D 302 1.48 -12.70 24.10
C GLY D 302 0.82 -14.06 24.08
N VAL D 303 0.55 -14.64 22.90
CA VAL D 303 -0.13 -15.97 22.78
C VAL D 303 0.93 -17.03 22.52
N PRO D 304 0.95 -18.17 23.26
CA PRO D 304 1.92 -19.22 22.99
C PRO D 304 1.83 -19.74 21.56
N ILE D 305 2.98 -19.94 20.94
CA ILE D 305 3.11 -20.76 19.70
C ILE D 305 3.33 -22.21 20.15
N GLY D 306 2.46 -23.11 19.70
CA GLY D 306 2.39 -24.47 20.25
C GLY D 306 2.38 -24.42 21.77
N ASP D 307 3.37 -25.00 22.42
CA ASP D 307 3.40 -25.10 23.89
C ASP D 307 4.16 -23.92 24.50
N GLY D 308 4.54 -22.89 23.72
CA GLY D 308 5.26 -21.71 24.26
C GLY D 308 6.73 -22.00 24.59
N GLU D 309 7.27 -23.08 24.06
CA GLU D 309 8.71 -23.43 24.16
C GLU D 309 9.22 -23.69 22.75
N PRO D 310 10.54 -23.62 22.51
CA PRO D 310 11.08 -23.86 21.18
C PRO D 310 10.52 -25.14 20.54
N GLY D 311 10.05 -25.00 19.29
CA GLY D 311 9.43 -26.09 18.53
C GLY D 311 10.48 -27.09 18.04
N PRO D 312 10.05 -28.34 17.75
CA PRO D 312 10.95 -29.42 17.38
C PRO D 312 11.74 -29.16 16.09
N VAL D 313 11.10 -28.64 15.06
CA VAL D 313 11.83 -28.37 13.79
C VAL D 313 12.84 -27.26 14.05
N THR D 314 12.45 -26.21 14.81
CA THR D 314 13.35 -25.07 15.07
C THR D 314 14.61 -25.57 15.80
N VAL D 315 14.42 -26.38 16.85
CA VAL D 315 15.53 -26.93 17.65
C VAL D 315 16.43 -27.79 16.74
N ALA D 316 15.89 -28.67 15.90
CA ALA D 316 16.69 -29.61 15.08
C ALA D 316 17.51 -28.80 14.07
N ILE D 317 16.91 -27.74 13.51
CA ILE D 317 17.62 -26.91 12.50
C ILE D 317 18.67 -26.06 13.19
N ARG D 318 18.33 -25.38 14.29
CA ARG D 318 19.28 -24.55 15.08
C ARG D 318 20.52 -25.38 15.47
N ASP D 319 20.31 -26.55 16.05
CA ASP D 319 21.46 -27.38 16.55
C ASP D 319 22.31 -27.79 15.34
N ARG D 320 21.67 -28.12 14.23
CA ARG D 320 22.40 -28.54 13.01
C ARG D 320 23.25 -27.36 12.52
N PHE D 321 22.66 -26.15 12.51
CA PHE D 321 23.33 -24.92 12.05
C PHE D 321 24.63 -24.71 12.83
N TRP D 322 24.57 -24.80 14.16
CA TRP D 322 25.79 -24.62 15.00
C TRP D 322 26.81 -25.74 14.74
N ALA D 323 26.38 -26.99 14.54
CA ALA D 323 27.32 -28.11 14.25
C ALA D 323 28.10 -27.79 12.98
N LEU D 324 27.46 -27.12 12.01
CA LEU D 324 28.10 -26.76 10.72
C LEU D 324 29.39 -25.95 10.92
N MET D 325 29.48 -25.17 11.99
CA MET D 325 30.60 -24.22 12.20
C MET D 325 31.90 -24.99 12.55
N ASP D 326 31.81 -26.28 12.89
CA ASP D 326 32.96 -27.11 13.32
C ASP D 326 33.27 -28.23 12.34
N GLU D 327 32.42 -28.49 11.34
CA GLU D 327 32.63 -29.59 10.37
C GLU D 327 33.45 -29.05 9.20
N PRO D 328 34.66 -29.60 8.94
CA PRO D 328 35.37 -29.31 7.70
C PRO D 328 34.38 -29.46 6.55
N GLY D 329 34.44 -28.54 5.60
CA GLY D 329 33.50 -28.52 4.48
C GLY D 329 33.50 -27.19 3.77
N PRO D 330 32.77 -27.13 2.64
CA PRO D 330 32.82 -25.95 1.78
C PRO D 330 32.10 -24.71 2.33
N LEU D 331 31.28 -24.82 3.37
CA LEU D 331 30.53 -23.65 3.90
C LEU D 331 31.42 -22.84 4.85
N ILE D 332 32.55 -23.40 5.31
CA ILE D 332 33.42 -22.70 6.29
C ILE D 332 34.83 -22.60 5.70
N GLU D 333 35.58 -21.61 6.20
CA GLU D 333 37.02 -21.46 5.91
C GLU D 333 37.72 -21.02 7.20
N ALA D 334 38.68 -21.80 7.65
CA ALA D 334 39.49 -21.48 8.84
C ALA D 334 40.35 -20.24 8.54
N ILE D 335 40.25 -19.23 9.37
CA ILE D 335 41.14 -18.03 9.33
C ILE D 335 42.53 -18.51 9.79
N GLN D 336 43.59 -18.17 9.06
CA GLN D 336 44.98 -18.58 9.42
C GLN D 336 45.54 -17.45 10.29
N TYR D 337 45.46 -17.61 11.61
CA TYR D 337 45.83 -16.60 12.62
C TYR D 337 47.37 -16.54 12.72
C1 FUD E . -26.72 -1.34 5.98
C2 FUD E . -26.07 -1.07 4.68
C3 FUD E . -25.31 0.19 4.41
C4 FUD E . -25.90 1.47 4.96
C5 FUD E . -25.89 1.73 6.42
C6 FUD E . -24.77 1.09 7.26
O1 FUD E . -25.91 -2.29 6.61
O2 FUD E . -26.17 -1.92 3.80
O3 FUD E . -25.35 0.38 3.00
O4 FUD E . -25.10 2.48 4.45
O5 FUD E . -25.89 3.16 6.53
O6 FUD E . -25.22 -0.23 7.63
C1 FUD F . -15.65 -9.61 -18.16
C2 FUD F . -14.94 -10.46 -19.15
C3 FUD F . -14.46 -11.83 -18.80
C4 FUD F . -15.52 -12.61 -18.06
C5 FUD F . -15.45 -12.57 -16.56
C6 FUD F . -16.73 -12.08 -15.89
O1 FUD F . -17.02 -9.66 -18.54
O2 FUD F . -14.79 -10.01 -20.26
O3 FUD F . -13.31 -11.77 -18.02
O4 FUD F . -16.76 -12.00 -18.39
O5 FUD F . -15.29 -13.95 -16.24
O6 FUD F . -17.25 -10.84 -16.42
C1 FUD G . 18.97 18.72 1.86
C2 FUD G . 18.39 19.33 0.67
C3 FUD G . 18.42 18.54 -0.60
C4 FUD G . 19.84 18.49 -1.16
C5 FUD G . 20.43 17.11 -1.09
C6 FUD G . 21.49 17.06 -2.15
O1 FUD G . 19.16 17.39 1.49
O2 FUD G . 17.90 20.44 0.77
O3 FUD G . 17.65 19.15 -1.63
O4 FUD G . 19.74 18.90 -2.53
O5 FUD G . 21.00 16.80 0.19
O6 FUD G . 20.83 16.79 -3.40
C1 FUD H . 21.36 -8.00 11.76
C2 FUD H . 22.73 -7.58 11.37
C3 FUD H . 23.32 -6.26 11.71
C4 FUD H . 22.71 -5.33 12.76
C5 FUD H . 22.43 -5.69 14.26
C6 FUD H . 21.02 -5.22 14.67
O1 FUD H . 21.36 -8.37 13.10
O2 FUD H . 23.37 -8.31 10.70
O3 FUD H . 23.08 -5.67 10.43
O4 FUD H . 23.65 -4.24 12.74
O5 FUD H . 22.47 -7.11 14.48
O6 FUD H . 20.65 -4.89 16.05
#